data_3LGJ
# 
_entry.id   3LGJ 
# 
_audit_conform.dict_name       mmcif_pdbx.dic 
_audit_conform.dict_version    5.378 
_audit_conform.dict_location   http://mmcif.pdb.org/dictionaries/ascii/mmcif_pdbx.dic 
# 
loop_
_database_2.database_id 
_database_2.database_code 
_database_2.pdbx_database_accession 
_database_2.pdbx_DOI 
PDB   3LGJ         pdb_00003lgj 10.2210/pdb3lgj/pdb 
RCSB  RCSB057250   ?            ?                   
WWPDB D_1000057250 ?            ?                   
# 
_pdbx_database_related.db_name        TargetDB 
_pdbx_database_related.db_id          BaheA.01120.b 
_pdbx_database_related.details        . 
_pdbx_database_related.content_type   unspecified 
# 
_pdbx_database_status.entry_id                        3LGJ 
_pdbx_database_status.deposit_site                    RCSB 
_pdbx_database_status.process_site                    RCSB 
_pdbx_database_status.recvd_initial_deposition_date   2010-01-20 
_pdbx_database_status.status_code                     REL 
_pdbx_database_status.status_code_sf                  REL 
_pdbx_database_status.status_code_mr                  ? 
_pdbx_database_status.SG_entry                        Y 
_pdbx_database_status.pdb_format_compatible           Y 
_pdbx_database_status.status_code_cs                  ? 
_pdbx_database_status.status_code_nmr_data            ? 
_pdbx_database_status.methods_development_category    ? 
# 
_audit_author.name           'Seattle Structural Genomics Center for Infectious Disease (SSGCID)' 
_audit_author.pdbx_ordinal   1 
# 
_citation.id                        primary 
_citation.title                     'Crystal structure of single-stranded binding protein (ssb) from Bartonella henselae' 
_citation.journal_abbrev            'To be Published' 
_citation.journal_volume            ? 
_citation.page_first                ? 
_citation.page_last                 ? 
_citation.year                      ? 
_citation.journal_id_ASTM           ? 
_citation.country                   ? 
_citation.journal_id_ISSN           ? 
_citation.journal_id_CSD            0353 
_citation.book_publisher            ? 
_citation.pdbx_database_id_PubMed   ? 
_citation.pdbx_database_id_DOI      ? 
# 
loop_
_citation_author.citation_id 
_citation_author.name 
_citation_author.ordinal 
_citation_author.identifier_ORCID 
primary 'Edwards, T.E.' 1 ? 
primary 'Abendroth, J.' 2 ? 
primary 'Sankaran, B.'  3 ? 
# 
_cell.length_a           93.530 
_cell.length_b           93.530 
_cell.length_c           115.320 
_cell.angle_alpha        90.000 
_cell.angle_beta         90.000 
_cell.angle_gamma        120.000 
_cell.entry_id           3LGJ 
_cell.pdbx_unique_axis   ? 
_cell.Z_PDB              24 
_cell.length_a_esd       ? 
_cell.length_b_esd       ? 
_cell.length_c_esd       ? 
_cell.angle_alpha_esd    ? 
_cell.angle_beta_esd     ? 
_cell.angle_gamma_esd    ? 
# 
_symmetry.space_group_name_H-M             'P 61 2 2' 
_symmetry.entry_id                         3LGJ 
_symmetry.Int_Tables_number                178 
_symmetry.pdbx_full_space_group_name_H-M   ? 
_symmetry.cell_setting                     ? 
_symmetry.space_group_name_Hall            ? 
# 
loop_
_entity.id 
_entity.type 
_entity.src_method 
_entity.pdbx_description 
_entity.formula_weight 
_entity.pdbx_number_of_molecules 
_entity.pdbx_ec 
_entity.pdbx_mutation 
_entity.pdbx_fragment 
_entity.details 
1 polymer     man 'Single-stranded DNA-binding protein' 19050.416 2  ? ? ? ? 
2 non-polymer syn 'CALCIUM ION'                         40.078    1  ? ? ? ? 
3 water       nat water                                 18.015    22 ? ? ? ? 
# 
_entity_poly.entity_id                      1 
_entity_poly.type                           'polypeptide(L)' 
_entity_poly.nstd_linkage                   no 
_entity_poly.nstd_monomer                   no 
_entity_poly.pdbx_seq_one_letter_code       
;MAHHHHHHMGTLEAQTQGPGSMLNKVMLIGYLGDDPESKTMTSGAEVVNFRMATFESYMNKNTHQKVEKTEWHSVVVFNP
HFAKIALQYLHKGSKVYIEGKLQTRKWQDKNGHDRYTTEIVLPQYKGELHLLDAKKEQSASSSSVTSQSYAIASGADDYG
ISAHDSMPF
;
_entity_poly.pdbx_seq_one_letter_code_can   
;MAHHHHHHMGTLEAQTQGPGSMLNKVMLIGYLGDDPESKTMTSGAEVVNFRMATFESYMNKNTHQKVEKTEWHSVVVFNP
HFAKIALQYLHKGSKVYIEGKLQTRKWQDKNGHDRYTTEIVLPQYKGELHLLDAKKEQSASSSSVTSQSYAIASGADDYG
ISAHDSMPF
;
_entity_poly.pdbx_strand_id                 A,B 
_entity_poly.pdbx_target_identifier         BaheA.01120.b 
# 
loop_
_entity_poly_seq.entity_id 
_entity_poly_seq.num 
_entity_poly_seq.mon_id 
_entity_poly_seq.hetero 
1 1   MET n 
1 2   ALA n 
1 3   HIS n 
1 4   HIS n 
1 5   HIS n 
1 6   HIS n 
1 7   HIS n 
1 8   HIS n 
1 9   MET n 
1 10  GLY n 
1 11  THR n 
1 12  LEU n 
1 13  GLU n 
1 14  ALA n 
1 15  GLN n 
1 16  THR n 
1 17  GLN n 
1 18  GLY n 
1 19  PRO n 
1 20  GLY n 
1 21  SER n 
1 22  MET n 
1 23  LEU n 
1 24  ASN n 
1 25  LYS n 
1 26  VAL n 
1 27  MET n 
1 28  LEU n 
1 29  ILE n 
1 30  GLY n 
1 31  TYR n 
1 32  LEU n 
1 33  GLY n 
1 34  ASP n 
1 35  ASP n 
1 36  PRO n 
1 37  GLU n 
1 38  SER n 
1 39  LYS n 
1 40  THR n 
1 41  MET n 
1 42  THR n 
1 43  SER n 
1 44  GLY n 
1 45  ALA n 
1 46  GLU n 
1 47  VAL n 
1 48  VAL n 
1 49  ASN n 
1 50  PHE n 
1 51  ARG n 
1 52  MET n 
1 53  ALA n 
1 54  THR n 
1 55  PHE n 
1 56  GLU n 
1 57  SER n 
1 58  TYR n 
1 59  MET n 
1 60  ASN n 
1 61  LYS n 
1 62  ASN n 
1 63  THR n 
1 64  HIS n 
1 65  GLN n 
1 66  LYS n 
1 67  VAL n 
1 68  GLU n 
1 69  LYS n 
1 70  THR n 
1 71  GLU n 
1 72  TRP n 
1 73  HIS n 
1 74  SER n 
1 75  VAL n 
1 76  VAL n 
1 77  VAL n 
1 78  PHE n 
1 79  ASN n 
1 80  PRO n 
1 81  HIS n 
1 82  PHE n 
1 83  ALA n 
1 84  LYS n 
1 85  ILE n 
1 86  ALA n 
1 87  LEU n 
1 88  GLN n 
1 89  TYR n 
1 90  LEU n 
1 91  HIS n 
1 92  LYS n 
1 93  GLY n 
1 94  SER n 
1 95  LYS n 
1 96  VAL n 
1 97  TYR n 
1 98  ILE n 
1 99  GLU n 
1 100 GLY n 
1 101 LYS n 
1 102 LEU n 
1 103 GLN n 
1 104 THR n 
1 105 ARG n 
1 106 LYS n 
1 107 TRP n 
1 108 GLN n 
1 109 ASP n 
1 110 LYS n 
1 111 ASN n 
1 112 GLY n 
1 113 HIS n 
1 114 ASP n 
1 115 ARG n 
1 116 TYR n 
1 117 THR n 
1 118 THR n 
1 119 GLU n 
1 120 ILE n 
1 121 VAL n 
1 122 LEU n 
1 123 PRO n 
1 124 GLN n 
1 125 TYR n 
1 126 LYS n 
1 127 GLY n 
1 128 GLU n 
1 129 LEU n 
1 130 HIS n 
1 131 LEU n 
1 132 LEU n 
1 133 ASP n 
1 134 ALA n 
1 135 LYS n 
1 136 LYS n 
1 137 GLU n 
1 138 GLN n 
1 139 SER n 
1 140 ALA n 
1 141 SER n 
1 142 SER n 
1 143 SER n 
1 144 SER n 
1 145 VAL n 
1 146 THR n 
1 147 SER n 
1 148 GLN n 
1 149 SER n 
1 150 TYR n 
1 151 ALA n 
1 152 ILE n 
1 153 ALA n 
1 154 SER n 
1 155 GLY n 
1 156 ALA n 
1 157 ASP n 
1 158 ASP n 
1 159 TYR n 
1 160 GLY n 
1 161 ILE n 
1 162 SER n 
1 163 ALA n 
1 164 HIS n 
1 165 ASP n 
1 166 SER n 
1 167 MET n 
1 168 PRO n 
1 169 PHE n 
# 
_entity_src_gen.entity_id                          1 
_entity_src_gen.pdbx_src_id                        1 
_entity_src_gen.pdbx_alt_source_flag               sample 
_entity_src_gen.pdbx_seq_type                      ? 
_entity_src_gen.pdbx_beg_seq_num                   ? 
_entity_src_gen.pdbx_end_seq_num                   ? 
_entity_src_gen.gene_src_common_name               'Rochalimaea henselae' 
_entity_src_gen.gene_src_genus                     ? 
_entity_src_gen.pdbx_gene_src_gene                 'ssb2, ssb3, BH07030, BH09470' 
_entity_src_gen.gene_src_species                   ? 
_entity_src_gen.gene_src_strain                    ? 
_entity_src_gen.gene_src_tissue                    ? 
_entity_src_gen.gene_src_tissue_fraction           ? 
_entity_src_gen.gene_src_details                   ? 
_entity_src_gen.pdbx_gene_src_fragment             ? 
_entity_src_gen.pdbx_gene_src_scientific_name      'Bartonella henselae' 
_entity_src_gen.pdbx_gene_src_ncbi_taxonomy_id     38323 
_entity_src_gen.pdbx_gene_src_variant              ? 
_entity_src_gen.pdbx_gene_src_cell_line            ? 
_entity_src_gen.pdbx_gene_src_atcc                 ? 
_entity_src_gen.pdbx_gene_src_organ                ? 
_entity_src_gen.pdbx_gene_src_organelle            ? 
_entity_src_gen.pdbx_gene_src_cell                 ? 
_entity_src_gen.pdbx_gene_src_cellular_location    ? 
_entity_src_gen.host_org_common_name               ? 
_entity_src_gen.pdbx_host_org_scientific_name      'Escherichia coli' 
_entity_src_gen.pdbx_host_org_ncbi_taxonomy_id     562 
_entity_src_gen.host_org_genus                     ? 
_entity_src_gen.pdbx_host_org_gene                 ? 
_entity_src_gen.pdbx_host_org_organ                ? 
_entity_src_gen.host_org_species                   ? 
_entity_src_gen.pdbx_host_org_tissue               ? 
_entity_src_gen.pdbx_host_org_tissue_fraction      ? 
_entity_src_gen.pdbx_host_org_strain               ? 
_entity_src_gen.pdbx_host_org_variant              ? 
_entity_src_gen.pdbx_host_org_cell_line            ? 
_entity_src_gen.pdbx_host_org_atcc                 ? 
_entity_src_gen.pdbx_host_org_culture_collection   ? 
_entity_src_gen.pdbx_host_org_cell                 ? 
_entity_src_gen.pdbx_host_org_organelle            ? 
_entity_src_gen.pdbx_host_org_cellular_location    ? 
_entity_src_gen.pdbx_host_org_vector_type          plasmid 
_entity_src_gen.pdbx_host_org_vector               ? 
_entity_src_gen.host_org_details                   ? 
_entity_src_gen.expression_system_id               ? 
_entity_src_gen.plasmid_name                       AVA0421 
_entity_src_gen.plasmid_details                    ? 
_entity_src_gen.pdbx_description                   ? 
# 
_struct_ref.id                         1 
_struct_ref.db_name                    UNP 
_struct_ref.db_code                    Q6G3Q0_BARHE 
_struct_ref.pdbx_db_accession          Q6G3Q0 
_struct_ref.entity_id                  1 
_struct_ref.pdbx_seq_one_letter_code   
;MLNKVMLIGYLGDDPESKTMTSGAEVVNFRMATFESYMNKNTHQKVEKTEWHSVVVFNPHFAKIALQYLHKGSKVYIEGK
LQTRKWQDKNGHDRYTTEIVLPQYKGELHLLDAKKEQSASSSSVTSQSYAIASGADDYGISAHDSMPF
;
_struct_ref.pdbx_align_begin           1 
_struct_ref.pdbx_db_isoform            ? 
# 
loop_
_struct_ref_seq.align_id 
_struct_ref_seq.ref_id 
_struct_ref_seq.pdbx_PDB_id_code 
_struct_ref_seq.pdbx_strand_id 
_struct_ref_seq.seq_align_beg 
_struct_ref_seq.pdbx_seq_align_beg_ins_code 
_struct_ref_seq.seq_align_end 
_struct_ref_seq.pdbx_seq_align_end_ins_code 
_struct_ref_seq.pdbx_db_accession 
_struct_ref_seq.db_align_beg 
_struct_ref_seq.pdbx_db_align_beg_ins_code 
_struct_ref_seq.db_align_end 
_struct_ref_seq.pdbx_db_align_end_ins_code 
_struct_ref_seq.pdbx_auth_seq_align_beg 
_struct_ref_seq.pdbx_auth_seq_align_end 
1 1 3LGJ A 22 ? 169 ? Q6G3Q0 1 ? 148 ? 1 148 
2 1 3LGJ B 22 ? 169 ? Q6G3Q0 1 ? 148 ? 1 148 
# 
loop_
_struct_ref_seq_dif.align_id 
_struct_ref_seq_dif.pdbx_pdb_id_code 
_struct_ref_seq_dif.mon_id 
_struct_ref_seq_dif.pdbx_pdb_strand_id 
_struct_ref_seq_dif.seq_num 
_struct_ref_seq_dif.pdbx_pdb_ins_code 
_struct_ref_seq_dif.pdbx_seq_db_name 
_struct_ref_seq_dif.pdbx_seq_db_accession_code 
_struct_ref_seq_dif.db_mon_id 
_struct_ref_seq_dif.pdbx_seq_db_seq_num 
_struct_ref_seq_dif.details 
_struct_ref_seq_dif.pdbx_auth_seq_num 
_struct_ref_seq_dif.pdbx_ordinal 
1 3LGJ MET A 1  ? UNP Q6G3Q0 ? ? 'expression tag' -20 1  
1 3LGJ ALA A 2  ? UNP Q6G3Q0 ? ? 'expression tag' -19 2  
1 3LGJ HIS A 3  ? UNP Q6G3Q0 ? ? 'expression tag' -18 3  
1 3LGJ HIS A 4  ? UNP Q6G3Q0 ? ? 'expression tag' -17 4  
1 3LGJ HIS A 5  ? UNP Q6G3Q0 ? ? 'expression tag' -16 5  
1 3LGJ HIS A 6  ? UNP Q6G3Q0 ? ? 'expression tag' -15 6  
1 3LGJ HIS A 7  ? UNP Q6G3Q0 ? ? 'expression tag' -14 7  
1 3LGJ HIS A 8  ? UNP Q6G3Q0 ? ? 'expression tag' -13 8  
1 3LGJ MET A 9  ? UNP Q6G3Q0 ? ? 'expression tag' -12 9  
1 3LGJ GLY A 10 ? UNP Q6G3Q0 ? ? 'expression tag' -11 10 
1 3LGJ THR A 11 ? UNP Q6G3Q0 ? ? 'expression tag' -10 11 
1 3LGJ LEU A 12 ? UNP Q6G3Q0 ? ? 'expression tag' -9  12 
1 3LGJ GLU A 13 ? UNP Q6G3Q0 ? ? 'expression tag' -8  13 
1 3LGJ ALA A 14 ? UNP Q6G3Q0 ? ? 'expression tag' -7  14 
1 3LGJ GLN A 15 ? UNP Q6G3Q0 ? ? 'expression tag' -6  15 
1 3LGJ THR A 16 ? UNP Q6G3Q0 ? ? 'expression tag' -5  16 
1 3LGJ GLN A 17 ? UNP Q6G3Q0 ? ? 'expression tag' -4  17 
1 3LGJ GLY A 18 ? UNP Q6G3Q0 ? ? 'expression tag' -3  18 
1 3LGJ PRO A 19 ? UNP Q6G3Q0 ? ? 'expression tag' -2  19 
1 3LGJ GLY A 20 ? UNP Q6G3Q0 ? ? 'expression tag' -1  20 
1 3LGJ SER A 21 ? UNP Q6G3Q0 ? ? 'expression tag' 0   21 
2 3LGJ MET B 1  ? UNP Q6G3Q0 ? ? 'expression tag' -20 22 
2 3LGJ ALA B 2  ? UNP Q6G3Q0 ? ? 'expression tag' -19 23 
2 3LGJ HIS B 3  ? UNP Q6G3Q0 ? ? 'expression tag' -18 24 
2 3LGJ HIS B 4  ? UNP Q6G3Q0 ? ? 'expression tag' -17 25 
2 3LGJ HIS B 5  ? UNP Q6G3Q0 ? ? 'expression tag' -16 26 
2 3LGJ HIS B 6  ? UNP Q6G3Q0 ? ? 'expression tag' -15 27 
2 3LGJ HIS B 7  ? UNP Q6G3Q0 ? ? 'expression tag' -14 28 
2 3LGJ HIS B 8  ? UNP Q6G3Q0 ? ? 'expression tag' -13 29 
2 3LGJ MET B 9  ? UNP Q6G3Q0 ? ? 'expression tag' -12 30 
2 3LGJ GLY B 10 ? UNP Q6G3Q0 ? ? 'expression tag' -11 31 
2 3LGJ THR B 11 ? UNP Q6G3Q0 ? ? 'expression tag' -10 32 
2 3LGJ LEU B 12 ? UNP Q6G3Q0 ? ? 'expression tag' -9  33 
2 3LGJ GLU B 13 ? UNP Q6G3Q0 ? ? 'expression tag' -8  34 
2 3LGJ ALA B 14 ? UNP Q6G3Q0 ? ? 'expression tag' -7  35 
2 3LGJ GLN B 15 ? UNP Q6G3Q0 ? ? 'expression tag' -6  36 
2 3LGJ THR B 16 ? UNP Q6G3Q0 ? ? 'expression tag' -5  37 
2 3LGJ GLN B 17 ? UNP Q6G3Q0 ? ? 'expression tag' -4  38 
2 3LGJ GLY B 18 ? UNP Q6G3Q0 ? ? 'expression tag' -3  39 
2 3LGJ PRO B 19 ? UNP Q6G3Q0 ? ? 'expression tag' -2  40 
2 3LGJ GLY B 20 ? UNP Q6G3Q0 ? ? 'expression tag' -1  41 
2 3LGJ SER B 21 ? UNP Q6G3Q0 ? ? 'expression tag' 0   42 
# 
loop_
_chem_comp.id 
_chem_comp.type 
_chem_comp.mon_nstd_flag 
_chem_comp.name 
_chem_comp.pdbx_synonyms 
_chem_comp.formula 
_chem_comp.formula_weight 
ALA 'L-peptide linking' y ALANINE         ? 'C3 H7 N O2'     89.093  
ARG 'L-peptide linking' y ARGININE        ? 'C6 H15 N4 O2 1' 175.209 
ASN 'L-peptide linking' y ASPARAGINE      ? 'C4 H8 N2 O3'    132.118 
ASP 'L-peptide linking' y 'ASPARTIC ACID' ? 'C4 H7 N O4'     133.103 
CA  non-polymer         . 'CALCIUM ION'   ? 'Ca 2'           40.078  
GLN 'L-peptide linking' y GLUTAMINE       ? 'C5 H10 N2 O3'   146.144 
GLU 'L-peptide linking' y 'GLUTAMIC ACID' ? 'C5 H9 N O4'     147.129 
GLY 'peptide linking'   y GLYCINE         ? 'C2 H5 N O2'     75.067  
HIS 'L-peptide linking' y HISTIDINE       ? 'C6 H10 N3 O2 1' 156.162 
HOH non-polymer         . WATER           ? 'H2 O'           18.015  
ILE 'L-peptide linking' y ISOLEUCINE      ? 'C6 H13 N O2'    131.173 
LEU 'L-peptide linking' y LEUCINE         ? 'C6 H13 N O2'    131.173 
LYS 'L-peptide linking' y LYSINE          ? 'C6 H15 N2 O2 1' 147.195 
MET 'L-peptide linking' y METHIONINE      ? 'C5 H11 N O2 S'  149.211 
PHE 'L-peptide linking' y PHENYLALANINE   ? 'C9 H11 N O2'    165.189 
PRO 'L-peptide linking' y PROLINE         ? 'C5 H9 N O2'     115.130 
SER 'L-peptide linking' y SERINE          ? 'C3 H7 N O3'     105.093 
THR 'L-peptide linking' y THREONINE       ? 'C4 H9 N O3'     119.119 
TRP 'L-peptide linking' y TRYPTOPHAN      ? 'C11 H12 N2 O2'  204.225 
TYR 'L-peptide linking' y TYROSINE        ? 'C9 H11 N O3'    181.189 
VAL 'L-peptide linking' y VALINE          ? 'C5 H11 N O2'    117.146 
# 
_exptl.crystals_number   1 
_exptl.entry_id          3LGJ 
_exptl.method            'X-RAY DIFFRACTION' 
# 
_exptl_crystal.id                    1 
_exptl_crystal.density_Matthews      1.91 
_exptl_crystal.density_meas          ? 
_exptl_crystal.density_percent_sol   35.63 
_exptl_crystal.description           ? 
_exptl_crystal.F_000                 ? 
_exptl_crystal.preparation           ? 
# 
_exptl_crystal_grow.crystal_id      1 
_exptl_crystal_grow.method          'VAPOR DIFFUSION, SITTING DROP' 
_exptl_crystal_grow.pH              5.5 
_exptl_crystal_grow.temp            289 
_exptl_crystal_grow.temp_details    ? 
_exptl_crystal_grow.pdbx_details    
;JCSG+ condition G11, 0.1 M BisTris, 2 M ammonium sulfate, crystal tracking ID 202927g11, pH 5.5, VAPOR DIFFUSION, SITTING DROP, temperature 289K
;
_exptl_crystal_grow.pdbx_pH_range   ? 
# 
_diffrn.id                     1 
_diffrn.ambient_temp           100 
_diffrn.ambient_temp_details   ? 
_diffrn.crystal_id             1 
# 
_diffrn_detector.diffrn_id              1 
_diffrn_detector.detector               CCD 
_diffrn_detector.type                   'ADSC QUANTUM 210r' 
_diffrn_detector.pdbx_collection_date   2010-01-12 
_diffrn_detector.details                ? 
# 
_diffrn_radiation.diffrn_id                        1 
_diffrn_radiation.wavelength_id                    1 
_diffrn_radiation.pdbx_diffrn_protocol             'SINGLE WAVELENGTH' 
_diffrn_radiation.monochromator                    ? 
_diffrn_radiation.pdbx_monochromatic_or_laue_m_l   M 
_diffrn_radiation.pdbx_scattering_type             x-ray 
# 
_diffrn_radiation_wavelength.id           1 
_diffrn_radiation_wavelength.wavelength   1.0 
_diffrn_radiation_wavelength.wt           1.0 
# 
_diffrn_source.diffrn_id                   1 
_diffrn_source.source                      SYNCHROTRON 
_diffrn_source.type                        'ALS BEAMLINE 5.0.2' 
_diffrn_source.pdbx_wavelength             ? 
_diffrn_source.pdbx_wavelength_list        1.0 
_diffrn_source.pdbx_synchrotron_site       ALS 
_diffrn_source.pdbx_synchrotron_beamline   5.0.2 
# 
_reflns.entry_id                     3LGJ 
_reflns.d_resolution_high            2.500 
_reflns.number_obs                   10787 
_reflns.pdbx_Rmerge_I_obs            0.044 
_reflns.pdbx_netI_over_sigmaI        34.120 
_reflns.percent_possible_obs         99.100 
_reflns.B_iso_Wilson_estimate        69.604 
_reflns.observed_criterion_sigma_I   -3.00 
_reflns.observed_criterion_sigma_F   ? 
_reflns.d_resolution_low             29.700 
_reflns.number_all                   ? 
_reflns.pdbx_Rsym_value              ? 
_reflns.pdbx_redundancy              13.2 
_reflns.R_free_details               ? 
_reflns.limit_h_max                  ? 
_reflns.limit_h_min                  ? 
_reflns.limit_k_max                  ? 
_reflns.limit_k_min                  ? 
_reflns.limit_l_max                  ? 
_reflns.limit_l_min                  ? 
_reflns.observed_criterion_F_max     ? 
_reflns.observed_criterion_F_min     ? 
_reflns.pdbx_chi_squared             ? 
_reflns.pdbx_scaling_rejects         ? 
_reflns.pdbx_ordinal                 1 
_reflns.pdbx_diffrn_id               1 
# 
_reflns_shell.d_res_high             2.50 
_reflns_shell.d_res_low              2.57 
_reflns_shell.number_measured_obs    10800 
_reflns_shell.number_measured_all    ? 
_reflns_shell.number_unique_obs      788 
_reflns_shell.Rmerge_I_obs           0.595 
_reflns_shell.meanI_over_sigI_obs    4.9 
_reflns_shell.pdbx_Rsym_value        0.595 
_reflns_shell.pdbx_chi_squared       ? 
_reflns_shell.pdbx_redundancy        13.7 
_reflns_shell.percent_possible_obs   ? 
_reflns_shell.number_unique_all      ? 
_reflns_shell.percent_possible_all   99.70 
_reflns_shell.pdbx_ordinal           1 
_reflns_shell.pdbx_diffrn_id         1 
# 
_refine.entry_id                                 3LGJ 
_refine.ls_d_res_high                            2.500 
_refine.ls_d_res_low                             29.700 
_refine.pdbx_ls_sigma_F                          0.00 
_refine.pdbx_data_cutoff_high_absF               ? 
_refine.pdbx_data_cutoff_low_absF                ? 
_refine.ls_percent_reflns_obs                    99.500 
_refine.ls_number_reflns_obs                     10779 
_refine.ls_number_reflns_all                     ? 
_refine.pdbx_ls_cross_valid_method               THROUGHOUT 
_refine.pdbx_R_Free_selection_details            RANDOM 
_refine.details                                  'HYDROGENS HAVE BEEN ADDED IN THE RIDING POSITIONS. U VALUES RESIDUAL ONLY' 
_refine.ls_R_factor_all                          ? 
_refine.ls_R_factor_obs                          0.228 
_refine.ls_R_factor_R_work                       0.225 
_refine.ls_wR_factor_R_work                      0.228 
_refine.ls_R_factor_R_free                       0.267 
_refine.ls_wR_factor_R_free                      0.262 
_refine.ls_percent_reflns_R_free                 5.000 
_refine.ls_number_reflns_R_free                  542 
_refine.ls_R_factor_R_free_error                 ? 
_refine.B_iso_mean                               36.943 
_refine.solvent_model_param_bsol                 ? 
_refine.solvent_model_param_ksol                 ? 
_refine.pdbx_isotropic_thermal_model             ? 
_refine.aniso_B[1][1]                            -0.050 
_refine.aniso_B[2][2]                            -0.050 
_refine.aniso_B[3][3]                            0.080 
_refine.aniso_B[1][2]                            -0.030 
_refine.aniso_B[1][3]                            0.000 
_refine.aniso_B[2][3]                            0.000 
_refine.correlation_coeff_Fo_to_Fc               0.936 
_refine.correlation_coeff_Fo_to_Fc_free          0.918 
_refine.overall_SU_R_Cruickshank_DPI             0.341 
_refine.overall_SU_R_free                        0.260 
_refine.pdbx_overall_ESU_R                       0.341 
_refine.pdbx_overall_ESU_R_Free                  0.260 
_refine.overall_SU_ML                            0.197 
_refine.overall_SU_B                             19.377 
_refine.solvent_model_details                    MASK 
_refine.pdbx_solvent_vdw_probe_radii             1.400 
_refine.pdbx_solvent_ion_probe_radii             0.800 
_refine.pdbx_solvent_shrinkage_radii             0.800 
_refine.ls_number_parameters                     ? 
_refine.ls_number_restraints                     ? 
_refine.pdbx_starting_model                      'pdb entry 1kaw' 
_refine.pdbx_method_to_determine_struct          'MOLECULAR REPLACEMENT' 
_refine.pdbx_stereochemistry_target_values       'MAXIMUM LIKELIHOOD' 
_refine.pdbx_stereochem_target_val_spec_case     ? 
_refine.overall_FOM_work_R_set                   0.793 
_refine.B_iso_max                                73.53 
_refine.B_iso_min                                20.74 
_refine.occupancy_max                            1.00 
_refine.occupancy_min                            0.50 
_refine.pdbx_ls_sigma_I                          ? 
_refine.ls_redundancy_reflns_obs                 ? 
_refine.ls_R_factor_R_free_error_details         ? 
_refine.pdbx_data_cutoff_high_rms_absF           ? 
_refine.overall_FOM_free_R_set                   ? 
_refine.pdbx_overall_phase_error                 ? 
_refine.pdbx_refine_id                           'X-RAY DIFFRACTION' 
_refine.pdbx_TLS_residual_ADP_flag               'LIKELY RESIDUAL' 
_refine.pdbx_diffrn_id                           1 
_refine.pdbx_overall_SU_R_free_Cruickshank_DPI   ? 
_refine.pdbx_overall_SU_R_Blow_DPI               ? 
_refine.pdbx_overall_SU_R_free_Blow_DPI          ? 
# 
_refine_hist.pdbx_refine_id                   'X-RAY DIFFRACTION' 
_refine_hist.cycle_id                         LAST 
_refine_hist.pdbx_number_atoms_protein        1460 
_refine_hist.pdbx_number_atoms_nucleic_acid   0 
_refine_hist.pdbx_number_atoms_ligand         1 
_refine_hist.number_atoms_solvent             22 
_refine_hist.number_atoms_total               1483 
_refine_hist.d_res_high                       2.500 
_refine_hist.d_res_low                        29.700 
# 
loop_
_refine_ls_restr.type 
_refine_ls_restr.number 
_refine_ls_restr.dev_ideal 
_refine_ls_restr.dev_ideal_target 
_refine_ls_restr.weight 
_refine_ls_restr.pdbx_refine_id 
_refine_ls_restr.pdbx_restraint_function 
r_bond_refined_d       1508 0.014  0.021  ? 'X-RAY DIFFRACTION' ? 
r_angle_refined_deg    2049 1.510  1.945  ? 'X-RAY DIFFRACTION' ? 
r_dihedral_angle_1_deg 190  6.472  5.000  ? 'X-RAY DIFFRACTION' ? 
r_dihedral_angle_2_deg 61   29.099 24.426 ? 'X-RAY DIFFRACTION' ? 
r_dihedral_angle_3_deg 234  16.624 15.000 ? 'X-RAY DIFFRACTION' ? 
r_dihedral_angle_4_deg 2    8.984  15.000 ? 'X-RAY DIFFRACTION' ? 
r_chiral_restr         238  0.098  0.200  ? 'X-RAY DIFFRACTION' ? 
r_gen_planes_refined   1118 0.006  0.021  ? 'X-RAY DIFFRACTION' ? 
r_mcbond_it            952  0.668  1.500  ? 'X-RAY DIFFRACTION' ? 
r_mcangle_it           1515 1.283  2.000  ? 'X-RAY DIFFRACTION' ? 
r_scbond_it            556  2.193  3.000  ? 'X-RAY DIFFRACTION' ? 
r_scangle_it           532  3.547  4.500  ? 'X-RAY DIFFRACTION' ? 
# 
loop_
_refine_ls_restr_ncs.pdbx_refine_id 
_refine_ls_restr_ncs.pdbx_ens_id 
_refine_ls_restr_ncs.dom_id 
_refine_ls_restr_ncs.pdbx_type 
_refine_ls_restr_ncs.pdbx_auth_asym_id 
_refine_ls_restr_ncs.pdbx_number 
_refine_ls_restr_ncs.rms_dev_position 
_refine_ls_restr_ncs.weight_position 
_refine_ls_restr_ncs.pdbx_ordinal 
_refine_ls_restr_ncs.ncs_model_details 
_refine_ls_restr_ncs.rms_dev_B_iso 
_refine_ls_restr_ncs.weight_B_iso 
_refine_ls_restr_ncs.pdbx_asym_id 
_refine_ls_restr_ncs.pdbx_rms 
_refine_ls_restr_ncs.pdbx_weight 
'X-RAY DIFFRACTION' 1 1 'MEDIUM POSITIONAL' A 703 0.440 0.500 1 ? ? ? ? ? ? 
'X-RAY DIFFRACTION' 1 1 'MEDIUM THERMAL'    A 703 0.920 2.000 2 ? ? ? ? ? ? 
# 
_refine_ls_shell.d_res_high                       2.500 
_refine_ls_shell.d_res_low                        2.565 
_refine_ls_shell.pdbx_total_number_of_bins_used   20 
_refine_ls_shell.percent_reflns_obs               100.000 
_refine_ls_shell.number_reflns_R_work             738 
_refine_ls_shell.R_factor_all                     ? 
_refine_ls_shell.R_factor_R_work                  0.356 
_refine_ls_shell.R_factor_R_free                  0.387 
_refine_ls_shell.percent_reflns_R_free            ? 
_refine_ls_shell.number_reflns_R_free             37 
_refine_ls_shell.R_factor_R_free_error            ? 
_refine_ls_shell.number_reflns_all                775 
_refine_ls_shell.number_reflns_obs                ? 
_refine_ls_shell.redundancy_reflns_obs            ? 
_refine_ls_shell.pdbx_refine_id                   'X-RAY DIFFRACTION' 
# 
loop_
_struct_ncs_dom.pdbx_ens_id 
_struct_ncs_dom.id 
_struct_ncs_dom.details 
1 1 A 
1 2 B 
# 
loop_
_struct_ncs_dom_lim.pdbx_ens_id 
_struct_ncs_dom_lim.dom_id 
_struct_ncs_dom_lim.pdbx_component_id 
_struct_ncs_dom_lim.beg_label_asym_id 
_struct_ncs_dom_lim.beg_label_comp_id 
_struct_ncs_dom_lim.beg_label_seq_id 
_struct_ncs_dom_lim.beg_label_alt_id 
_struct_ncs_dom_lim.end_label_asym_id 
_struct_ncs_dom_lim.end_label_comp_id 
_struct_ncs_dom_lim.end_label_seq_id 
_struct_ncs_dom_lim.end_label_alt_id 
_struct_ncs_dom_lim.beg_auth_asym_id 
_struct_ncs_dom_lim.beg_auth_comp_id 
_struct_ncs_dom_lim.beg_auth_seq_id 
_struct_ncs_dom_lim.end_auth_asym_id 
_struct_ncs_dom_lim.end_auth_comp_id 
_struct_ncs_dom_lim.end_auth_seq_id 
_struct_ncs_dom_lim.pdbx_refine_code 
_struct_ncs_dom_lim.selection_details 
1 1 1 A MET 22 . A LEU 132 . A MET 1 A LEU 111 4 ? 
1 2 1 B MET 22 . B LEU 132 . B MET 1 B LEU 111 4 ? 
# 
_struct_ncs_ens.id        1 
_struct_ncs_ens.details   ? 
# 
_struct.entry_id                  3LGJ 
_struct.title                     'Crystal structure of single-stranded binding protein (ssb) from Bartonella henselae' 
_struct.pdbx_model_details        ? 
_struct.pdbx_CASP_flag            ? 
_struct.pdbx_model_type_details   ? 
# 
_struct_keywords.entry_id        3LGJ 
_struct_keywords.pdbx_keywords   'DNA BINDING PROTEIN' 
_struct_keywords.text            
;NIAID, Cat Scratch Fever, Rochalimaea, lyme disease, ALS Collaborative Crystallography, DNA replication, DNA-binding, Structural Genomics, Seattle Structural Genomics Center for Infectious Disease, SSGCID, DNA BINDING PROTEIN
;
# 
loop_
_struct_asym.id 
_struct_asym.pdbx_blank_PDB_chainid_flag 
_struct_asym.pdbx_modified 
_struct_asym.entity_id 
_struct_asym.details 
A N N 1 ? 
B N N 1 ? 
C N N 2 ? 
D N N 3 ? 
E N N 3 ? 
# 
_struct_biol.id        1 
_struct_biol.details   ? 
# 
loop_
_struct_conf.conf_type_id 
_struct_conf.id 
_struct_conf.pdbx_PDB_helix_id 
_struct_conf.beg_label_comp_id 
_struct_conf.beg_label_asym_id 
_struct_conf.beg_label_seq_id 
_struct_conf.pdbx_beg_PDB_ins_code 
_struct_conf.end_label_comp_id 
_struct_conf.end_label_asym_id 
_struct_conf.end_label_seq_id 
_struct_conf.pdbx_end_PDB_ins_code 
_struct_conf.beg_auth_comp_id 
_struct_conf.beg_auth_asym_id 
_struct_conf.beg_auth_seq_id 
_struct_conf.end_auth_comp_id 
_struct_conf.end_auth_asym_id 
_struct_conf.end_auth_seq_id 
_struct_conf.pdbx_PDB_helix_class 
_struct_conf.details 
_struct_conf.pdbx_PDB_helix_length 
HELX_P HELX_P1 1 ASN A 79 ? LEU A 90 ? ASN A 58 LEU A 69 1 ? 12 
HELX_P HELX_P2 2 ASN B 79 ? LEU B 90 ? ASN B 58 LEU B 69 1 ? 12 
# 
_struct_conf_type.id          HELX_P 
_struct_conf_type.criteria    ? 
_struct_conf_type.reference   ? 
# 
loop_
_struct_sheet.id 
_struct_sheet.type 
_struct_sheet.number_strands 
_struct_sheet.details 
A ? 12 ? 
B ? 6  ? 
C ? 6  ? 
# 
loop_
_struct_sheet_order.sheet_id 
_struct_sheet_order.range_id_1 
_struct_sheet_order.range_id_2 
_struct_sheet_order.offset 
_struct_sheet_order.sense 
A 1  2  ? anti-parallel 
A 2  3  ? anti-parallel 
A 3  4  ? parallel      
A 4  5  ? anti-parallel 
A 5  6  ? anti-parallel 
A 6  7  ? anti-parallel 
A 7  8  ? anti-parallel 
A 8  9  ? anti-parallel 
A 9  10 ? parallel      
A 10 11 ? anti-parallel 
A 11 12 ? anti-parallel 
B 1  2  ? anti-parallel 
B 2  3  ? anti-parallel 
B 3  4  ? anti-parallel 
B 4  5  ? anti-parallel 
B 5  6  ? anti-parallel 
C 1  2  ? anti-parallel 
C 2  3  ? anti-parallel 
C 3  4  ? anti-parallel 
C 4  5  ? anti-parallel 
C 5  6  ? anti-parallel 
# 
loop_
_struct_sheet_range.sheet_id 
_struct_sheet_range.id 
_struct_sheet_range.beg_label_comp_id 
_struct_sheet_range.beg_label_asym_id 
_struct_sheet_range.beg_label_seq_id 
_struct_sheet_range.pdbx_beg_PDB_ins_code 
_struct_sheet_range.end_label_comp_id 
_struct_sheet_range.end_label_asym_id 
_struct_sheet_range.end_label_seq_id 
_struct_sheet_range.pdbx_end_PDB_ins_code 
_struct_sheet_range.beg_auth_comp_id 
_struct_sheet_range.beg_auth_asym_id 
_struct_sheet_range.beg_auth_seq_id 
_struct_sheet_range.end_auth_comp_id 
_struct_sheet_range.end_auth_asym_id 
_struct_sheet_range.end_auth_seq_id 
A 1  GLU A 37  ? THR A 40  ? GLU A 16  THR A 19  
A 2  GLU A 46  ? THR A 54  ? GLU A 25  THR A 33  
A 3  GLU A 71  ? VAL A 77  ? GLU A 50  VAL A 56  
A 4  THR A 117 ? LEU A 122 ? THR A 96  LEU A 101 
A 5  LYS A 95  ? ARG A 105 ? LYS A 74  ARG A 84  
A 6  LEU A 23  ? LEU A 32  ? LEU A 2   LEU A 11  
A 7  LEU B 23  ? LEU B 32  ? LEU B 2   LEU B 11  
A 8  LYS B 95  ? ARG B 105 ? LYS B 74  ARG B 84  
A 9  THR B 117 ? LEU B 122 ? THR B 96  LEU B 101 
A 10 GLU B 71  ? VAL B 77  ? GLU B 50  VAL B 56  
A 11 GLU B 46  ? THR B 54  ? GLU B 25  THR B 33  
A 12 GLU B 37  ? THR B 40  ? GLU B 16  THR B 19  
B 1  GLU A 128 ? LEU A 132 ? GLU A 107 LEU A 111 
B 2  LYS A 95  ? ARG A 105 ? LYS A 74  ARG A 84  
B 3  LEU A 23  ? LEU A 32  ? LEU A 2   LEU A 11  
B 4  LEU B 23  ? LEU B 32  ? LEU B 2   LEU B 11  
B 5  LYS B 95  ? ARG B 105 ? LYS B 74  ARG B 84  
B 6  GLU B 128 ? LEU B 131 ? GLU B 107 LEU B 110 
C 1  GLU B 37  ? THR B 40  ? GLU B 16  THR B 19  
C 2  GLU B 46  ? THR B 54  ? GLU B 25  THR B 33  
C 3  LEU B 23  ? LEU B 32  ? LEU B 2   LEU B 11  
C 4  LEU A 23  ? LEU A 32  ? LEU A 2   LEU A 11  
C 5  GLU A 46  ? THR A 54  ? GLU A 25  THR A 33  
C 6  GLU A 37  ? THR A 40  ? GLU A 16  THR A 19  
# 
loop_
_pdbx_struct_sheet_hbond.sheet_id 
_pdbx_struct_sheet_hbond.range_id_1 
_pdbx_struct_sheet_hbond.range_id_2 
_pdbx_struct_sheet_hbond.range_1_label_atom_id 
_pdbx_struct_sheet_hbond.range_1_label_comp_id 
_pdbx_struct_sheet_hbond.range_1_label_asym_id 
_pdbx_struct_sheet_hbond.range_1_label_seq_id 
_pdbx_struct_sheet_hbond.range_1_PDB_ins_code 
_pdbx_struct_sheet_hbond.range_1_auth_atom_id 
_pdbx_struct_sheet_hbond.range_1_auth_comp_id 
_pdbx_struct_sheet_hbond.range_1_auth_asym_id 
_pdbx_struct_sheet_hbond.range_1_auth_seq_id 
_pdbx_struct_sheet_hbond.range_2_label_atom_id 
_pdbx_struct_sheet_hbond.range_2_label_comp_id 
_pdbx_struct_sheet_hbond.range_2_label_asym_id 
_pdbx_struct_sheet_hbond.range_2_label_seq_id 
_pdbx_struct_sheet_hbond.range_2_PDB_ins_code 
_pdbx_struct_sheet_hbond.range_2_auth_atom_id 
_pdbx_struct_sheet_hbond.range_2_auth_comp_id 
_pdbx_struct_sheet_hbond.range_2_auth_asym_id 
_pdbx_struct_sheet_hbond.range_2_auth_seq_id 
A 1  2  N GLU A 37  ? N GLU A 16  O ASN A 49  ? O ASN A 28  
A 2  3  N THR A 54  ? N THR A 33  O GLU A 71  ? O GLU A 50  
A 3  4  N VAL A 76  ? N VAL A 55  O LEU A 122 ? O LEU A 101 
A 4  5  O VAL A 121 ? O VAL A 100 N LYS A 101 ? N LYS A 80  
A 5  6  O VAL A 96  ? O VAL A 75  N GLY A 30  ? N GLY A 9   
A 6  7  N MET A 27  ? N MET A 6   O LYS B 25  ? O LYS B 4   
A 7  8  N LEU B 28  ? N LEU B 7   O ILE B 98  ? O ILE B 77  
A 8  9  N GLN B 103 ? N GLN B 82  O GLU B 119 ? O GLU B 98  
A 9  10 O ILE B 120 ? O ILE B 99  N SER B 74  ? N SER B 53  
A 10 11 O HIS B 73  ? O HIS B 52  N MET B 52  ? N MET B 31  
A 11 12 O VAL B 47  ? O VAL B 26  N LYS B 39  ? N LYS B 18  
B 1  2  O LEU A 132 ? O LEU A 111 N LYS A 95  ? N LYS A 74  
B 2  3  O VAL A 96  ? O VAL A 75  N GLY A 30  ? N GLY A 9   
B 3  4  N MET A 27  ? N MET A 6   O LYS B 25  ? O LYS B 4   
B 4  5  N LEU B 28  ? N LEU B 7   O ILE B 98  ? O ILE B 77  
B 5  6  N TYR B 97  ? N TYR B 76  O HIS B 130 ? O HIS B 109 
C 1  2  N LYS B 39  ? N LYS B 18  O VAL B 47  ? O VAL B 26  
C 2  3  O ALA B 53  ? O ALA B 32  N TYR B 31  ? N TYR B 10  
C 3  4  O LYS B 25  ? O LYS B 4   N MET A 27  ? N MET A 6   
C 4  5  N TYR A 31  ? N TYR A 10  O ALA A 53  ? O ALA A 32  
C 5  6  O ASN A 49  ? O ASN A 28  N GLU A 37  ? N GLU A 16  
# 
_struct_site.id                   AC1 
_struct_site.pdbx_evidence_code   Software 
_struct_site.pdbx_auth_asym_id    A 
_struct_site.pdbx_auth_comp_id    CA 
_struct_site.pdbx_auth_seq_id     149 
_struct_site.pdbx_auth_ins_code   ? 
_struct_site.pdbx_num_residues    4 
_struct_site.details              'BINDING SITE FOR RESIDUE CA A 149' 
# 
loop_
_struct_site_gen.id 
_struct_site_gen.site_id 
_struct_site_gen.pdbx_num_res 
_struct_site_gen.label_comp_id 
_struct_site_gen.label_asym_id 
_struct_site_gen.label_seq_id 
_struct_site_gen.pdbx_auth_ins_code 
_struct_site_gen.auth_comp_id 
_struct_site_gen.auth_asym_id 
_struct_site_gen.auth_seq_id 
_struct_site_gen.label_atom_id 
_struct_site_gen.label_alt_id 
_struct_site_gen.symmetry 
_struct_site_gen.details 
1 AC1 4 HIS A 130 ? HIS A 109 . ? 1_555  ? 
2 AC1 4 HIS A 130 ? HIS A 109 . ? 12_545 ? 
3 AC1 4 HOH D .   ? HOH A 155 . ? 12_545 ? 
4 AC1 4 HOH D .   ? HOH A 155 . ? 1_555  ? 
# 
_atom_sites.entry_id                    3LGJ 
_atom_sites.fract_transf_matrix[1][1]   0.00139804 
_atom_sites.fract_transf_matrix[1][2]   0.01141295 
_atom_sites.fract_transf_matrix[1][3]   -0.00449610 
_atom_sites.fract_transf_matrix[2][1]   -0.00779004 
_atom_sites.fract_transf_matrix[2][2]   0.00896263 
_atom_sites.fract_transf_matrix[2][3]   0.00337790 
_atom_sites.fract_transf_matrix[3][1]   0.00517998 
_atom_sites.fract_transf_matrix[3][2]   0.00199072 
_atom_sites.fract_transf_matrix[3][3]   0.00666396 
_atom_sites.fract_transf_vector[1]      -0.049580 
_atom_sites.fract_transf_vector[2]      -0.404475 
_atom_sites.fract_transf_vector[3]      0.024358 
# 
loop_
_atom_type.symbol 
C  
CA 
N  
O  
S  
# 
loop_
_atom_site.group_PDB 
_atom_site.id 
_atom_site.type_symbol 
_atom_site.label_atom_id 
_atom_site.label_alt_id 
_atom_site.label_comp_id 
_atom_site.label_asym_id 
_atom_site.label_entity_id 
_atom_site.label_seq_id 
_atom_site.pdbx_PDB_ins_code 
_atom_site.Cartn_x 
_atom_site.Cartn_y 
_atom_site.Cartn_z 
_atom_site.occupancy 
_atom_site.B_iso_or_equiv 
_atom_site.pdbx_formal_charge 
_atom_site.auth_seq_id 
_atom_site.auth_comp_id 
_atom_site.auth_asym_id 
_atom_site.auth_atom_id 
_atom_site.pdbx_PDB_model_num 
ATOM   1    N  N   . GLY A 1 20  ? -1.522  -5.519  -21.485 1.00 40.83 ? -1  GLY A N   1 
ATOM   2    C  CA  . GLY A 1 20  ? -0.308  -6.108  -20.844 1.00 40.88 ? -1  GLY A CA  1 
ATOM   3    C  C   . GLY A 1 20  ? -0.445  -6.236  -19.331 1.00 41.36 ? -1  GLY A C   1 
ATOM   4    O  O   . GLY A 1 20  ? -1.567  -6.285  -18.787 1.00 41.48 ? -1  GLY A O   1 
ATOM   5    N  N   . SER A 1 21  ? 0.696   -6.292  -18.640 1.00 40.57 ? 0   SER A N   1 
ATOM   6    C  CA  . SER A 1 21  ? 0.698   -6.483  -17.199 1.00 40.39 ? 0   SER A CA  1 
ATOM   7    C  C   . SER A 1 21  ? -0.165  -5.475  -16.408 1.00 39.08 ? 0   SER A C   1 
ATOM   8    O  O   . SER A 1 21  ? -0.544  -4.409  -16.913 1.00 38.66 ? 0   SER A O   1 
ATOM   9    C  CB  . SER A 1 21  ? 2.147   -6.491  -16.662 1.00 41.34 ? 0   SER A CB  1 
ATOM   10   O  OG  . SER A 1 21  ? 2.997   -5.701  -17.487 1.00 43.65 ? 0   SER A OG  1 
ATOM   11   N  N   . MET A 1 22  ? -0.479  -5.857  -15.172 1.00 37.26 ? 1   MET A N   1 
ATOM   12   C  CA  . MET A 1 22  ? -1.072  -4.977  -14.180 1.00 36.22 ? 1   MET A CA  1 
ATOM   13   C  C   . MET A 1 22  ? -0.530  -5.399  -12.809 1.00 35.17 ? 1   MET A C   1 
ATOM   14   O  O   . MET A 1 22  ? -0.252  -6.579  -12.575 1.00 35.13 ? 1   MET A O   1 
ATOM   15   C  CB  . MET A 1 22  ? -2.588  -5.028  -14.233 1.00 36.43 ? 1   MET A CB  1 
ATOM   16   C  CG  . MET A 1 22  ? -3.191  -4.096  -15.312 1.00 38.82 ? 1   MET A CG  1 
ATOM   17   S  SD  . MET A 1 22  ? -4.644  -3.214  -14.679 1.00 44.74 ? 1   MET A SD  1 
ATOM   18   C  CE  . MET A 1 22  ? -4.186  -3.291  -12.949 1.00 44.90 ? 1   MET A CE  1 
ATOM   19   N  N   . LEU A 1 23  ? -0.330  -4.453  -11.904 1.00 32.92 ? 2   LEU A N   1 
ATOM   20   C  CA  . LEU A 1 23  ? 0.402   -4.819  -10.708 1.00 31.22 ? 2   LEU A CA  1 
ATOM   21   C  C   . LEU A 1 23  ? -0.151  -4.095  -9.497  1.00 30.98 ? 2   LEU A C   1 
ATOM   22   O  O   . LEU A 1 23  ? -0.512  -2.906  -9.573  1.00 30.13 ? 2   LEU A O   1 
ATOM   23   C  CB  . LEU A 1 23  ? 1.883   -4.514  -10.914 1.00 30.50 ? 2   LEU A CB  1 
ATOM   24   C  CG  . LEU A 1 23  ? 2.886   -4.771  -9.794  1.00 29.96 ? 2   LEU A CG  1 
ATOM   25   C  CD1 . LEU A 1 23  ? 2.966   -6.241  -9.447  1.00 31.11 ? 2   LEU A CD1 1 
ATOM   26   C  CD2 . LEU A 1 23  ? 4.256   -4.268  -10.246 1.00 30.69 ? 2   LEU A CD2 1 
ATOM   27   N  N   . ASN A 1 24  ? -0.223  -4.821  -8.384  1.00 31.08 ? 3   ASN A N   1 
ATOM   28   C  CA  . ASN A 1 24  ? -0.634  -4.239  -7.126  1.00 31.38 ? 3   ASN A CA  1 
ATOM   29   C  C   . ASN A 1 24  ? 0.095   -4.972  -6.037  1.00 31.79 ? 3   ASN A C   1 
ATOM   30   O  O   . ASN A 1 24  ? -0.331  -6.024  -5.607  1.00 33.50 ? 3   ASN A O   1 
ATOM   31   C  CB  . ASN A 1 24  ? -2.142  -4.367  -6.961  1.00 30.97 ? 3   ASN A CB  1 
ATOM   32   C  CG  . ASN A 1 24  ? -2.634  -3.883  -5.593  1.00 31.94 ? 3   ASN A CG  1 
ATOM   33   O  OD1 . ASN A 1 24  ? -1.833  -3.544  -4.698  1.00 30.04 ? 3   ASN A OD1 1 
ATOM   34   N  ND2 . ASN A 1 24  ? -3.961  -3.861  -5.426  1.00 28.66 ? 3   ASN A ND2 1 
ATOM   35   N  N   . LYS A 1 25  ? 1.183   -4.394  -5.570  1.00 32.33 ? 4   LYS A N   1 
ATOM   36   C  CA  . LYS A 1 25  ? 2.148   -5.100  -4.730  1.00 32.14 ? 4   LYS A CA  1 
ATOM   37   C  C   . LYS A 1 25  ? 2.643   -4.131  -3.649  1.00 32.04 ? 4   LYS A C   1 
ATOM   38   O  O   . LYS A 1 25  ? 3.140   -3.058  -3.971  1.00 31.70 ? 4   LYS A O   1 
ATOM   39   C  CB  . LYS A 1 25  ? 3.326   -5.513  -5.635  1.00 32.91 ? 4   LYS A CB  1 
ATOM   40   C  CG  . LYS A 1 25  ? 4.450   -6.356  -4.990  1.00 34.09 ? 4   LYS A CG  1 
ATOM   41   C  CD  . LYS A 1 25  ? 3.960   -7.722  -4.538  1.00 34.01 ? 4   LYS A CD  1 
ATOM   42   C  CE  . LYS A 1 25  ? 3.629   -8.526  -5.760  1.00 37.62 ? 4   LYS A CE  1 
ATOM   43   N  NZ  . LYS A 1 25  ? 2.820   -9.665  -5.345  1.00 41.53 ? 4   LYS A NZ  1 
ATOM   44   N  N   . VAL A 1 26  ? 2.492   -4.508  -2.386  1.00 31.29 ? 5   VAL A N   1 
ATOM   45   C  CA  . VAL A 1 26  ? 3.077   -3.785  -1.289  1.00 31.52 ? 5   VAL A CA  1 
ATOM   46   C  C   . VAL A 1 26  ? 4.182   -4.662  -0.687  1.00 31.74 ? 5   VAL A C   1 
ATOM   47   O  O   . VAL A 1 26  ? 3.962   -5.856  -0.500  1.00 32.36 ? 5   VAL A O   1 
ATOM   48   C  CB  . VAL A 1 26  ? 2.043   -3.544  -0.180  1.00 31.86 ? 5   VAL A CB  1 
ATOM   49   C  CG1 . VAL A 1 26  ? 2.618   -2.629  0.873   1.00 32.17 ? 5   VAL A CG1 1 
ATOM   50   C  CG2 . VAL A 1 26  ? 0.768   -2.956  -0.749  1.00 32.92 ? 5   VAL A CG2 1 
ATOM   51   N  N   . MET A 1 27  ? 5.346   -4.078  -0.383  1.00 30.94 ? 6   MET A N   1 
ATOM   52   C  CA  . MET A 1 27  ? 6.442   -4.764  0.325   1.00 30.69 ? 6   MET A CA  1 
ATOM   53   C  C   . MET A 1 27  ? 6.777   -3.984  1.599   1.00 31.11 ? 6   MET A C   1 
ATOM   54   O  O   . MET A 1 27  ? 7.087   -2.765  1.524   1.00 29.50 ? 6   MET A O   1 
ATOM   55   C  CB  . MET A 1 27  ? 7.685   -4.802  -0.556  1.00 30.19 ? 6   MET A CB  1 
ATOM   56   C  CG  . MET A 1 27  ? 7.481   -5.579  -1.850  1.00 32.60 ? 6   MET A CG  1 
ATOM   57   S  SD  . MET A 1 27  ? 8.567   -4.866  -3.074  1.00 38.69 ? 6   MET A SD  1 
ATOM   58   C  CE  . MET A 1 27  ? 10.142  -5.385  -2.383  1.00 35.75 ? 6   MET A CE  1 
ATOM   59   N  N   . LEU A 1 28  ? 6.712   -4.675  2.747   1.00 31.07 ? 7   LEU A N   1 
ATOM   60   C  CA  . LEU A 1 28  ? 6.985   -4.057  4.051   1.00 31.76 ? 7   LEU A CA  1 
ATOM   61   C  C   . LEU A 1 28  ? 7.863   -4.936  4.908   1.00 32.16 ? 7   LEU A C   1 
ATOM   62   O  O   . LEU A 1 28  ? 7.625   -6.138  5.005   1.00 32.03 ? 7   LEU A O   1 
ATOM   63   C  CB  . LEU A 1 28  ? 5.702   -3.868  4.849   1.00 32.07 ? 7   LEU A CB  1 
ATOM   64   C  CG  . LEU A 1 28  ? 4.497   -3.212  4.222   1.00 32.69 ? 7   LEU A CG  1 
ATOM   65   C  CD1 . LEU A 1 28  ? 3.347   -3.503  5.188   1.00 32.14 ? 7   LEU A CD1 1 
ATOM   66   C  CD2 . LEU A 1 28  ? 4.780   -1.720  4.123   1.00 31.60 ? 7   LEU A CD2 1 
ATOM   67   N  N   . ILE A 1 29  ? 8.824   -4.317  5.582   1.00 32.60 ? 8   ILE A N   1 
ATOM   68   C  CA  . ILE A 1 29  ? 9.638   -4.973  6.613   1.00 33.26 ? 8   ILE A CA  1 
ATOM   69   C  C   . ILE A 1 29  ? 9.424   -4.123  7.848   1.00 33.27 ? 8   ILE A C   1 
ATOM   70   O  O   . ILE A 1 29  ? 9.729   -2.956  7.811   1.00 33.98 ? 8   ILE A O   1 
ATOM   71   C  CB  . ILE A 1 29  ? 11.131  -4.950  6.209   1.00 33.38 ? 8   ILE A CB  1 
ATOM   72   C  CG1 . ILE A 1 29  ? 11.369  -5.961  5.098   1.00 34.88 ? 8   ILE A CG1 1 
ATOM   73   C  CG2 . ILE A 1 29  ? 12.038  -5.292  7.385   1.00 34.10 ? 8   ILE A CG2 1 
ATOM   74   C  CD1 . ILE A 1 29  ? 12.722  -5.803  4.482   1.00 35.48 ? 8   ILE A CD1 1 
ATOM   75   N  N   . GLY A 1 30  ? 8.868   -4.685  8.920   1.00 33.56 ? 9   GLY A N   1 
ATOM   76   C  CA  . GLY A 1 30  ? 8.617   -3.927  10.157  1.00 33.05 ? 9   GLY A CA  1 
ATOM   77   C  C   . GLY A 1 30  ? 8.196   -4.818  11.324  1.00 33.88 ? 9   GLY A C   1 
ATOM   78   O  O   . GLY A 1 30  ? 8.330   -6.055  11.265  1.00 33.91 ? 9   GLY A O   1 
ATOM   79   N  N   . TYR A 1 31  ? 7.636   -4.190  12.360  1.00 33.07 ? 10  TYR A N   1 
ATOM   80   C  CA  . TYR A 1 31  ? 7.429   -4.802  13.645  1.00 32.88 ? 10  TYR A CA  1 
ATOM   81   C  C   . TYR A 1 31  ? 5.965   -4.811  14.012  1.00 33.38 ? 10  TYR A C   1 
ATOM   82   O  O   . TYR A 1 31  ? 5.268   -3.788  13.858  1.00 34.35 ? 10  TYR A O   1 
ATOM   83   C  CB  . TYR A 1 31  ? 8.183   -4.002  14.702  1.00 32.79 ? 10  TYR A CB  1 
ATOM   84   C  CG  . TYR A 1 31  ? 9.687   -3.981  14.451  1.00 34.52 ? 10  TYR A CG  1 
ATOM   85   C  CD1 . TYR A 1 31  ? 10.527  -4.957  15.018  1.00 35.12 ? 10  TYR A CD1 1 
ATOM   86   C  CD2 . TYR A 1 31  ? 10.261  -3.010  13.631  1.00 35.36 ? 10  TYR A CD2 1 
ATOM   87   C  CE1 . TYR A 1 31  ? 11.889  -4.953  14.788  1.00 35.23 ? 10  TYR A CE1 1 
ATOM   88   C  CE2 . TYR A 1 31  ? 11.638  -3.003  13.388  1.00 36.42 ? 10  TYR A CE2 1 
ATOM   89   C  CZ  . TYR A 1 31  ? 12.437  -3.980  13.966  1.00 36.22 ? 10  TYR A CZ  1 
ATOM   90   O  OH  . TYR A 1 31  ? 13.789  -3.980  13.717  1.00 36.83 ? 10  TYR A OH  1 
ATOM   91   N  N   . LEU A 1 32  ? 5.499   -5.947  14.513  1.00 32.08 ? 11  LEU A N   1 
ATOM   92   C  CA  . LEU A 1 32  ? 4.101   -6.106  14.903  1.00 32.22 ? 11  LEU A CA  1 
ATOM   93   C  C   . LEU A 1 32  ? 3.736   -5.283  16.136  1.00 32.84 ? 11  LEU A C   1 
ATOM   94   O  O   . LEU A 1 32  ? 4.527   -5.197  17.084  1.00 33.69 ? 11  LEU A O   1 
ATOM   95   C  CB  . LEU A 1 32  ? 3.786   -7.584  15.169  1.00 30.82 ? 11  LEU A CB  1 
ATOM   96   C  CG  . LEU A 1 32  ? 3.147   -8.289  14.009  1.00 30.05 ? 11  LEU A CG  1 
ATOM   97   C  CD1 . LEU A 1 32  ? 4.118   -8.531  12.857  1.00 26.47 ? 11  LEU A CD1 1 
ATOM   98   C  CD2 . LEU A 1 32  ? 2.479   -9.588  14.531  1.00 29.65 ? 11  LEU A CD2 1 
ATOM   99   N  N   . GLY A 1 33  ? 2.523   -4.727  16.133  1.00 33.20 ? 12  GLY A N   1 
ATOM   100  C  CA  . GLY A 1 33  ? 2.038   -3.875  17.216  1.00 33.95 ? 12  GLY A CA  1 
ATOM   101  C  C   . GLY A 1 33  ? 1.391   -4.638  18.361  1.00 35.04 ? 12  GLY A C   1 
ATOM   102  O  O   . GLY A 1 33  ? 1.450   -4.187  19.498  1.00 35.26 ? 12  GLY A O   1 
ATOM   103  N  N   . ASP A 1 34  ? 0.748   -5.770  18.056  1.00 36.05 ? 13  ASP A N   1 
ATOM   104  C  CA  . ASP A 1 34  ? 0.251   -6.739  19.057  1.00 37.03 ? 13  ASP A CA  1 
ATOM   105  C  C   . ASP A 1 34  ? 0.408   -8.158  18.548  1.00 36.62 ? 13  ASP A C   1 
ATOM   106  O  O   . ASP A 1 34  ? 0.820   -8.382  17.407  1.00 36.15 ? 13  ASP A O   1 
ATOM   107  C  CB  . ASP A 1 34  ? -1.243  -6.564  19.355  1.00 37.98 ? 13  ASP A CB  1 
ATOM   108  C  CG  . ASP A 1 34  ? -1.653  -5.115  19.513  1.00 42.04 ? 13  ASP A CG  1 
ATOM   109  O  OD1 . ASP A 1 34  ? -1.683  -4.422  18.460  1.00 45.92 ? 13  ASP A OD1 1 
ATOM   110  O  OD2 . ASP A 1 34  ? -1.948  -4.684  20.674  1.00 43.68 ? 13  ASP A OD2 1 
ATOM   111  N  N   . ASP A 1 35  ? 0.017   -9.119  19.377  1.00 36.41 ? 14  ASP A N   1 
ATOM   112  C  CA  . ASP A 1 35  ? -0.112  -10.499 18.925  1.00 36.81 ? 14  ASP A CA  1 
ATOM   113  C  C   . ASP A 1 35  ? -1.047  -10.596 17.703  1.00 36.58 ? 14  ASP A C   1 
ATOM   114  O  O   . ASP A 1 35  ? -2.006  -9.822  17.582  1.00 37.20 ? 14  ASP A O   1 
ATOM   115  C  CB  . ASP A 1 35  ? -0.619  -11.381 20.070  1.00 36.67 ? 14  ASP A CB  1 
ATOM   116  C  CG  . ASP A 1 35  ? 0.376   -11.480 21.213  1.00 37.78 ? 14  ASP A CG  1 
ATOM   117  O  OD1 . ASP A 1 35  ? 1.592   -11.281 20.966  1.00 40.52 ? 14  ASP A OD1 1 
ATOM   118  O  OD2 . ASP A 1 35  ? -0.049  -11.760 22.357  1.00 37.77 ? 14  ASP A OD2 1 
ATOM   119  N  N   . PRO A 1 36  ? -0.760  -11.520 16.779  1.00 36.13 ? 15  PRO A N   1 
ATOM   120  C  CA  . PRO A 1 36  ? -1.697  -11.760 15.691  1.00 36.93 ? 15  PRO A CA  1 
ATOM   121  C  C   . PRO A 1 36  ? -3.059  -12.242 16.232  1.00 37.81 ? 15  PRO A C   1 
ATOM   122  O  O   . PRO A 1 36  ? -3.090  -13.076 17.162  1.00 37.64 ? 15  PRO A O   1 
ATOM   123  C  CB  . PRO A 1 36  ? -1.022  -12.882 14.907  1.00 37.07 ? 15  PRO A CB  1 
ATOM   124  C  CG  . PRO A 1 36  ? 0.387   -12.807 15.268  1.00 36.36 ? 15  PRO A CG  1 
ATOM   125  C  CD  . PRO A 1 36  ? 0.432   -12.365 16.670  1.00 35.66 ? 15  PRO A CD  1 
ATOM   126  N  N   . GLU A 1 37  ? -4.160  -11.691 15.704  1.00 38.42 ? 16  GLU A N   1 
ATOM   127  C  CA  . GLU A 1 37  ? -5.525  -12.127 16.090  1.00 39.65 ? 16  GLU A CA  1 
ATOM   128  C  C   . GLU A 1 37  ? -6.188  -12.945 14.959  1.00 39.67 ? 16  GLU A C   1 
ATOM   129  O  O   . GLU A 1 37  ? -5.876  -12.786 13.776  1.00 40.19 ? 16  GLU A O   1 
ATOM   130  C  CB  . GLU A 1 37  ? -6.430  -10.949 16.512  1.00 39.82 ? 16  GLU A CB  1 
ATOM   131  C  CG  . GLU A 1 37  ? -5.707  -9.602  16.783  1.00 44.52 ? 16  GLU A CG  1 
ATOM   132  C  CD  . GLU A 1 37  ? -6.489  -8.613  17.697  1.00 48.94 ? 16  GLU A CD  1 
ATOM   133  O  OE1 . GLU A 1 37  ? -5.831  -7.746  18.336  1.00 49.96 ? 16  GLU A OE1 1 
ATOM   134  O  OE2 . GLU A 1 37  ? -7.741  -8.692  17.783  1.00 49.79 ? 16  GLU A OE2 1 
ATOM   135  N  N   . SER A 1 38  ? -7.119  -13.810 15.317  1.00 40.20 ? 17  SER A N   1 
ATOM   136  C  CA  . SER A 1 38  ? -7.692  -14.753 14.362  1.00 40.23 ? 17  SER A CA  1 
ATOM   137  C  C   . SER A 1 38  ? -9.203  -14.681 14.412  1.00 39.55 ? 17  SER A C   1 
ATOM   138  O  O   . SER A 1 38  ? -9.792  -14.857 15.467  1.00 40.00 ? 17  SER A O   1 
ATOM   139  C  CB  . SER A 1 38  ? -7.204  -16.165 14.692  1.00 40.51 ? 17  SER A CB  1 
ATOM   140  O  OG  . SER A 1 38  ? -7.902  -17.147 13.957  1.00 42.75 ? 17  SER A OG  1 
ATOM   141  N  N   . LYS A 1 39  ? -9.827  -14.394 13.279  1.00 38.80 ? 18  LYS A N   1 
ATOM   142  C  CA  . LYS A 1 39  ? -11.278 -14.357 13.209  1.00 38.69 ? 18  LYS A CA  1 
ATOM   143  C  C   . LYS A 1 39  ? -11.763 -15.412 12.224  1.00 38.47 ? 18  LYS A C   1 
ATOM   144  O  O   . LYS A 1 39  ? -11.198 -15.590 11.140  1.00 38.77 ? 18  LYS A O   1 
ATOM   145  C  CB  . LYS A 1 39  ? -11.779 -12.962 12.822  1.00 38.56 ? 18  LYS A CB  1 
ATOM   146  N  N   . THR A 1 40  ? -12.799 -16.128 12.612  1.00 37.91 ? 19  THR A N   1 
ATOM   147  C  CA  . THR A 1 40  ? -13.383 -17.136 11.742  1.00 37.70 ? 19  THR A CA  1 
ATOM   148  C  C   . THR A 1 40  ? -14.376 -16.494 10.766  1.00 37.67 ? 19  THR A C   1 
ATOM   149  O  O   . THR A 1 40  ? -15.368 -15.881 11.178  1.00 37.77 ? 19  THR A O   1 
ATOM   150  C  CB  . THR A 1 40  ? -14.018 -18.276 12.576  1.00 37.84 ? 19  THR A CB  1 
ATOM   151  O  OG1 . THR A 1 40  ? -12.967 -18.992 13.243  1.00 37.08 ? 19  THR A OG1 1 
ATOM   152  C  CG2 . THR A 1 40  ? -14.841 -19.248 11.697  1.00 37.17 ? 19  THR A CG2 1 
ATOM   153  N  N   . MET A 1 41  ? -14.086 -16.639 9.477   1.00 37.38 ? 20  MET A N   1 
ATOM   154  C  CA  . MET A 1 41  ? -14.876 -16.037 8.396   1.00 37.59 ? 20  MET A CA  1 
ATOM   155  C  C   . MET A 1 41  ? -16.236 -16.747 8.150   1.00 36.53 ? 20  MET A C   1 
ATOM   156  O  O   . MET A 1 41  ? -16.514 -17.799 8.739   1.00 35.45 ? 20  MET A O   1 
ATOM   157  C  CB  . MET A 1 41  ? -14.028 -16.017 7.108   1.00 38.09 ? 20  MET A CB  1 
ATOM   158  C  CG  . MET A 1 41  ? -13.405 -14.677 6.703   1.00 42.04 ? 20  MET A CG  1 
ATOM   159  S  SD  . MET A 1 41  ? -13.478 -13.395 7.985   1.00 51.26 ? 20  MET A SD  1 
ATOM   160  C  CE  . MET A 1 41  ? -12.894 -11.940 7.067   1.00 49.12 ? 20  MET A CE  1 
ATOM   161  N  N   . THR A 1 42  ? -17.057 -16.144 7.280   1.00 35.74 ? 21  THR A N   1 
ATOM   162  C  CA  . THR A 1 42  ? -18.299 -16.741 6.756   1.00 35.39 ? 21  THR A CA  1 
ATOM   163  C  C   . THR A 1 42  ? -18.013 -18.069 6.065   1.00 34.15 ? 21  THR A C   1 
ATOM   164  O  O   . THR A 1 42  ? -18.810 -19.014 6.108   1.00 33.42 ? 21  THR A O   1 
ATOM   165  C  CB  . THR A 1 42  ? -18.943 -15.797 5.706   1.00 35.74 ? 21  THR A CB  1 
ATOM   166  O  OG1 . THR A 1 42  ? -19.313 -14.565 6.331   1.00 37.17 ? 21  THR A OG1 1 
ATOM   167  C  CG2 . THR A 1 42  ? -20.185 -16.421 5.060   1.00 36.55 ? 21  THR A CG2 1 
ATOM   168  N  N   . SER A 1 43  ? -16.843 -18.102 5.435   1.00 33.38 ? 22  SER A N   1 
ATOM   169  C  CA  . SER A 1 43  ? -16.373 -19.217 4.640   1.00 32.54 ? 22  SER A CA  1 
ATOM   170  C  C   . SER A 1 43  ? -15.991 -20.445 5.461   1.00 32.32 ? 22  SER A C   1 
ATOM   171  O  O   . SER A 1 43  ? -15.813 -21.527 4.914   1.00 31.75 ? 22  SER A O   1 
ATOM   172  C  CB  . SER A 1 43  ? -15.144 -18.764 3.883   1.00 32.58 ? 22  SER A CB  1 
ATOM   173  O  OG  . SER A 1 43  ? -14.106 -18.486 4.799   1.00 31.22 ? 22  SER A OG  1 
ATOM   174  N  N   . GLY A 1 44  ? -15.831 -20.265 6.766   1.00 32.50 ? 23  GLY A N   1 
ATOM   175  C  CA  . GLY A 1 44  ? -15.308 -21.309 7.624   1.00 32.59 ? 23  GLY A CA  1 
ATOM   176  C  C   . GLY A 1 44  ? -13.799 -21.221 7.709   1.00 33.45 ? 23  GLY A C   1 
ATOM   177  O  O   . GLY A 1 44  ? -13.198 -21.941 8.493   1.00 33.96 ? 23  GLY A O   1 
ATOM   178  N  N   . ALA A 1 45  ? -13.186 -20.346 6.907   1.00 33.41 ? 24  ALA A N   1 
ATOM   179  C  CA  . ALA A 1 45  ? -11.729 -20.127 6.939   1.00 34.53 ? 24  ALA A CA  1 
ATOM   180  C  C   . ALA A 1 45  ? -11.294 -19.248 8.102   1.00 34.79 ? 24  ALA A C   1 
ATOM   181  O  O   . ALA A 1 45  ? -12.082 -18.456 8.616   1.00 35.16 ? 24  ALA A O   1 
ATOM   182  C  CB  . ALA A 1 45  ? -11.231 -19.507 5.626   1.00 33.84 ? 24  ALA A CB  1 
ATOM   183  N  N   . GLU A 1 46  ? -10.033 -19.395 8.504   1.00 35.43 ? 25  GLU A N   1 
ATOM   184  C  CA  . GLU A 1 46  ? -9.424  -18.520 9.507   1.00 35.68 ? 25  GLU A CA  1 
ATOM   185  C  C   . GLU A 1 46  ? -8.639  -17.405 8.827   1.00 35.65 ? 25  GLU A C   1 
ATOM   186  O  O   . GLU A 1 46  ? -7.886  -17.625 7.857   1.00 35.44 ? 25  GLU A O   1 
ATOM   187  C  CB  . GLU A 1 46  ? -8.529  -19.306 10.475  1.00 36.37 ? 25  GLU A CB  1 
ATOM   188  N  N   . VAL A 1 47  ? -8.862  -16.198 9.324   1.00 35.43 ? 26  VAL A N   1 
ATOM   189  C  CA  . VAL A 1 47  ? -8.257  -15.014 8.757   1.00 35.46 ? 26  VAL A CA  1 
ATOM   190  C  C   . VAL A 1 47  ? -7.507  -14.321 9.874   1.00 35.74 ? 26  VAL A C   1 
ATOM   191  O  O   . VAL A 1 47  ? -8.072  -14.034 10.928  1.00 35.78 ? 26  VAL A O   1 
ATOM   192  C  CB  . VAL A 1 47  ? -9.320  -14.096 8.169   1.00 35.41 ? 26  VAL A CB  1 
ATOM   193  C  CG1 . VAL A 1 47  ? -8.698  -12.868 7.562   1.00 34.06 ? 26  VAL A CG1 1 
ATOM   194  C  CG2 . VAL A 1 47  ? -10.083 -14.854 7.101   1.00 36.95 ? 26  VAL A CG2 1 
ATOM   195  N  N   . VAL A 1 48  ? -6.226  -14.073 9.643   1.00 35.35 ? 27  VAL A N   1 
ATOM   196  C  CA  . VAL A 1 48  ? -5.361  -13.582 10.687  1.00 35.37 ? 27  VAL A CA  1 
ATOM   197  C  C   . VAL A 1 48  ? -5.108  -12.086 10.463  1.00 36.01 ? 27  VAL A C   1 
ATOM   198  O  O   . VAL A 1 48  ? -4.769  -11.661 9.347   1.00 36.26 ? 27  VAL A O   1 
ATOM   199  C  CB  . VAL A 1 48  ? -4.076  -14.435 10.746  1.00 35.35 ? 27  VAL A CB  1 
ATOM   200  C  CG1 . VAL A 1 48  ? -3.041  -13.819 11.670  1.00 36.81 ? 27  VAL A CG1 1 
ATOM   201  C  CG2 . VAL A 1 48  ? -4.408  -15.857 11.204  1.00 33.54 ? 27  VAL A CG2 1 
ATOM   202  N  N   . ASN A 1 49  ? -5.327  -11.279 11.498  1.00 35.71 ? 28  ASN A N   1 
ATOM   203  C  CA  . ASN A 1 49  ? -5.075  -9.861  11.372  1.00 36.45 ? 28  ASN A CA  1 
ATOM   204  C  C   . ASN A 1 49  ? -4.050  -9.360  12.399  1.00 35.96 ? 28  ASN A C   1 
ATOM   205  O  O   . ASN A 1 49  ? -4.026  -9.810  13.559  1.00 36.44 ? 28  ASN A O   1 
ATOM   206  C  CB  . ASN A 1 49  ? -6.372  -9.061  11.435  1.00 36.39 ? 28  ASN A CB  1 
ATOM   207  C  CG  . ASN A 1 49  ? -6.768  -8.728  12.854  1.00 40.71 ? 28  ASN A CG  1 
ATOM   208  O  OD1 . ASN A 1 49  ? -6.536  -7.608  13.332  1.00 45.30 ? 28  ASN A OD1 1 
ATOM   209  N  ND2 . ASN A 1 49  ? -7.321  -9.713  13.566  1.00 43.35 ? 28  ASN A ND2 1 
ATOM   210  N  N   . PHE A 1 50  ? -3.187  -8.460  11.950  1.00 34.87 ? 29  PHE A N   1 
ATOM   211  C  CA  . PHE A 1 50  ? -2.271  -7.721  12.837  1.00 33.95 ? 29  PHE A CA  1 
ATOM   212  C  C   . PHE A 1 50  ? -1.920  -6.337  12.241  1.00 33.72 ? 29  PHE A C   1 
ATOM   213  O  O   . PHE A 1 50  ? -2.163  -6.052  11.038  1.00 33.67 ? 29  PHE A O   1 
ATOM   214  C  CB  . PHE A 1 50  ? -1.001  -8.528  13.193  1.00 33.19 ? 29  PHE A CB  1 
ATOM   215  C  CG  . PHE A 1 50  ? -0.211  -9.009  12.001  1.00 32.46 ? 29  PHE A CG  1 
ATOM   216  C  CD1 . PHE A 1 50  ? 0.764   -8.204  11.410  1.00 32.93 ? 29  PHE A CD1 1 
ATOM   217  C  CD2 . PHE A 1 50  ? -0.418  -10.287 11.485  1.00 32.41 ? 29  PHE A CD2 1 
ATOM   218  C  CE1 . PHE A 1 50  ? 1.534   -8.663  10.283  1.00 31.57 ? 29  PHE A CE1 1 
ATOM   219  C  CE2 . PHE A 1 50  ? 0.319   -10.758 10.372  1.00 31.60 ? 29  PHE A CE2 1 
ATOM   220  C  CZ  . PHE A 1 50  ? 1.296   -9.930  9.767   1.00 32.63 ? 29  PHE A CZ  1 
ATOM   221  N  N   . ARG A 1 51  ? -1.370  -5.484  13.093  1.00 33.17 ? 30  ARG A N   1 
ATOM   222  C  CA  . ARG A 1 51  ? -0.939  -4.150  12.697  1.00 33.19 ? 30  ARG A CA  1 
ATOM   223  C  C   . ARG A 1 51  ? 0.564   -4.146  12.757  1.00 33.29 ? 30  ARG A C   1 
ATOM   224  O  O   . ARG A 1 51  ? 1.146   -4.785  13.642  1.00 32.82 ? 30  ARG A O   1 
ATOM   225  C  CB  . ARG A 1 51  ? -1.533  -3.075  13.628  1.00 33.57 ? 30  ARG A CB  1 
ATOM   226  N  N   . MET A 1 52  ? 1.206   -3.448  11.813  1.00 33.71 ? 31  MET A N   1 
ATOM   227  C  CA  . MET A 1 52  ? 2.661   -3.351  11.834  1.00 33.86 ? 31  MET A CA  1 
ATOM   228  C  C   . MET A 1 52  ? 3.207   -1.950  11.531  1.00 34.44 ? 31  MET A C   1 
ATOM   229  O  O   . MET A 1 52  ? 2.630   -1.187  10.727  1.00 34.77 ? 31  MET A O   1 
ATOM   230  C  CB  . MET A 1 52  ? 3.299   -4.420  10.925  1.00 34.55 ? 31  MET A CB  1 
ATOM   231  C  CG  . MET A 1 52  ? 3.069   -4.269  9.433   1.00 34.99 ? 31  MET A CG  1 
ATOM   232  S  SD  . MET A 1 52  ? 3.931   -5.545  8.496   1.00 39.71 ? 31  MET A SD  1 
ATOM   233  C  CE  . MET A 1 52  ? 5.604   -4.908  8.518   1.00 39.06 ? 31  MET A CE  1 
ATOM   234  N  N   . ALA A 1 53  ? 4.337   -1.637  12.162  1.00 34.20 ? 32  ALA A N   1 
ATOM   235  C  CA  . ALA A 1 53  ? 4.966   -0.332  12.068  1.00 34.61 ? 32  ALA A CA  1 
ATOM   236  C  C   . ALA A 1 53  ? 6.186   -0.348  11.153  1.00 35.28 ? 32  ALA A C   1 
ATOM   237  O  O   . ALA A 1 53  ? 7.005   -1.261  11.240  1.00 35.18 ? 32  ALA A O   1 
ATOM   238  C  CB  . ALA A 1 53  ? 5.372   0.128   13.458  1.00 34.10 ? 32  ALA A CB  1 
ATOM   239  N  N   . THR A 1 54  ? 6.284   0.638   10.255  1.00 36.45 ? 33  THR A N   1 
ATOM   240  C  CA  . THR A 1 54  ? 7.538   0.928   9.546   1.00 37.74 ? 33  THR A CA  1 
ATOM   241  C  C   . THR A 1 54  ? 7.944   2.354   9.822   1.00 39.95 ? 33  THR A C   1 
ATOM   242  O  O   . THR A 1 54  ? 7.096   3.213   10.003  1.00 40.37 ? 33  THR A O   1 
ATOM   243  C  CB  . THR A 1 54  ? 7.455   0.738   8.026   1.00 37.50 ? 33  THR A CB  1 
ATOM   244  O  OG1 . THR A 1 54  ? 6.449   1.606   7.464   1.00 37.40 ? 33  THR A OG1 1 
ATOM   245  C  CG2 . THR A 1 54  ? 7.177   -0.709  7.683   1.00 36.18 ? 33  THR A CG2 1 
ATOM   246  N  N   . PHE A 1 55  ? 9.240   2.614   9.884   1.00 42.40 ? 34  PHE A N   1 
ATOM   247  C  CA  . PHE A 1 55  ? 9.700   3.980   10.069  1.00 45.14 ? 34  PHE A CA  1 
ATOM   248  C  C   . PHE A 1 55  ? 10.934  4.261   9.224   1.00 46.30 ? 34  PHE A C   1 
ATOM   249  O  O   . PHE A 1 55  ? 11.649  3.329   8.812   1.00 46.35 ? 34  PHE A O   1 
ATOM   250  C  CB  . PHE A 1 55  ? 9.956   4.297   11.561  1.00 45.64 ? 34  PHE A CB  1 
ATOM   251  C  CG  . PHE A 1 55  ? 10.388  3.106   12.373  1.00 48.47 ? 34  PHE A CG  1 
ATOM   252  C  CD1 . PHE A 1 55  ? 11.735  2.895   12.658  1.00 50.43 ? 34  PHE A CD1 1 
ATOM   253  C  CD2 . PHE A 1 55  ? 9.443   2.183   12.845  1.00 50.39 ? 34  PHE A CD2 1 
ATOM   254  C  CE1 . PHE A 1 55  ? 12.136  1.771   13.404  1.00 52.21 ? 34  PHE A CE1 1 
ATOM   255  C  CE2 . PHE A 1 55  ? 9.831   1.069   13.608  1.00 51.28 ? 34  PHE A CE2 1 
ATOM   256  C  CZ  . PHE A 1 55  ? 11.174  0.856   13.884  1.00 50.96 ? 34  PHE A CZ  1 
ATOM   257  N  N   . GLU A 1 56  ? 11.141  5.552   8.952   1.00 47.55 ? 35  GLU A N   1 
ATOM   258  C  CA  . GLU A 1 56  ? 12.336  6.075   8.280   1.00 48.59 ? 35  GLU A CA  1 
ATOM   259  C  C   . GLU A 1 56  ? 13.581  5.867   9.155   1.00 48.70 ? 35  GLU A C   1 
ATOM   260  O  O   . GLU A 1 56  ? 13.558  6.157   10.358  1.00 48.99 ? 35  GLU A O   1 
ATOM   261  C  CB  . GLU A 1 56  ? 12.156  7.579   7.978   1.00 48.64 ? 35  GLU A CB  1 
ATOM   262  N  N   . LYS A 1 69  ? 5.786   9.803   11.996  1.00 47.40 ? 48  LYS A N   1 
ATOM   263  C  CA  . LYS A 1 69  ? 7.132   9.300   12.267  1.00 47.22 ? 48  LYS A CA  1 
ATOM   264  C  C   . LYS A 1 69  ? 7.197   7.789   11.975  1.00 47.17 ? 48  LYS A C   1 
ATOM   265  O  O   . LYS A 1 69  ? 8.083   7.326   11.221  1.00 47.45 ? 48  LYS A O   1 
ATOM   266  C  CB  . LYS A 1 69  ? 7.543   9.608   13.711  1.00 47.38 ? 48  LYS A CB  1 
ATOM   267  N  N   . THR A 1 70  ? 6.264   7.034   12.568  1.00 46.28 ? 49  THR A N   1 
ATOM   268  C  CA  . THR A 1 70  ? 6.071   5.621   12.228  1.00 45.74 ? 49  THR A CA  1 
ATOM   269  C  C   . THR A 1 70  ? 4.758   5.446   11.462  1.00 44.89 ? 49  THR A C   1 
ATOM   270  O  O   . THR A 1 70  ? 3.748   6.108   11.762  1.00 45.01 ? 49  THR A O   1 
ATOM   271  C  CB  . THR A 1 70  ? 6.107   4.632   13.461  1.00 46.04 ? 49  THR A CB  1 
ATOM   272  O  OG1 . THR A 1 70  ? 4.829   4.594   14.107  1.00 47.45 ? 49  THR A OG1 1 
ATOM   273  C  CG2 . THR A 1 70  ? 7.205   4.985   14.494  1.00 46.46 ? 49  THR A CG2 1 
ATOM   274  N  N   . GLU A 1 71  ? 4.788   4.571   10.461  1.00 43.58 ? 50  GLU A N   1 
ATOM   275  C  CA  . GLU A 1 71  ? 3.601   4.200   9.725   1.00 42.38 ? 50  GLU A CA  1 
ATOM   276  C  C   . GLU A 1 71  ? 3.009   2.921   10.299  1.00 41.48 ? 50  GLU A C   1 
ATOM   277  O  O   . GLU A 1 71  ? 3.701   1.911   10.420  1.00 41.19 ? 50  GLU A O   1 
ATOM   278  C  CB  . GLU A 1 71  ? 3.914   4.023   8.234   1.00 42.41 ? 50  GLU A CB  1 
ATOM   279  C  CG  . GLU A 1 71  ? 3.880   5.290   7.390   1.00 42.99 ? 50  GLU A CG  1 
ATOM   280  C  CD  . GLU A 1 71  ? 2.592   6.135   7.536   1.00 44.30 ? 50  GLU A CD  1 
ATOM   281  O  OE1 . GLU A 1 71  ? 1.455   5.575   7.535   1.00 40.97 ? 50  GLU A OE1 1 
ATOM   282  O  OE2 . GLU A 1 71  ? 2.746   7.386   7.655   1.00 45.03 ? 50  GLU A OE2 1 
ATOM   283  N  N   . TRP A 1 72  ? 1.732   2.976   10.665  1.00 40.77 ? 51  TRP A N   1 
ATOM   284  C  CA  . TRP A 1 72  ? 1.002   1.764   11.068  1.00 39.83 ? 51  TRP A CA  1 
ATOM   285  C  C   . TRP A 1 72  ? 0.250   1.206   9.883   1.00 39.32 ? 51  TRP A C   1 
ATOM   286  O  O   . TRP A 1 72  ? -0.533  1.916   9.248   1.00 40.29 ? 51  TRP A O   1 
ATOM   287  C  CB  . TRP A 1 72  ? 0.063   2.032   12.250  1.00 39.13 ? 51  TRP A CB  1 
ATOM   288  C  CG  . TRP A 1 72  ? 0.841   2.220   13.491  1.00 39.97 ? 51  TRP A CG  1 
ATOM   289  C  CD1 . TRP A 1 72  ? 1.220   3.411   14.055  1.00 41.86 ? 51  TRP A CD1 1 
ATOM   290  C  CD2 . TRP A 1 72  ? 1.426   1.194   14.297  1.00 40.75 ? 51  TRP A CD2 1 
ATOM   291  N  NE1 . TRP A 1 72  ? 1.978   3.187   15.188  1.00 41.49 ? 51  TRP A NE1 1 
ATOM   292  C  CE2 . TRP A 1 72  ? 2.119   1.835   15.358  1.00 41.74 ? 51  TRP A CE2 1 
ATOM   293  C  CE3 . TRP A 1 72  ? 1.428   -0.206  14.233  1.00 41.94 ? 51  TRP A CE3 1 
ATOM   294  C  CZ2 . TRP A 1 72  ? 2.798   1.121   16.354  1.00 42.03 ? 51  TRP A CZ2 1 
ATOM   295  C  CZ3 . TRP A 1 72  ? 2.096   -0.917  15.232  1.00 42.55 ? 51  TRP A CZ3 1 
ATOM   296  C  CH2 . TRP A 1 72  ? 2.776   -0.251  16.271  1.00 42.41 ? 51  TRP A CH2 1 
ATOM   297  N  N   . HIS A 1 73  ? 0.501   -0.055  9.571   1.00 37.97 ? 52  HIS A N   1 
ATOM   298  C  CA  . HIS A 1 73  ? -0.163  -0.700  8.460   1.00 37.18 ? 52  HIS A CA  1 
ATOM   299  C  C   . HIS A 1 73  ? -0.993  -1.836  9.008   1.00 36.93 ? 52  HIS A C   1 
ATOM   300  O  O   . HIS A 1 73  ? -0.540  -2.613  9.893   1.00 37.52 ? 52  HIS A O   1 
ATOM   301  C  CB  . HIS A 1 73  ? 0.849   -1.265  7.473   1.00 37.09 ? 52  HIS A CB  1 
ATOM   302  C  CG  . HIS A 1 73  ? 1.935   -0.298  7.102   1.00 38.35 ? 52  HIS A CG  1 
ATOM   303  N  ND1 . HIS A 1 73  ? 1.886   0.477   5.963   1.00 38.37 ? 52  HIS A ND1 1 
ATOM   304  C  CD2 . HIS A 1 73  ? 3.097   0.024   7.727   1.00 37.23 ? 52  HIS A CD2 1 
ATOM   305  C  CE1 . HIS A 1 73  ? 2.974   1.228   5.899   1.00 37.96 ? 52  HIS A CE1 1 
ATOM   306  N  NE2 . HIS A 1 73  ? 3.721   0.977   6.959   1.00 36.66 ? 52  HIS A NE2 1 
ATOM   307  N  N   . SER A 1 74  ? -2.205  -1.930  8.474   1.00 34.97 ? 53  SER A N   1 
ATOM   308  C  CA  . SER A 1 74  ? -3.147  -2.916  8.879   1.00 34.34 ? 53  SER A CA  1 
ATOM   309  C  C   . SER A 1 74  ? -3.066  -4.098  7.916   1.00 33.45 ? 53  SER A C   1 
ATOM   310  O  O   . SER A 1 74  ? -3.348  -3.957  6.728   1.00 34.12 ? 53  SER A O   1 
ATOM   311  C  CB  . SER A 1 74  ? -4.522  -2.268  8.884   1.00 34.43 ? 53  SER A CB  1 
ATOM   312  O  OG  . SER A 1 74  ? -5.498  -3.256  9.070   1.00 38.70 ? 53  SER A OG  1 
ATOM   313  N  N   . VAL A 1 75  ? -2.639  -5.256  8.410   1.00 32.78 ? 54  VAL A N   1 
ATOM   314  C  CA  . VAL A 1 75  ? -2.418  -6.420  7.549   1.00 31.15 ? 54  VAL A CA  1 
ATOM   315  C  C   . VAL A 1 75  ? -3.441  -7.524  7.837   1.00 31.51 ? 54  VAL A C   1 
ATOM   316  O  O   . VAL A 1 75  ? -3.778  -7.814  9.023   1.00 31.45 ? 54  VAL A O   1 
ATOM   317  C  CB  . VAL A 1 75  ? -1.009  -6.996  7.744   1.00 31.49 ? 54  VAL A CB  1 
ATOM   318  C  CG1 . VAL A 1 75  ? -0.740  -8.132  6.755   1.00 30.51 ? 54  VAL A CG1 1 
ATOM   319  C  CG2 . VAL A 1 75  ? 0.036   -5.924  7.558   1.00 30.20 ? 54  VAL A CG2 1 
ATOM   320  N  N   . VAL A 1 76  ? -3.901  -8.151  6.752   1.00 30.72 ? 55  VAL A N   1 
ATOM   321  C  CA  . VAL A 1 76  ? -4.971  -9.160  6.763   1.00 29.95 ? 55  VAL A CA  1 
ATOM   322  C  C   . VAL A 1 76  ? -4.481  -10.396 6.015   1.00 30.56 ? 55  VAL A C   1 
ATOM   323  O  O   . VAL A 1 76  ? -4.117  -10.288 4.827   1.00 31.18 ? 55  VAL A O   1 
ATOM   324  C  CB  . VAL A 1 76  ? -6.261  -8.630  6.087   1.00 29.73 ? 55  VAL A CB  1 
ATOM   325  C  CG1 . VAL A 1 76  ? -7.305  -9.745  5.946   1.00 29.51 ? 55  VAL A CG1 1 
ATOM   326  C  CG2 . VAL A 1 76  ? -6.890  -7.449  6.904   1.00 29.34 ? 55  VAL A CG2 1 
ATOM   327  N  N   . VAL A 1 77  ? -4.429  -11.558 6.688   1.00 29.74 ? 56  VAL A N   1 
ATOM   328  C  CA  . VAL A 1 77  ? -3.843  -12.727 6.049   1.00 29.43 ? 56  VAL A CA  1 
ATOM   329  C  C   . VAL A 1 77  ? -4.899  -13.756 5.787   1.00 30.65 ? 56  VAL A C   1 
ATOM   330  O  O   . VAL A 1 77  ? -5.471  -14.321 6.721   1.00 31.39 ? 56  VAL A O   1 
ATOM   331  C  CB  . VAL A 1 77  ? -2.648  -13.333 6.844   1.00 29.56 ? 56  VAL A CB  1 
ATOM   332  C  CG1 . VAL A 1 77  ? -1.929  -14.441 6.060   1.00 27.62 ? 56  VAL A CG1 1 
ATOM   333  C  CG2 . VAL A 1 77  ? -1.661  -12.266 7.232   1.00 26.73 ? 56  VAL A CG2 1 
ATOM   334  N  N   . PHE A 1 78  ? -5.187  -13.994 4.508   1.00 31.37 ? 57  PHE A N   1 
ATOM   335  C  CA  . PHE A 1 78  ? -6.145  -15.036 4.152   1.00 31.23 ? 57  PHE A CA  1 
ATOM   336  C  C   . PHE A 1 78  ? -5.367  -16.267 3.752   1.00 32.31 ? 57  PHE A C   1 
ATOM   337  O  O   . PHE A 1 78  ? -5.846  -17.365 3.963   1.00 31.98 ? 57  PHE A O   1 
ATOM   338  C  CB  . PHE A 1 78  ? -7.008  -14.628 2.970   1.00 30.82 ? 57  PHE A CB  1 
ATOM   339  C  CG  . PHE A 1 78  ? -7.950  -13.494 3.248   1.00 30.19 ? 57  PHE A CG  1 
ATOM   340  C  CD1 . PHE A 1 78  ? -9.163  -13.715 3.921   1.00 30.01 ? 57  PHE A CD1 1 
ATOM   341  C  CD2 . PHE A 1 78  ? -7.666  -12.219 2.778   1.00 28.96 ? 57  PHE A CD2 1 
ATOM   342  C  CE1 . PHE A 1 78  ? -10.062 -12.668 4.145   1.00 29.29 ? 57  PHE A CE1 1 
ATOM   343  C  CE2 . PHE A 1 78  ? -8.538  -11.153 3.003   1.00 29.64 ? 57  PHE A CE2 1 
ATOM   344  C  CZ  . PHE A 1 78  ? -9.752  -11.381 3.697   1.00 31.26 ? 57  PHE A CZ  1 
ATOM   345  N  N   . ASN A 1 79  ? -4.186  -16.085 3.138   1.00 32.99 ? 58  ASN A N   1 
ATOM   346  C  CA  . ASN A 1 79  ? -3.368  -17.235 2.714   1.00 34.14 ? 58  ASN A CA  1 
ATOM   347  C  C   . ASN A 1 79  ? -3.321  -18.198 3.901   1.00 34.27 ? 58  ASN A C   1 
ATOM   348  O  O   . ASN A 1 79  ? -2.792  -17.855 4.944   1.00 34.56 ? 58  ASN A O   1 
ATOM   349  C  CB  . ASN A 1 79  ? -1.942  -16.798 2.289   1.00 33.54 ? 58  ASN A CB  1 
ATOM   350  C  CG  . ASN A 1 79  ? -1.072  -17.958 1.854   1.00 35.31 ? 58  ASN A CG  1 
ATOM   351  O  OD1 . ASN A 1 79  ? -0.832  -18.890 2.627   1.00 42.31 ? 58  ASN A OD1 1 
ATOM   352  N  ND2 . ASN A 1 79  ? -0.592  -17.922 0.617   1.00 35.61 ? 58  ASN A ND2 1 
ATOM   353  N  N   . PRO A 1 80  ? -3.905  -19.391 3.764   1.00 34.92 ? 59  PRO A N   1 
ATOM   354  C  CA  . PRO A 1 80  ? -3.999  -20.241 4.965   1.00 35.29 ? 59  PRO A CA  1 
ATOM   355  C  C   . PRO A 1 80  ? -2.633  -20.610 5.547   1.00 35.92 ? 59  PRO A C   1 
ATOM   356  O  O   . PRO A 1 80  ? -2.460  -20.580 6.769   1.00 35.95 ? 59  PRO A O   1 
ATOM   357  C  CB  . PRO A 1 80  ? -4.737  -21.489 4.467   1.00 34.92 ? 59  PRO A CB  1 
ATOM   358  C  CG  . PRO A 1 80  ? -4.611  -21.456 2.980   1.00 34.82 ? 59  PRO A CG  1 
ATOM   359  C  CD  . PRO A 1 80  ? -4.526  -20.022 2.583   1.00 34.97 ? 59  PRO A CD  1 
ATOM   360  N  N   . HIS A 1 81  ? -1.674  -20.933 4.675   1.00 36.17 ? 60  HIS A N   1 
ATOM   361  C  CA  . HIS A 1 81  ? -0.332  -21.284 5.094   1.00 36.38 ? 60  HIS A CA  1 
ATOM   362  C  C   . HIS A 1 81  ? 0.331   -20.137 5.874   1.00 36.28 ? 60  HIS A C   1 
ATOM   363  O  O   . HIS A 1 81  ? 0.858   -20.344 6.961   1.00 36.77 ? 60  HIS A O   1 
ATOM   364  C  CB  . HIS A 1 81  ? 0.473   -21.659 3.861   1.00 37.12 ? 60  HIS A CB  1 
ATOM   365  C  CG  . HIS A 1 81  ? 1.952   -21.693 4.072   1.00 40.28 ? 60  HIS A CG  1 
ATOM   366  N  ND1 . HIS A 1 81  ? 2.584   -22.704 4.766   1.00 43.41 ? 60  HIS A ND1 1 
ATOM   367  C  CD2 . HIS A 1 81  ? 2.933   -20.860 3.637   1.00 43.14 ? 60  HIS A CD2 1 
ATOM   368  C  CE1 . HIS A 1 81  ? 3.891   -22.481 4.770   1.00 44.10 ? 60  HIS A CE1 1 
ATOM   369  N  NE2 . HIS A 1 81  ? 4.129   -21.371 4.087   1.00 44.06 ? 60  HIS A NE2 1 
ATOM   370  N  N   . PHE A 1 82  ? 0.296   -18.918 5.350   1.00 35.30 ? 61  PHE A N   1 
ATOM   371  C  CA  . PHE A 1 82  ? 0.935   -17.837 6.075   1.00 34.44 ? 61  PHE A CA  1 
ATOM   372  C  C   . PHE A 1 82  ? 0.114   -17.479 7.330   1.00 34.71 ? 61  PHE A C   1 
ATOM   373  O  O   . PHE A 1 82  ? 0.664   -16.971 8.325   1.00 35.54 ? 61  PHE A O   1 
ATOM   374  C  CB  . PHE A 1 82  ? 1.251   -16.651 5.166   1.00 33.29 ? 61  PHE A CB  1 
ATOM   375  C  CG  . PHE A 1 82  ? 2.320   -16.942 4.109   1.00 32.69 ? 61  PHE A CG  1 
ATOM   376  C  CD1 . PHE A 1 82  ? 3.599   -17.402 4.472   1.00 31.77 ? 61  PHE A CD1 1 
ATOM   377  C  CD2 . PHE A 1 82  ? 2.070   -16.711 2.758   1.00 32.20 ? 61  PHE A CD2 1 
ATOM   378  C  CE1 . PHE A 1 82  ? 4.598   -17.650 3.510   1.00 28.94 ? 61  PHE A CE1 1 
ATOM   379  C  CE2 . PHE A 1 82  ? 3.069   -16.989 1.770   1.00 32.35 ? 61  PHE A CE2 1 
ATOM   380  C  CZ  . PHE A 1 82  ? 4.341   -17.444 2.161   1.00 29.64 ? 61  PHE A CZ  1 
ATOM   381  N  N   . ALA A 1 83  ? -1.179  -17.786 7.323   1.00 33.53 ? 62  ALA A N   1 
ATOM   382  C  CA  . ALA A 1 83  ? -1.984  -17.478 8.485   1.00 33.86 ? 62  ALA A CA  1 
ATOM   383  C  C   . ALA A 1 83  ? -1.510  -18.311 9.672   1.00 34.10 ? 62  ALA A C   1 
ATOM   384  O  O   . ALA A 1 83  ? -1.323  -17.798 10.776  1.00 34.60 ? 62  ALA A O   1 
ATOM   385  C  CB  . ALA A 1 83  ? -3.447  -17.724 8.215   1.00 33.27 ? 62  ALA A CB  1 
ATOM   386  N  N   . LYS A 1 84  ? -1.300  -19.598 9.455   1.00 34.21 ? 63  LYS A N   1 
ATOM   387  C  CA  . LYS A 1 84  ? -1.015  -20.459 10.590  1.00 34.89 ? 63  LYS A CA  1 
ATOM   388  C  C   . LYS A 1 84  ? 0.357   -20.081 11.118  1.00 34.50 ? 63  LYS A C   1 
ATOM   389  O  O   . LYS A 1 84  ? 0.579   -20.077 12.324  1.00 35.12 ? 63  LYS A O   1 
ATOM   390  C  CB  . LYS A 1 84  ? -1.189  -21.970 10.265  1.00 34.82 ? 63  LYS A CB  1 
ATOM   391  N  N   . ILE A 1 85  ? 1.246   -19.687 10.207  1.00 34.42 ? 64  ILE A N   1 
ATOM   392  C  CA  . ILE A 1 85  ? 2.606   -19.264 10.550  1.00 33.35 ? 64  ILE A CA  1 
ATOM   393  C  C   . ILE A 1 85  ? 2.639   -17.977 11.390  1.00 33.74 ? 64  ILE A C   1 
ATOM   394  O  O   . ILE A 1 85  ? 3.492   -17.832 12.288  1.00 34.00 ? 64  ILE A O   1 
ATOM   395  C  CB  . ILE A 1 85  ? 3.463   -19.039 9.283   1.00 33.81 ? 64  ILE A CB  1 
ATOM   396  C  CG1 . ILE A 1 85  ? 3.810   -20.399 8.663   1.00 33.67 ? 64  ILE A CG1 1 
ATOM   397  C  CG2 . ILE A 1 85  ? 4.728   -18.175 9.623   1.00 28.81 ? 64  ILE A CG2 1 
ATOM   398  C  CD1 . ILE A 1 85  ? 4.848   -20.325 7.567   1.00 36.62 ? 64  ILE A CD1 1 
ATOM   399  N  N   . ALA A 1 86  ? 1.738   -17.044 11.091  1.00 32.41 ? 65  ALA A N   1 
ATOM   400  C  CA  . ALA A 1 86  ? 1.622   -15.867 11.894  1.00 32.14 ? 65  ALA A CA  1 
ATOM   401  C  C   . ALA A 1 86  ? 1.198   -16.287 13.304  1.00 32.75 ? 65  ALA A C   1 
ATOM   402  O  O   . ALA A 1 86  ? 1.825   -15.873 14.286  1.00 32.69 ? 65  ALA A O   1 
ATOM   403  C  CB  . ALA A 1 86  ? 0.626   -14.931 11.291  1.00 32.24 ? 65  ALA A CB  1 
ATOM   404  N  N   . LEU A 1 87  ? 0.173   -17.138 13.416  1.00 32.97 ? 66  LEU A N   1 
ATOM   405  C  CA  . LEU A 1 87  ? -0.320  -17.500 14.756  1.00 33.64 ? 66  LEU A CA  1 
ATOM   406  C  C   . LEU A 1 87  ? 0.699   -18.292 15.505  1.00 33.72 ? 66  LEU A C   1 
ATOM   407  O  O   . LEU A 1 87  ? 0.882   -18.082 16.691  1.00 34.41 ? 66  LEU A O   1 
ATOM   408  C  CB  . LEU A 1 87  ? -1.660  -18.235 14.750  1.00 33.44 ? 66  LEU A CB  1 
ATOM   409  C  CG  . LEU A 1 87  ? -2.891  -17.369 14.421  1.00 33.76 ? 66  LEU A CG  1 
ATOM   410  C  CD1 . LEU A 1 87  ? -4.056  -18.284 14.009  1.00 32.54 ? 66  LEU A CD1 1 
ATOM   411  C  CD2 . LEU A 1 87  ? -3.308  -16.467 15.580  1.00 33.54 ? 66  LEU A CD2 1 
ATOM   412  N  N   . GLN A 1 88  ? 1.403   -19.172 14.815  1.00 34.02 ? 67  GLN A N   1 
ATOM   413  C  CA  . GLN A 1 88  ? 2.374   -20.011 15.501  1.00 34.43 ? 67  GLN A CA  1 
ATOM   414  C  C   . GLN A 1 88  ? 3.659   -19.273 15.890  1.00 34.70 ? 67  GLN A C   1 
ATOM   415  O  O   . GLN A 1 88  ? 4.208   -19.544 16.963  1.00 34.65 ? 67  GLN A O   1 
ATOM   416  C  CB  . GLN A 1 88  ? 2.661   -21.276 14.697  1.00 34.37 ? 67  GLN A CB  1 
ATOM   417  C  CG  . GLN A 1 88  ? 1.412   -22.135 14.513  1.00 36.87 ? 67  GLN A CG  1 
ATOM   418  C  CD  . GLN A 1 88  ? 0.933   -22.797 15.818  1.00 41.56 ? 67  GLN A CD  1 
ATOM   419  O  OE1 . GLN A 1 88  ? -0.260  -22.739 16.150  1.00 43.49 ? 67  GLN A OE1 1 
ATOM   420  N  NE2 . GLN A 1 88  ? 1.863   -23.436 16.556  1.00 40.54 ? 67  GLN A NE2 1 
ATOM   421  N  N   . TYR A 1 89  ? 4.112   -18.319 15.061  1.00 34.79 ? 68  TYR A N   1 
ATOM   422  C  CA  . TYR A 1 89  ? 5.441   -17.730 15.251  1.00 34.85 ? 68  TYR A CA  1 
ATOM   423  C  C   . TYR A 1 89  ? 5.558   -16.214 15.530  1.00 34.95 ? 68  TYR A C   1 
ATOM   424  O  O   . TYR A 1 89  ? 6.604   -15.757 16.014  1.00 35.04 ? 68  TYR A O   1 
ATOM   425  C  CB  . TYR A 1 89  ? 6.348   -18.107 14.072  1.00 35.05 ? 68  TYR A CB  1 
ATOM   426  C  CG  . TYR A 1 89  ? 6.512   -19.593 13.879  1.00 35.82 ? 68  TYR A CG  1 
ATOM   427  C  CD1 . TYR A 1 89  ? 5.811   -20.261 12.879  1.00 36.34 ? 68  TYR A CD1 1 
ATOM   428  C  CD2 . TYR A 1 89  ? 7.359   -20.343 14.712  1.00 38.58 ? 68  TYR A CD2 1 
ATOM   429  C  CE1 . TYR A 1 89  ? 5.949   -21.639 12.692  1.00 37.56 ? 68  TYR A CE1 1 
ATOM   430  C  CE2 . TYR A 1 89  ? 7.495   -21.735 14.548  1.00 39.30 ? 68  TYR A CE2 1 
ATOM   431  C  CZ  . TYR A 1 89  ? 6.789   -22.365 13.522  1.00 40.11 ? 68  TYR A CZ  1 
ATOM   432  O  OH  . TYR A 1 89  ? 6.900   -23.730 13.327  1.00 43.20 ? 68  TYR A OH  1 
ATOM   433  N  N   . LEU A 1 90  ? 4.525   -15.432 15.206  1.00 34.72 ? 69  LEU A N   1 
ATOM   434  C  CA  . LEU A 1 90  ? 4.584   -13.978 15.413  1.00 34.06 ? 69  LEU A CA  1 
ATOM   435  C  C   . LEU A 1 90  ? 3.937   -13.519 16.715  1.00 34.02 ? 69  LEU A C   1 
ATOM   436  O  O   . LEU A 1 90  ? 2.979   -14.137 17.214  1.00 33.27 ? 69  LEU A O   1 
ATOM   437  C  CB  . LEU A 1 90  ? 3.958   -13.219 14.240  1.00 34.39 ? 69  LEU A CB  1 
ATOM   438  C  CG  . LEU A 1 90  ? 4.474   -13.517 12.836  1.00 34.71 ? 69  LEU A CG  1 
ATOM   439  C  CD1 . LEU A 1 90  ? 3.939   -12.486 11.850  1.00 35.01 ? 69  LEU A CD1 1 
ATOM   440  C  CD2 . LEU A 1 90  ? 5.944   -13.529 12.816  1.00 35.67 ? 69  LEU A CD2 1 
ATOM   441  N  N   . HIS A 1 91  ? 4.480   -12.431 17.266  1.00 33.89 ? 70  HIS A N   1 
ATOM   442  C  CA  A HIS A 1 91  ? 3.966   -11.843 18.507  0.50 34.11 ? 70  HIS A CA  1 
ATOM   443  C  CA  B HIS A 1 91  ? 3.985   -11.853 18.526  0.50 34.15 ? 70  HIS A CA  1 
ATOM   444  C  C   . HIS A 1 91  ? 4.279   -10.363 18.495  1.00 33.98 ? 70  HIS A C   1 
ATOM   445  O  O   . HIS A 1 91  ? 4.960   -9.892  17.602  1.00 34.36 ? 70  HIS A O   1 
ATOM   446  C  CB  A HIS A 1 91  ? 4.574   -12.522 19.745  0.50 33.69 ? 70  HIS A CB  1 
ATOM   447  C  CB  B HIS A 1 91  ? 4.660   -12.484 19.759  0.50 33.81 ? 70  HIS A CB  1 
ATOM   448  C  CG  A HIS A 1 91  ? 6.064   -12.684 19.685  0.50 34.42 ? 70  HIS A CG  1 
ATOM   449  C  CG  B HIS A 1 91  ? 4.747   -13.981 19.723  0.50 34.61 ? 70  HIS A CG  1 
ATOM   450  N  ND1 A HIS A 1 91  ? 6.939   -11.656 19.961  0.50 34.94 ? 70  HIS A ND1 1 
ATOM   451  N  ND1 B HIS A 1 91  ? 3.852   -14.798 20.387  0.50 36.85 ? 70  HIS A ND1 1 
ATOM   452  C  CD2 A HIS A 1 91  ? 6.833   -13.761 19.391  0.50 34.80 ? 70  HIS A CD2 1 
ATOM   453  C  CD2 B HIS A 1 91  ? 5.638   -14.808 19.126  0.50 34.60 ? 70  HIS A CD2 1 
ATOM   454  C  CE1 A HIS A 1 91  ? 8.182   -12.090 19.840  0.50 34.80 ? 70  HIS A CE1 1 
ATOM   455  C  CE1 B HIS A 1 91  ? 4.181   -16.063 20.185  0.50 36.97 ? 70  HIS A CE1 1 
ATOM   456  N  NE2 A HIS A 1 91  ? 8.146   -13.364 19.492  0.50 34.70 ? 70  HIS A NE2 1 
ATOM   457  N  NE2 B HIS A 1 91  ? 5.260   -16.094 19.420  0.50 36.18 ? 70  HIS A NE2 1 
ATOM   458  N  N   . LYS A 1 92  ? 3.777   -9.628  19.478  1.00 34.01 ? 71  LYS A N   1 
ATOM   459  C  CA  . LYS A 1 92  ? 4.090   -8.220  19.572  1.00 34.08 ? 71  LYS A CA  1 
ATOM   460  C  C   . LYS A 1 92  ? 5.595   -8.054  19.521  1.00 34.24 ? 71  LYS A C   1 
ATOM   461  O  O   . LYS A 1 92  ? 6.320   -8.746  20.226  1.00 33.54 ? 71  LYS A O   1 
ATOM   462  C  CB  . LYS A 1 92  ? 3.535   -7.606  20.858  1.00 34.56 ? 71  LYS A CB  1 
ATOM   463  C  CG  . LYS A 1 92  ? 3.619   -6.082  20.876  1.00 36.23 ? 71  LYS A CG  1 
ATOM   464  C  CD  . LYS A 1 92  ? 3.096   -5.469  22.158  1.00 40.28 ? 71  LYS A CD  1 
ATOM   465  C  CE  . LYS A 1 92  ? 3.268   -3.948  22.121  1.00 42.31 ? 71  LYS A CE  1 
ATOM   466  N  NZ  . LYS A 1 92  ? 2.717   -3.285  23.357  1.00 44.92 ? 71  LYS A NZ  1 
ATOM   467  N  N   . GLY A 1 93  ? 6.068   -7.156  18.653  1.00 34.68 ? 72  GLY A N   1 
ATOM   468  C  CA  . GLY A 1 93  ? 7.506   -6.900  18.565  1.00 34.49 ? 72  GLY A CA  1 
ATOM   469  C  C   . GLY A 1 93  ? 8.220   -7.723  17.494  1.00 34.61 ? 72  GLY A C   1 
ATOM   470  O  O   . GLY A 1 93  ? 9.349   -7.384  17.107  1.00 35.60 ? 72  GLY A O   1 
ATOM   471  N  N   . SER A 1 94  ? 7.588   -8.795  17.013  1.00 33.18 ? 73  SER A N   1 
ATOM   472  C  CA  . SER A 1 94  ? 8.191   -9.600  15.965  1.00 33.42 ? 73  SER A CA  1 
ATOM   473  C  C   . SER A 1 94  ? 8.524   -8.753  14.708  1.00 32.55 ? 73  SER A C   1 
ATOM   474  O  O   . SER A 1 94  ? 7.770   -7.875  14.305  1.00 32.12 ? 73  SER A O   1 
ATOM   475  C  CB  . SER A 1 94  ? 7.252   -10.755 15.575  1.00 33.57 ? 73  SER A CB  1 
ATOM   476  O  OG  . SER A 1 94  ? 7.220   -11.738 16.595  1.00 34.83 ? 73  SER A OG  1 
ATOM   477  N  N   . LYS A 1 95  ? 9.652   -9.023  14.093  1.00 32.13 ? 74  LYS A N   1 
ATOM   478  C  CA  . LYS A 1 95  ? 9.973   -8.367  12.830  1.00 31.78 ? 74  LYS A CA  1 
ATOM   479  C  C   . LYS A 1 95  ? 9.564   -9.327  11.705  1.00 32.00 ? 74  LYS A C   1 
ATOM   480  O  O   . LYS A 1 95  ? 9.932   -10.514 11.732  1.00 31.68 ? 74  LYS A O   1 
ATOM   481  C  CB  . LYS A 1 95  ? 11.474  -8.035  12.752  1.00 31.25 ? 74  LYS A CB  1 
ATOM   482  C  CG  . LYS A 1 95  ? 11.871  -7.086  11.602  1.00 32.08 ? 74  LYS A CG  1 
ATOM   483  C  CD  . LYS A 1 95  ? 13.396  -6.754  11.617  1.00 30.61 ? 74  LYS A CD  1 
ATOM   484  C  CE  . LYS A 1 95  ? 13.693  -5.633  10.641  1.00 29.82 ? 74  LYS A CE  1 
ATOM   485  N  NZ  . LYS A 1 95  ? 15.159  -5.303  10.405  1.00 31.36 ? 74  LYS A NZ  1 
ATOM   486  N  N   . VAL A 1 96  ? 8.838   -8.804  10.714  1.00 31.75 ? 75  VAL A N   1 
ATOM   487  C  CA  . VAL A 1 96  ? 8.411   -9.583  9.568   1.00 32.21 ? 75  VAL A CA  1 
ATOM   488  C  C   . VAL A 1 96  ? 8.670   -8.893  8.238   1.00 32.31 ? 75  VAL A C   1 
ATOM   489  O  O   . VAL A 1 96  ? 8.820   -7.683  8.170   1.00 31.87 ? 75  VAL A O   1 
ATOM   490  C  CB  . VAL A 1 96  ? 6.890   -9.912  9.644   1.00 32.15 ? 75  VAL A CB  1 
ATOM   491  C  CG1 . VAL A 1 96  ? 6.623   -10.787 10.847  1.00 34.21 ? 75  VAL A CG1 1 
ATOM   492  C  CG2 . VAL A 1 96  ? 6.085   -8.638  9.793   1.00 31.41 ? 75  VAL A CG2 1 
ATOM   493  N  N   . TYR A 1 97  ? 8.667   -9.697  7.178   1.00 32.27 ? 76  TYR A N   1 
ATOM   494  C  CA  . TYR A 1 97  ? 8.706   -9.226  5.827   1.00 32.38 ? 76  TYR A CA  1 
ATOM   495  C  C   . TYR A 1 97  ? 7.373   -9.672  5.230   1.00 32.45 ? 76  TYR A C   1 
ATOM   496  O  O   . TYR A 1 97  ? 6.997   -10.831 5.350   1.00 31.00 ? 76  TYR A O   1 
ATOM   497  C  CB  . TYR A 1 97  ? 9.890   -9.853  5.044   1.00 32.55 ? 76  TYR A CB  1 
ATOM   498  C  CG  . TYR A 1 97  ? 9.738   -9.663  3.552   1.00 35.87 ? 76  TYR A CG  1 
ATOM   499  C  CD1 . TYR A 1 97  ? 9.183   -10.658 2.721   1.00 36.29 ? 76  TYR A CD1 1 
ATOM   500  C  CD2 . TYR A 1 97  ? 10.060  -8.432  2.972   1.00 40.10 ? 76  TYR A CD2 1 
ATOM   501  C  CE1 . TYR A 1 97  ? 9.025   -10.438 1.333   1.00 35.64 ? 76  TYR A CE1 1 
ATOM   502  C  CE2 . TYR A 1 97  ? 9.882   -8.193  1.608   1.00 38.80 ? 76  TYR A CE2 1 
ATOM   503  C  CZ  . TYR A 1 97  ? 9.380   -9.184  0.805   1.00 41.96 ? 76  TYR A CZ  1 
ATOM   504  O  OH  . TYR A 1 97  ? 9.260   -8.848  -0.533  1.00 44.77 ? 76  TYR A OH  1 
ATOM   505  N  N   . ILE A 1 98  ? 6.691   -8.752  4.547   1.00 33.10 ? 77  ILE A N   1 
ATOM   506  C  CA  . ILE A 1 98  ? 5.309   -8.958  4.089   1.00 33.27 ? 77  ILE A CA  1 
ATOM   507  C  C   . ILE A 1 98  ? 5.238   -8.532  2.648   1.00 33.12 ? 77  ILE A C   1 
ATOM   508  O  O   . ILE A 1 98  ? 5.775   -7.482  2.296   1.00 33.79 ? 77  ILE A O   1 
ATOM   509  C  CB  . ILE A 1 98  ? 4.366   -8.100  4.918   1.00 33.07 ? 77  ILE A CB  1 
ATOM   510  C  CG1 . ILE A 1 98  ? 4.118   -8.744  6.272   1.00 34.94 ? 77  ILE A CG1 1 
ATOM   511  C  CG2 . ILE A 1 98  ? 3.022   -7.933  4.273   1.00 34.74 ? 77  ILE A CG2 1 
ATOM   512  C  CD1 . ILE A 1 98  ? 2.983   -9.774  6.240   1.00 36.66 ? 77  ILE A CD1 1 
ATOM   513  N  N   . GLU A 1 99  ? 4.664   -9.377  1.801   1.00 33.03 ? 78  GLU A N   1 
ATOM   514  C  CA  . GLU A 1 99  ? 4.237   -8.944  0.473   1.00 33.84 ? 78  GLU A CA  1 
ATOM   515  C  C   . GLU A 1 99  ? 2.753   -9.158  0.398   1.00 33.39 ? 78  GLU A C   1 
ATOM   516  O  O   . GLU A 1 99  ? 2.263   -10.220 0.784   1.00 33.72 ? 78  GLU A O   1 
ATOM   517  C  CB  . GLU A 1 99  ? 4.855   -9.772  -0.638  1.00 34.47 ? 78  GLU A CB  1 
ATOM   518  C  CG  . GLU A 1 99  ? 6.278   -9.457  -0.968  1.00 36.11 ? 78  GLU A CG  1 
ATOM   519  C  CD  . GLU A 1 99  ? 6.782   -10.236 -2.169  1.00 38.91 ? 78  GLU A CD  1 
ATOM   520  O  OE1 . GLU A 1 99  ? 5.974   -10.807 -2.935  1.00 41.81 ? 78  GLU A OE1 1 
ATOM   521  O  OE2 . GLU A 1 99  ? 8.010   -10.271 -2.355  1.00 39.58 ? 78  GLU A OE2 1 
ATOM   522  N  N   . GLY A 1 100 ? 2.033   -8.172  -0.106  1.00 32.67 ? 79  GLY A N   1 
ATOM   523  C  CA  . GLY A 1 100 ? 0.608   -8.337  -0.266  1.00 32.74 ? 79  GLY A CA  1 
ATOM   524  C  C   . GLY A 1 100 ? 0.028   -7.431  -1.305  1.00 32.48 ? 79  GLY A C   1 
ATOM   525  O  O   . GLY A 1 100 ? 0.747   -6.838  -2.053  1.00 32.57 ? 79  GLY A O   1 
ATOM   526  N  N   . LYS A 1 101 ? -1.287  -7.317  -1.311  1.00 32.63 ? 80  LYS A N   1 
ATOM   527  C  CA  . LYS A 1 101 ? -1.989  -6.523  -2.278  1.00 33.57 ? 80  LYS A CA  1 
ATOM   528  C  C   . LYS A 1 101 ? -2.674  -5.419  -1.488  1.00 33.93 ? 80  LYS A C   1 
ATOM   529  O  O   . LYS A 1 101 ? -3.164  -5.662  -0.392  1.00 34.36 ? 80  LYS A O   1 
ATOM   530  C  CB  . LYS A 1 101 ? -3.046  -7.376  -3.026  1.00 33.62 ? 80  LYS A CB  1 
ATOM   531  N  N   . LEU A 1 102 ? -2.718  -4.215  -2.040  1.00 33.80 ? 81  LEU A N   1 
ATOM   532  C  CA  . LEU A 1 102 ? -3.446  -3.121  -1.427  1.00 34.36 ? 81  LEU A CA  1 
ATOM   533  C  C   . LEU A 1 102 ? -4.947  -3.260  -1.696  1.00 35.06 ? 81  LEU A C   1 
ATOM   534  O  O   . LEU A 1 102 ? -5.365  -3.331  -2.856  1.00 34.10 ? 81  LEU A O   1 
ATOM   535  C  CB  . LEU A 1 102 ? -2.982  -1.823  -2.081  1.00 34.64 ? 81  LEU A CB  1 
ATOM   536  C  CG  . LEU A 1 102 ? -2.572  -0.661  -1.211  1.00 35.53 ? 81  LEU A CG  1 
ATOM   537  C  CD1 . LEU A 1 102 ? -1.927  -1.156  0.056   1.00 34.96 ? 81  LEU A CD1 1 
ATOM   538  C  CD2 . LEU A 1 102 ? -1.640  0.260   -1.963  1.00 35.60 ? 81  LEU A CD2 1 
ATOM   539  N  N   . GLN A 1 103 ? -5.760  -3.279  -0.644  1.00 35.92 ? 82  GLN A N   1 
ATOM   540  C  CA  . GLN A 1 103 ? -7.216  -3.325  -0.807  1.00 38.04 ? 82  GLN A CA  1 
ATOM   541  C  C   . GLN A 1 103 ? -7.969  -2.337  0.096   1.00 38.42 ? 82  GLN A C   1 
ATOM   542  O  O   . GLN A 1 103 ? -7.712  -2.235  1.300   1.00 38.54 ? 82  GLN A O   1 
ATOM   543  C  CB  . GLN A 1 103 ? -7.758  -4.751  -0.590  1.00 38.12 ? 82  GLN A CB  1 
ATOM   544  C  CG  . GLN A 1 103 ? -7.328  -5.800  -1.653  1.00 42.01 ? 82  GLN A CG  1 
ATOM   545  C  CD  . GLN A 1 103 ? -8.145  -7.138  -1.594  1.00 44.82 ? 82  GLN A CD  1 
ATOM   546  O  OE1 . GLN A 1 103 ? -9.138  -7.246  -0.866  1.00 45.89 ? 82  GLN A OE1 1 
ATOM   547  N  NE2 . GLN A 1 103 ? -7.705  -8.145  -2.358  1.00 43.75 ? 82  GLN A NE2 1 
ATOM   548  N  N   . THR A 1 104 ? -8.927  -1.635  -0.488  1.00 39.25 ? 83  THR A N   1 
ATOM   549  C  CA  . THR A 1 104 ? -9.746  -0.689  0.251   1.00 40.64 ? 83  THR A CA  1 
ATOM   550  C  C   . THR A 1 104 ? -11.196 -1.197  0.317   1.00 41.73 ? 83  THR A C   1 
ATOM   551  O  O   . THR A 1 104 ? -11.785 -1.523  -0.723  1.00 42.02 ? 83  THR A O   1 
ATOM   552  C  CB  . THR A 1 104 ? -9.659  0.717   -0.408  1.00 40.65 ? 83  THR A CB  1 
ATOM   553  O  OG1 . THR A 1 104 ? -8.271  1.063   -0.581  1.00 40.87 ? 83  THR A OG1 1 
ATOM   554  C  CG2 . THR A 1 104 ? -10.365 1.800   0.431   1.00 39.76 ? 83  THR A CG2 1 
ATOM   555  N  N   . ARG A 1 105 ? -11.750 -1.290  1.532   1.00 42.70 ? 84  ARG A N   1 
ATOM   556  C  CA  . ARG A 1 105 ? -13.162 -1.693  1.721   1.00 43.78 ? 84  ARG A CA  1 
ATOM   557  C  C   . ARG A 1 105 ? -14.040 -0.584  2.311   1.00 44.23 ? 84  ARG A C   1 
ATOM   558  O  O   . ARG A 1 105 ? -13.577 0.199   3.151   1.00 44.40 ? 84  ARG A O   1 
ATOM   559  C  CB  . ARG A 1 105 ? -13.275 -2.979  2.554   1.00 43.84 ? 84  ARG A CB  1 
ATOM   560  C  CG  . ARG A 1 105 ? -12.753 -2.890  3.968   1.00 44.73 ? 84  ARG A CG  1 
ATOM   561  C  CD  . ARG A 1 105 ? -12.672 -4.271  4.609   1.00 46.47 ? 84  ARG A CD  1 
ATOM   562  N  NE  . ARG A 1 105 ? -11.925 -4.204  5.863   1.00 48.90 ? 84  ARG A NE  1 
ATOM   563  C  CZ  . ARG A 1 105 ? -12.471 -3.988  7.060   1.00 50.15 ? 84  ARG A CZ  1 
ATOM   564  N  NH1 . ARG A 1 105 ? -13.791 -3.830  7.186   1.00 48.60 ? 84  ARG A NH1 1 
ATOM   565  N  NH2 . ARG A 1 105 ? -11.691 -3.943  8.135   1.00 49.33 ? 84  ARG A NH2 1 
ATOM   566  N  N   . LYS A 1 106 ? -15.311 -0.555  1.891   1.00 44.86 ? 85  LYS A N   1 
ATOM   567  C  CA  . LYS A 1 106 ? -16.202 0.589   2.119   1.00 45.32 ? 85  LYS A CA  1 
ATOM   568  C  C   . LYS A 1 106 ? -16.974 0.658   3.473   1.00 45.87 ? 85  LYS A C   1 
ATOM   569  O  O   . LYS A 1 106 ? -18.116 1.144   3.525   1.00 45.91 ? 85  LYS A O   1 
ATOM   570  C  CB  . LYS A 1 106 ? -17.141 0.755   0.919   1.00 45.30 ? 85  LYS A CB  1 
ATOM   571  N  N   . TRP A 1 107 ? -16.339 0.192   4.555   1.00 46.46 ? 86  TRP A N   1 
ATOM   572  C  CA  . TRP A 1 107 ? -16.763 0.499   5.946   1.00 47.01 ? 86  TRP A CA  1 
ATOM   573  C  C   . TRP A 1 107 ? -15.582 0.516   6.936   1.00 47.15 ? 86  TRP A C   1 
ATOM   574  O  O   . TRP A 1 107 ? -15.271 1.541   7.553   1.00 47.13 ? 86  TRP A O   1 
ATOM   575  C  CB  . TRP A 1 107 ? -17.859 -0.457  6.439   1.00 47.01 ? 86  TRP A CB  1 
ATOM   576  N  N   . TYR A 1 116 ? -13.806 4.410   4.799   1.00 35.75 ? 95  TYR A N   1 
ATOM   577  C  CA  . TYR A 1 116 ? -12.904 3.533   4.034   1.00 35.22 ? 95  TYR A CA  1 
ATOM   578  C  C   . TYR A 1 116 ? -11.695 3.054   4.844   1.00 34.89 ? 95  TYR A C   1 
ATOM   579  O  O   . TYR A 1 116 ? -11.177 3.782   5.687   1.00 35.20 ? 95  TYR A O   1 
ATOM   580  C  CB  . TYR A 1 116 ? -12.436 4.235   2.758   1.00 35.28 ? 95  TYR A CB  1 
ATOM   581  C  CG  . TYR A 1 116 ? -13.556 4.615   1.799   1.00 36.99 ? 95  TYR A CG  1 
ATOM   582  C  CD1 . TYR A 1 116 ? -14.055 3.691   0.873   1.00 37.59 ? 95  TYR A CD1 1 
ATOM   583  C  CD2 . TYR A 1 116 ? -14.108 5.902   1.811   1.00 37.74 ? 95  TYR A CD2 1 
ATOM   584  C  CE1 . TYR A 1 116 ? -15.076 4.026   -0.014  1.00 38.38 ? 95  TYR A CE1 1 
ATOM   585  C  CE2 . TYR A 1 116 ? -15.133 6.255   0.926   1.00 39.41 ? 95  TYR A CE2 1 
ATOM   586  C  CZ  . TYR A 1 116 ? -15.615 5.308   0.012   1.00 40.01 ? 95  TYR A CZ  1 
ATOM   587  O  OH  . TYR A 1 116 ? -16.631 5.647   -0.867  1.00 39.03 ? 95  TYR A OH  1 
ATOM   588  N  N   . THR A 1 117 ? -11.232 1.834   4.580   1.00 34.23 ? 96  THR A N   1 
ATOM   589  C  CA  . THR A 1 117 ? -10.049 1.308   5.257   1.00 33.70 ? 96  THR A CA  1 
ATOM   590  C  C   . THR A 1 117 ? -9.197  0.563   4.243   1.00 33.23 ? 96  THR A C   1 
ATOM   591  O  O   . THR A 1 117 ? -9.690  -0.356  3.556   1.00 32.78 ? 96  THR A O   1 
ATOM   592  C  CB  . THR A 1 117 ? -10.409 0.325   6.403   1.00 33.75 ? 96  THR A CB  1 
ATOM   593  O  OG1 . THR A 1 117 ? -11.383 0.915   7.260   1.00 35.62 ? 96  THR A OG1 1 
ATOM   594  C  CG2 . THR A 1 117 ? -9.187  -0.036  7.242   1.00 34.40 ? 96  THR A CG2 1 
ATOM   595  N  N   . THR A 1 118 ? -7.929  0.963   4.154   1.00 32.02 ? 97  THR A N   1 
ATOM   596  C  CA  . THR A 1 118 ? -6.994  0.309   3.257   1.00 31.20 ? 97  THR A CA  1 
ATOM   597  C  C   . THR A 1 118 ? -6.148  -0.672  4.047   1.00 31.45 ? 97  THR A C   1 
ATOM   598  O  O   . THR A 1 118 ? -5.585  -0.319  5.085   1.00 31.18 ? 97  THR A O   1 
ATOM   599  C  CB  . THR A 1 118 ? -6.154  1.314   2.473   1.00 30.78 ? 97  THR A CB  1 
ATOM   600  O  OG1 . THR A 1 118 ? -7.032  2.223   1.791   1.00 30.11 ? 97  THR A OG1 1 
ATOM   601  C  CG2 . THR A 1 118 ? -5.279  0.610   1.450   1.00 29.01 ? 97  THR A CG2 1 
ATOM   602  N  N   . GLU A 1 119 ? -6.104  -1.914  3.571   1.00 30.93 ? 98  GLU A N   1 
ATOM   603  C  CA  . GLU A 1 119 ? -5.375  -2.971  4.263   1.00 31.44 ? 98  GLU A CA  1 
ATOM   604  C  C   . GLU A 1 119 ? -4.387  -3.586  3.291   1.00 30.51 ? 98  GLU A C   1 
ATOM   605  O  O   . GLU A 1 119 ? -4.599  -3.534  2.103   1.00 28.78 ? 98  GLU A O   1 
ATOM   606  C  CB  . GLU A 1 119 ? -6.345  -4.058  4.738   1.00 31.33 ? 98  GLU A CB  1 
ATOM   607  C  CG  . GLU A 1 119 ? -7.148  -3.660  5.938   1.00 35.02 ? 98  GLU A CG  1 
ATOM   608  C  CD  . GLU A 1 119 ? -8.494  -4.385  6.057   1.00 39.67 ? 98  GLU A CD  1 
ATOM   609  O  OE1 . GLU A 1 119 ? -8.979  -5.034  5.075   1.00 40.68 ? 98  GLU A OE1 1 
ATOM   610  O  OE2 . GLU A 1 119 ? -9.068  -4.289  7.164   1.00 41.76 ? 98  GLU A OE2 1 
ATOM   611  N  N   . ILE A 1 120 ? -3.310  -4.156  3.816   1.00 31.06 ? 99  ILE A N   1 
ATOM   612  C  CA  . ILE A 1 120 ? -2.378  -4.939  3.004   1.00 32.15 ? 99  ILE A CA  1 
ATOM   613  C  C   . ILE A 1 120 ? -2.918  -6.343  3.173   1.00 32.78 ? 99  ILE A C   1 
ATOM   614  O  O   . ILE A 1 120 ? -2.956  -6.853  4.296   1.00 33.65 ? 99  ILE A O   1 
ATOM   615  C  CB  . ILE A 1 120 ? -0.886  -4.824  3.517   1.00 32.31 ? 99  ILE A CB  1 
ATOM   616  C  CG1 . ILE A 1 120 ? -0.329  -3.414  3.311   1.00 31.81 ? 99  ILE A CG1 1 
ATOM   617  C  CG2 . ILE A 1 120 ? 0.041   -5.802  2.832   1.00 32.64 ? 99  ILE A CG2 1 
ATOM   618  C  CD1 . ILE A 1 120 ? -0.636  -2.492  4.426   1.00 30.83 ? 99  ILE A CD1 1 
ATOM   619  N  N   . VAL A 1 121 ? -3.394  -6.933  2.074   1.00 32.66 ? 100 VAL A N   1 
ATOM   620  C  CA  . VAL A 1 121 ? -4.043  -8.213  2.095   1.00 31.64 ? 100 VAL A CA  1 
ATOM   621  C  C   . VAL A 1 121 ? -3.101  -9.234  1.490   1.00 32.57 ? 100 VAL A C   1 
ATOM   622  O  O   . VAL A 1 121 ? -2.556  -9.024  0.386   1.00 32.80 ? 100 VAL A O   1 
ATOM   623  C  CB  . VAL A 1 121 ? -5.349  -8.163  1.265   1.00 32.22 ? 100 VAL A CB  1 
ATOM   624  C  CG1 . VAL A 1 121 ? -5.995  -9.564  1.147   1.00 30.62 ? 100 VAL A CG1 1 
ATOM   625  C  CG2 . VAL A 1 121 ? -6.350  -7.161  1.887   1.00 31.35 ? 100 VAL A CG2 1 
ATOM   626  N  N   . LEU A 1 122 ? -2.906  -10.347 2.199   1.00 32.68 ? 101 LEU A N   1 
ATOM   627  C  CA  . LEU A 1 122 ? -2.295  -11.539 1.594   1.00 32.59 ? 101 LEU A CA  1 
ATOM   628  C  C   . LEU A 1 122 ? -3.398  -12.466 1.158   1.00 32.75 ? 101 LEU A C   1 
ATOM   629  O  O   . LEU A 1 122 ? -3.977  -13.145 1.995   1.00 34.34 ? 101 LEU A O   1 
ATOM   630  C  CB  . LEU A 1 122 ? -1.380  -12.264 2.577   1.00 32.49 ? 101 LEU A CB  1 
ATOM   631  C  CG  . LEU A 1 122 ? -0.007  -11.610 2.746   1.00 33.35 ? 101 LEU A CG  1 
ATOM   632  C  CD1 . LEU A 1 122 ? -0.065  -10.230 3.463   1.00 26.81 ? 101 LEU A CD1 1 
ATOM   633  C  CD2 . LEU A 1 122 ? 0.868   -12.606 3.496   1.00 32.43 ? 101 LEU A CD2 1 
ATOM   634  N  N   . PRO A 1 123 ? -3.696  -12.520 -0.154  1.00 33.09 ? 102 PRO A N   1 
ATOM   635  C  CA  . PRO A 1 123 ? -4.895  -13.240 -0.534  1.00 33.29 ? 102 PRO A CA  1 
ATOM   636  C  C   . PRO A 1 123 ? -4.660  -14.729 -0.457  1.00 34.42 ? 102 PRO A C   1 
ATOM   637  O  O   . PRO A 1 123 ? -3.561  -15.166 -0.162  1.00 35.20 ? 102 PRO A O   1 
ATOM   638  C  CB  . PRO A 1 123 ? -5.126  -12.813 -1.994  1.00 33.10 ? 102 PRO A CB  1 
ATOM   639  C  CG  . PRO A 1 123 ? -3.978  -11.950 -2.385  1.00 32.04 ? 102 PRO A CG  1 
ATOM   640  C  CD  . PRO A 1 123 ? -2.905  -12.141 -1.339  1.00 32.67 ? 102 PRO A CD  1 
ATOM   641  N  N   . GLN A 1 124 ? -5.693  -15.490 -0.767  1.00 36.03 ? 103 GLN A N   1 
ATOM   642  C  CA  . GLN A 1 124 ? -5.771  -16.914 -0.518  1.00 37.49 ? 103 GLN A CA  1 
ATOM   643  C  C   . GLN A 1 124 ? -4.611  -17.724 -1.103  1.00 38.22 ? 103 GLN A C   1 
ATOM   644  O  O   . GLN A 1 124 ? -4.137  -18.661 -0.446  1.00 39.34 ? 103 GLN A O   1 
ATOM   645  C  CB  . GLN A 1 124 ? -7.127  -17.442 -1.028  1.00 37.62 ? 103 GLN A CB  1 
ATOM   646  C  CG  . GLN A 1 124 ? -7.449  -18.904 -0.687  1.00 40.40 ? 103 GLN A CG  1 
ATOM   647  C  CD  . GLN A 1 124 ? -8.274  -19.089 0.585   1.00 43.39 ? 103 GLN A CD  1 
ATOM   648  O  OE1 . GLN A 1 124 ? -8.850  -18.140 1.128   1.00 44.49 ? 103 GLN A OE1 1 
ATOM   649  N  NE2 . GLN A 1 124 ? -8.339  -20.328 1.061   1.00 44.22 ? 103 GLN A NE2 1 
ATOM   650  N  N   . TYR A 1 125 ? -4.167  -17.390 -2.316  1.00 38.13 ? 104 TYR A N   1 
ATOM   651  C  CA  . TYR A 1 125 ? -3.157  -18.200 -2.994  1.00 38.85 ? 104 TYR A CA  1 
ATOM   652  C  C   . TYR A 1 125 ? -1.851  -17.418 -3.282  1.00 39.12 ? 104 TYR A C   1 
ATOM   653  O  O   . TYR A 1 125 ? -1.010  -17.853 -4.065  1.00 38.90 ? 104 TYR A O   1 
ATOM   654  C  CB  . TYR A 1 125 ? -3.747  -18.772 -4.287  1.00 39.30 ? 104 TYR A CB  1 
ATOM   655  C  CG  . TYR A 1 125 ? -5.071  -19.538 -4.121  1.00 40.98 ? 104 TYR A CG  1 
ATOM   656  C  CD1 . TYR A 1 125 ? -5.074  -20.868 -3.701  1.00 42.01 ? 104 TYR A CD1 1 
ATOM   657  C  CD2 . TYR A 1 125 ? -6.312  -18.934 -4.417  1.00 41.24 ? 104 TYR A CD2 1 
ATOM   658  C  CE1 . TYR A 1 125 ? -6.256  -21.569 -3.554  1.00 43.09 ? 104 TYR A CE1 1 
ATOM   659  C  CE2 . TYR A 1 125 ? -7.513  -19.627 -4.262  1.00 40.92 ? 104 TYR A CE2 1 
ATOM   660  C  CZ  . TYR A 1 125 ? -7.474  -20.949 -3.835  1.00 43.64 ? 104 TYR A CZ  1 
ATOM   661  O  OH  . TYR A 1 125 ? -8.634  -21.687 -3.683  1.00 45.86 ? 104 TYR A OH  1 
ATOM   662  N  N   . LYS A 1 126 ? -1.686  -16.273 -2.625  1.00 39.05 ? 105 LYS A N   1 
ATOM   663  C  CA  . LYS A 1 126 ? -0.621  -15.347 -2.947  1.00 39.55 ? 105 LYS A CA  1 
ATOM   664  C  C   . LYS A 1 126 ? -0.063  -14.685 -1.681  1.00 39.04 ? 105 LYS A C   1 
ATOM   665  O  O   . LYS A 1 126 ? -0.492  -14.991 -0.560  1.00 39.11 ? 105 LYS A O   1 
ATOM   666  C  CB  . LYS A 1 126 ? -1.150  -14.278 -3.911  1.00 40.14 ? 105 LYS A CB  1 
ATOM   667  C  CG  . LYS A 1 126 ? -1.489  -14.799 -5.298  1.00 42.31 ? 105 LYS A CG  1 
ATOM   668  C  CD  . LYS A 1 126 ? -2.343  -13.792 -6.028  1.00 48.12 ? 105 LYS A CD  1 
ATOM   669  C  CE  . LYS A 1 126 ? -2.732  -14.306 -7.411  1.00 51.23 ? 105 LYS A CE  1 
ATOM   670  N  NZ  . LYS A 1 126 ? -1.539  -14.236 -8.302  1.00 54.92 ? 105 LYS A NZ  1 
ATOM   671  N  N   . GLY A 1 127 ? 0.913   -13.805 -1.867  1.00 37.66 ? 106 GLY A N   1 
ATOM   672  C  CA  . GLY A 1 127 ? 1.489   -13.044 -0.761  1.00 37.56 ? 106 GLY A CA  1 
ATOM   673  C  C   . GLY A 1 127 ? 2.740   -13.677 -0.174  1.00 37.15 ? 106 GLY A C   1 
ATOM   674  O  O   . GLY A 1 127 ? 3.076   -14.814 -0.491  1.00 37.14 ? 106 GLY A O   1 
ATOM   675  N  N   . GLU A 1 128 ? 3.425   -12.945 0.693   1.00 36.99 ? 107 GLU A N   1 
ATOM   676  C  CA  . GLU A 1 128 ? 4.588   -13.489 1.390   1.00 37.10 ? 107 GLU A CA  1 
ATOM   677  C  C   . GLU A 1 128 ? 4.576   -13.022 2.812   1.00 37.12 ? 107 GLU A C   1 
ATOM   678  O  O   . GLU A 1 128 ? 4.211   -11.878 3.099   1.00 37.37 ? 107 GLU A O   1 
ATOM   679  C  CB  . GLU A 1 128 ? 5.908   -13.061 0.740   1.00 36.82 ? 107 GLU A CB  1 
ATOM   680  C  CG  . GLU A 1 128 ? 6.092   -13.539 -0.713  1.00 38.91 ? 107 GLU A CG  1 
ATOM   681  C  CD  . GLU A 1 128 ? 6.451   -15.038 -0.855  1.00 42.90 ? 107 GLU A CD  1 
ATOM   682  O  OE1 . GLU A 1 128 ? 6.798   -15.743 0.147   1.00 42.83 ? 107 GLU A OE1 1 
ATOM   683  O  OE2 . GLU A 1 128 ? 6.415   -15.501 -2.013  1.00 41.74 ? 107 GLU A OE2 1 
ATOM   684  N  N   . LEU A 1 129 ? 4.991   -13.910 3.710   1.00 37.05 ? 108 LEU A N   1 
ATOM   685  C  CA  . LEU A 1 129 ? 5.115   -13.566 5.098   1.00 37.34 ? 108 LEU A CA  1 
ATOM   686  C  C   . LEU A 1 129 ? 6.283   -14.367 5.622   1.00 38.01 ? 108 LEU A C   1 
ATOM   687  O  O   . LEU A 1 129 ? 6.281   -15.615 5.559   1.00 39.17 ? 108 LEU A O   1 
ATOM   688  C  CB  . LEU A 1 129 ? 3.816   -13.870 5.850   1.00 36.40 ? 108 LEU A CB  1 
ATOM   689  C  CG  . LEU A 1 129 ? 3.849   -13.519 7.343   1.00 37.62 ? 108 LEU A CG  1 
ATOM   690  C  CD1 . LEU A 1 129 ? 2.477   -13.161 7.872   1.00 37.14 ? 108 LEU A CD1 1 
ATOM   691  C  CD2 . LEU A 1 129 ? 4.406   -14.659 8.173   1.00 37.18 ? 108 LEU A CD2 1 
ATOM   692  N  N   . HIS A 1 130 ? 7.271   -13.659 6.153   1.00 37.92 ? 109 HIS A N   1 
ATOM   693  C  CA  . HIS A 1 130 ? 8.511   -14.274 6.632   1.00 38.59 ? 109 HIS A CA  1 
ATOM   694  C  C   . HIS A 1 130 ? 8.981   -13.638 7.924   1.00 38.63 ? 109 HIS A C   1 
ATOM   695  O  O   . HIS A 1 130 ? 9.065   -12.421 8.020   1.00 39.27 ? 109 HIS A O   1 
ATOM   696  C  CB  . HIS A 1 130 ? 9.612   -14.194 5.576   1.00 38.30 ? 109 HIS A CB  1 
ATOM   697  C  CG  . HIS A 1 130 ? 9.264   -14.923 4.327   1.00 40.30 ? 109 HIS A CG  1 
ATOM   698  N  ND1 . HIS A 1 130 ? 9.405   -16.288 4.208   1.00 43.55 ? 109 HIS A ND1 1 
ATOM   699  C  CD2 . HIS A 1 130 ? 8.702   -14.500 3.172   1.00 40.90 ? 109 HIS A CD2 1 
ATOM   700  C  CE1 . HIS A 1 130 ? 8.977   -16.672 3.017   1.00 42.41 ? 109 HIS A CE1 1 
ATOM   701  N  NE2 . HIS A 1 130 ? 8.540   -15.605 2.373   1.00 43.25 ? 109 HIS A NE2 1 
ATOM   702  N  N   . LEU A 1 131 ? 9.287   -14.464 8.912   1.00 38.50 ? 110 LEU A N   1 
ATOM   703  C  CA  . LEU A 1 131 ? 9.776   -13.957 10.173  1.00 38.95 ? 110 LEU A CA  1 
ATOM   704  C  C   . LEU A 1 131 ? 11.266  -13.655 10.007  1.00 38.61 ? 110 LEU A C   1 
ATOM   705  O  O   . LEU A 1 131 ? 12.001  -14.503 9.527   1.00 39.28 ? 110 LEU A O   1 
ATOM   706  C  CB  . LEU A 1 131 ? 9.505   -14.999 11.270  1.00 38.57 ? 110 LEU A CB  1 
ATOM   707  C  CG  . LEU A 1 131 ? 9.999   -14.765 12.707  1.00 40.90 ? 110 LEU A CG  1 
ATOM   708  C  CD1 . LEU A 1 131 ? 9.626   -13.383 13.338  1.00 38.26 ? 110 LEU A CD1 1 
ATOM   709  C  CD2 . LEU A 1 131 ? 9.553   -15.957 13.604  1.00 41.16 ? 110 LEU A CD2 1 
ATOM   710  N  N   . LEU A 1 132 ? 11.687  -12.438 10.345  1.00 37.87 ? 111 LEU A N   1 
ATOM   711  C  CA  . LEU A 1 132 ? 13.087  -12.046 10.308  1.00 38.51 ? 111 LEU A CA  1 
ATOM   712  C  C   . LEU A 1 132 ? 13.605  -11.981 11.743  1.00 39.43 ? 111 LEU A C   1 
ATOM   713  O  O   . LEU A 1 132 ? 12.830  -11.894 12.668  1.00 39.69 ? 111 LEU A O   1 
ATOM   714  C  CB  . LEU A 1 132 ? 13.254  -10.660 9.649   1.00 37.90 ? 111 LEU A CB  1 
ATOM   715  C  CG  . LEU A 1 132 ? 12.511  -10.251 8.361   1.00 37.04 ? 111 LEU A CG  1 
ATOM   716  C  CD1 . LEU A 1 132 ? 12.853  -8.798  7.967   1.00 31.52 ? 111 LEU A CD1 1 
ATOM   717  C  CD2 . LEU A 1 132 ? 12.789  -11.222 7.207   1.00 33.96 ? 111 LEU A CD2 1 
ATOM   718  N  N   . ASP A 1 133 ? 14.912  -11.988 11.938  1.00 41.12 ? 112 ASP A N   1 
ATOM   719  C  CA  . ASP A 1 133 ? 15.465  -11.858 13.292  1.00 43.44 ? 112 ASP A CA  1 
ATOM   720  C  C   . ASP A 1 133 ? 15.109  -13.017 14.258  1.00 43.67 ? 112 ASP A C   1 
ATOM   721  O  O   . ASP A 1 133 ? 15.231  -12.855 15.483  1.00 43.89 ? 112 ASP A O   1 
ATOM   722  C  CB  . ASP A 1 133 ? 14.970  -10.549 13.927  1.00 44.14 ? 112 ASP A CB  1 
ATOM   723  C  CG  . ASP A 1 133 ? 15.847  -9.377  13.613  1.00 48.10 ? 112 ASP A CG  1 
ATOM   724  O  OD1 . ASP A 1 133 ? 16.598  -9.399  12.604  1.00 52.40 ? 112 ASP A OD1 1 
ATOM   725  O  OD2 . ASP A 1 133 ? 15.778  -8.405  14.396  1.00 53.57 ? 112 ASP A OD2 1 
ATOM   726  N  N   . ALA A 1 134 ? 14.677  -14.157 13.715  1.00 43.57 ? 113 ALA A N   1 
ATOM   727  C  CA  . ALA A 1 134 ? 14.194  -15.307 14.490  1.00 43.80 ? 113 ALA A CA  1 
ATOM   728  C  C   . ALA A 1 134 ? 15.221  -16.004 15.397  1.00 44.00 ? 113 ALA A C   1 
ATOM   729  O  O   . ALA A 1 134 ? 16.424  -15.725 15.356  1.00 44.43 ? 113 ALA A O   1 
ATOM   730  C  CB  . ALA A 1 134 ? 13.554  -16.328 13.542  1.00 43.97 ? 113 ALA A CB  1 
ATOM   731  N  N   . GLY B 1 20  ? 18.360  -1.392  11.641  1.00 28.78 ? -1  GLY B N   1 
ATOM   732  C  CA  . GLY B 1 20  ? 18.388  -2.575  10.728  1.00 27.81 ? -1  GLY B CA  1 
ATOM   733  C  C   . GLY B 1 20  ? 17.562  -2.286  9.492   1.00 27.17 ? -1  GLY B C   1 
ATOM   734  O  O   . GLY B 1 20  ? 17.220  -1.148  9.226   1.00 26.47 ? -1  GLY B O   1 
ATOM   735  N  N   . SER B 1 21  ? 17.245  -3.335  8.740   1.00 27.34 ? 0   SER B N   1 
ATOM   736  C  CA  . SER B 1 21  ? 16.481  -3.219  7.514   1.00 27.70 ? 0   SER B CA  1 
ATOM   737  C  C   . SER B 1 21  ? 15.078  -2.730  7.778   1.00 28.69 ? 0   SER B C   1 
ATOM   738  O  O   . SER B 1 21  ? 14.474  -3.019  8.800   1.00 28.79 ? 0   SER B O   1 
ATOM   739  C  CB  . SER B 1 21  ? 16.405  -4.567  6.800   1.00 27.39 ? 0   SER B CB  1 
ATOM   740  O  OG  . SER B 1 21  ? 15.789  -5.543  7.624   1.00 24.70 ? 0   SER B OG  1 
ATOM   741  N  N   . MET B 1 22  ? 14.566  -2.004  6.815   1.00 29.60 ? 1   MET B N   1 
ATOM   742  C  CA  . MET B 1 22  ? 13.259  -1.423  6.901   1.00 31.12 ? 1   MET B CA  1 
ATOM   743  C  C   . MET B 1 22  ? 12.888  -1.132  5.465   1.00 30.07 ? 1   MET B C   1 
ATOM   744  O  O   . MET B 1 22  ? 13.779  -0.877  4.623   1.00 28.62 ? 1   MET B O   1 
ATOM   745  C  CB  . MET B 1 22  ? 13.288  -0.116  7.694   1.00 32.80 ? 1   MET B CB  1 
ATOM   746  C  CG  . MET B 1 22  ? 12.074  -0.003  8.641   1.00 38.00 ? 1   MET B CG  1 
ATOM   747  S  SD  . MET B 1 22  ? 12.225  -0.950  10.219  1.00 45.46 ? 1   MET B SD  1 
ATOM   748  C  CE  . MET B 1 22  ? 10.518  -0.764  10.722  1.00 42.99 ? 1   MET B CE  1 
ATOM   749  N  N   . LEU B 1 23  ? 11.581  -1.201  5.194   1.00 28.53 ? 2   LEU B N   1 
ATOM   750  C  CA  . LEU B 1 23  ? 11.071  -1.136  3.853   1.00 27.24 ? 2   LEU B CA  1 
ATOM   751  C  C   . LEU B 1 23  ? 9.628   -0.809  3.934   1.00 27.51 ? 2   LEU B C   1 
ATOM   752  O  O   . LEU B 1 23  ? 8.881   -1.418  4.706   1.00 27.90 ? 2   LEU B O   1 
ATOM   753  C  CB  . LEU B 1 23  ? 11.251  -2.494  3.151   1.00 26.83 ? 2   LEU B CB  1 
ATOM   754  C  CG  . LEU B 1 23  ? 10.921  -2.505  1.676   1.00 25.62 ? 2   LEU B CG  1 
ATOM   755  C  CD1 . LEU B 1 23  ? 11.880  -1.517  0.965   1.00 26.89 ? 2   LEU B CD1 1 
ATOM   756  C  CD2 . LEU B 1 23  ? 11.007  -3.920  1.074   1.00 24.26 ? 2   LEU B CD2 1 
ATOM   757  N  N   . ASN B 1 24  ? 9.228   0.156   3.124   1.00 28.05 ? 3   ASN B N   1 
ATOM   758  C  CA  . ASN B 1 24  ? 7.842   0.523   2.953   1.00 28.39 ? 3   ASN B CA  1 
ATOM   759  C  C   . ASN B 1 24  ? 7.765   0.818   1.480   1.00 29.28 ? 3   ASN B C   1 
ATOM   760  O  O   . ASN B 1 24  ? 8.155   1.906   1.042   1.00 30.44 ? 3   ASN B O   1 
ATOM   761  C  CB  . ASN B 1 24  ? 7.513   1.787   3.783   1.00 27.68 ? 3   ASN B CB  1 
ATOM   762  C  CG  . ASN B 1 24  ? 6.076   2.282   3.562   1.00 28.72 ? 3   ASN B CG  1 
ATOM   763  O  OD1 . ASN B 1 24  ? 5.388   1.863   2.619   1.00 27.07 ? 3   ASN B OD1 1 
ATOM   764  N  ND2 . ASN B 1 24  ? 5.620   3.166   4.428   1.00 27.08 ? 3   ASN B ND2 1 
ATOM   765  N  N   . LYS B 1 25  ? 7.319   -0.139  0.679   1.00 29.91 ? 4   LYS B N   1 
ATOM   766  C  CA  . LYS B 1 25  ? 7.344   0.086   -0.778  1.00 30.77 ? 4   LYS B CA  1 
ATOM   767  C  C   . LYS B 1 25  ? 6.113   -0.480  -1.463  1.00 31.51 ? 4   LYS B C   1 
ATOM   768  O  O   . LYS B 1 25  ? 5.750   -1.638  -1.210  1.00 32.80 ? 4   LYS B O   1 
ATOM   769  C  CB  . LYS B 1 25  ? 8.573   -0.556  -1.369  1.00 29.97 ? 4   LYS B CB  1 
ATOM   770  C  CG  . LYS B 1 25  ? 8.781   -0.295  -2.795  1.00 31.08 ? 4   LYS B CG  1 
ATOM   771  C  CD  . LYS B 1 25  ? 9.738   -1.335  -3.340  1.00 34.96 ? 4   LYS B CD  1 
ATOM   772  C  CE  . LYS B 1 25  ? 10.913  -0.732  -4.031  1.00 38.25 ? 4   LYS B CE  1 
ATOM   773  N  NZ  . LYS B 1 25  ? 11.427  -1.655  -5.109  1.00 38.67 ? 4   LYS B NZ  1 
ATOM   774  N  N   . VAL B 1 26  ? 5.487   0.319   -2.322  1.00 31.29 ? 5   VAL B N   1 
ATOM   775  C  CA  . VAL B 1 26  ? 4.302   -0.099  -3.070  1.00 32.19 ? 5   VAL B CA  1 
ATOM   776  C  C   . VAL B 1 26  ? 4.597   0.067   -4.562  1.00 33.49 ? 5   VAL B C   1 
ATOM   777  O  O   . VAL B 1 26  ? 5.183   1.085   -4.972  1.00 34.35 ? 5   VAL B O   1 
ATOM   778  C  CB  . VAL B 1 26  ? 3.131   0.849   -2.776  1.00 32.67 ? 5   VAL B CB  1 
ATOM   779  C  CG1 . VAL B 1 26  ? 1.866   0.348   -3.420  1.00 31.71 ? 5   VAL B CG1 1 
ATOM   780  C  CG2 . VAL B 1 26  ? 2.957   1.046   -1.259  1.00 31.98 ? 5   VAL B CG2 1 
ATOM   781  N  N   . MET B 1 27  ? 4.224   -0.921  -5.371  1.00 32.66 ? 6   MET B N   1 
ATOM   782  C  CA  . MET B 1 27  ? 4.464   -0.876  -6.810  1.00 33.03 ? 6   MET B CA  1 
ATOM   783  C  C   . MET B 1 27  ? 3.120   -1.033  -7.492  1.00 32.97 ? 6   MET B C   1 
ATOM   784  O  O   . MET B 1 27  ? 2.378   -1.977  -7.184  1.00 32.89 ? 6   MET B O   1 
ATOM   785  C  CB  . MET B 1 27  ? 5.361   -2.028  -7.235  1.00 32.60 ? 6   MET B CB  1 
ATOM   786  C  CG  . MET B 1 27  ? 6.796   -1.880  -6.803  1.00 36.51 ? 6   MET B CG  1 
ATOM   787  S  SD  . MET B 1 27  ? 7.824   -3.407  -6.913  1.00 45.52 ? 6   MET B SD  1 
ATOM   788  C  CE  . MET B 1 27  ? 7.565   -3.959  -8.597  1.00 42.05 ? 6   MET B CE  1 
ATOM   789  N  N   . LEU B 1 28  ? 2.790   -0.116  -8.397  1.00 32.78 ? 7   LEU B N   1 
ATOM   790  C  CA  . LEU B 1 28  ? 1.476   -0.146  -9.066  1.00 32.41 ? 7   LEU B CA  1 
ATOM   791  C  C   . LEU B 1 28  ? 1.597   0.014   -10.572 1.00 32.45 ? 7   LEU B C   1 
ATOM   792  O  O   . LEU B 1 28  ? 2.306   0.910   -11.064 1.00 32.58 ? 7   LEU B O   1 
ATOM   793  C  CB  . LEU B 1 28  ? 0.550   0.957   -8.549  1.00 31.57 ? 7   LEU B CB  1 
ATOM   794  C  CG  . LEU B 1 28  ? 0.171   1.014   -7.057  1.00 32.99 ? 7   LEU B CG  1 
ATOM   795  C  CD1 . LEU B 1 28  ? -0.668  2.287   -6.692  1.00 29.11 ? 7   LEU B CD1 1 
ATOM   796  C  CD2 . LEU B 1 28  ? -0.562  -0.227  -6.632  1.00 30.70 ? 7   LEU B CD2 1 
ATOM   797  N  N   . ILE B 1 29  ? 0.886   -0.837  -11.294 1.00 31.62 ? 8   ILE B N   1 
ATOM   798  C  CA  . ILE B 1 29  ? 0.686   -0.625  -12.700 1.00 32.01 ? 8   ILE B CA  1 
ATOM   799  C  C   . ILE B 1 29  ? -0.800  -0.571  -12.904 1.00 32.30 ? 8   ILE B C   1 
ATOM   800  O  O   . ILE B 1 29  ? -1.482  -1.520  -12.569 1.00 33.36 ? 8   ILE B O   1 
ATOM   801  C  CB  . ILE B 1 29  ? 1.284   -1.758  -13.557 1.00 31.79 ? 8   ILE B CB  1 
ATOM   802  C  CG1 . ILE B 1 29  ? 2.808   -1.607  -13.596 1.00 31.51 ? 8   ILE B CG1 1 
ATOM   803  C  CG2 . ILE B 1 29  ? 0.696   -1.704  -14.949 1.00 30.55 ? 8   ILE B CG2 1 
ATOM   804  C  CD1 . ILE B 1 29  ? 3.581   -2.854  -14.114 1.00 31.43 ? 8   ILE B CD1 1 
ATOM   805  N  N   . GLY B 1 30  ? -1.295  0.554   -13.408 1.00 31.94 ? 9   GLY B N   1 
ATOM   806  C  CA  . GLY B 1 30  ? -2.722  0.724   -13.647 1.00 31.66 ? 9   GLY B CA  1 
ATOM   807  C  C   . GLY B 1 30  ? -3.041  1.984   -14.430 1.00 31.82 ? 9   GLY B C   1 
ATOM   808  O  O   . GLY B 1 30  ? -2.146  2.638   -14.991 1.00 31.43 ? 9   GLY B O   1 
ATOM   809  N  N   . TYR B 1 31  ? -4.323  2.338   -14.434 1.00 32.02 ? 10  TYR B N   1 
ATOM   810  C  CA  . TYR B 1 31  ? -4.864  3.383   -15.301 1.00 32.09 ? 10  TYR B CA  1 
ATOM   811  C  C   . TYR B 1 31  ? -5.475  4.504   -14.467 1.00 32.53 ? 10  TYR B C   1 
ATOM   812  O  O   . TYR B 1 31  ? -6.227  4.233   -13.517 1.00 33.30 ? 10  TYR B O   1 
ATOM   813  C  CB  . TYR B 1 31  ? -5.936  2.790   -16.241 1.00 32.40 ? 10  TYR B CB  1 
ATOM   814  C  CG  . TYR B 1 31  ? -5.413  1.702   -17.167 1.00 33.73 ? 10  TYR B CG  1 
ATOM   815  C  CD1 . TYR B 1 31  ? -4.958  2.012   -18.448 1.00 34.22 ? 10  TYR B CD1 1 
ATOM   816  C  CD2 . TYR B 1 31  ? -5.352  0.355   -16.745 1.00 35.19 ? 10  TYR B CD2 1 
ATOM   817  C  CE1 . TYR B 1 31  ? -4.470  1.022   -19.301 1.00 35.41 ? 10  TYR B CE1 1 
ATOM   818  C  CE2 . TYR B 1 31  ? -4.853  -0.638  -17.585 1.00 35.64 ? 10  TYR B CE2 1 
ATOM   819  C  CZ  . TYR B 1 31  ? -4.411  -0.284  -18.857 1.00 35.79 ? 10  TYR B CZ  1 
ATOM   820  O  OH  . TYR B 1 31  ? -3.924  -1.239  -19.692 1.00 38.13 ? 10  TYR B OH  1 
ATOM   821  N  N   . LEU B 1 32  ? -5.153  5.749   -14.814 1.00 32.07 ? 11  LEU B N   1 
ATOM   822  C  CA  . LEU B 1 32  ? -5.721  6.916   -14.148 1.00 32.56 ? 11  LEU B CA  1 
ATOM   823  C  C   . LEU B 1 32  ? -7.237  6.967   -14.303 1.00 33.27 ? 11  LEU B C   1 
ATOM   824  O  O   . LEU B 1 32  ? -7.754  6.664   -15.376 1.00 34.17 ? 11  LEU B O   1 
ATOM   825  C  CB  . LEU B 1 32  ? -5.096  8.205   -14.705 1.00 31.66 ? 11  LEU B CB  1 
ATOM   826  C  CG  . LEU B 1 32  ? -3.819  8.702   -14.001 1.00 32.19 ? 11  LEU B CG  1 
ATOM   827  C  CD1 . LEU B 1 32  ? -2.613  7.771   -14.243 1.00 29.79 ? 11  LEU B CD1 1 
ATOM   828  C  CD2 . LEU B 1 32  ? -3.489  10.133  -14.457 1.00 29.16 ? 11  LEU B CD2 1 
ATOM   829  N  N   . GLY B 1 33  ? -7.942  7.364   -13.245 1.00 34.01 ? 12  GLY B N   1 
ATOM   830  C  CA  . GLY B 1 33  ? -9.406  7.514   -13.290 1.00 34.91 ? 12  GLY B CA  1 
ATOM   831  C  C   . GLY B 1 33  ? -9.805  8.930   -13.656 1.00 36.39 ? 12  GLY B C   1 
ATOM   832  O  O   . GLY B 1 33  ? -10.988 9.230   -13.885 1.00 36.78 ? 12  GLY B O   1 
ATOM   833  N  N   . ASP B 1 34  ? -8.805  9.807   -13.737 1.00 37.35 ? 13  ASP B N   1 
ATOM   834  C  CA  . ASP B 1 34  ? -9.020  11.235  -13.945 1.00 38.32 ? 13  ASP B CA  1 
ATOM   835  C  C   . ASP B 1 34  ? -7.699  11.927  -14.290 1.00 38.27 ? 13  ASP B C   1 
ATOM   836  O  O   . ASP B 1 34  ? -6.617  11.415  -13.956 1.00 38.20 ? 13  ASP B O   1 
ATOM   837  C  CB  . ASP B 1 34  ? -9.646  11.868  -12.686 1.00 39.37 ? 13  ASP B CB  1 
ATOM   838  C  CG  . ASP B 1 34  ? -9.203  11.166  -11.346 1.00 43.33 ? 13  ASP B CG  1 
ATOM   839  O  OD1 . ASP B 1 34  ? -7.946  11.018  -11.057 1.00 44.42 ? 13  ASP B OD1 1 
ATOM   840  O  OD2 . ASP B 1 34  ? -10.154 10.771  -10.592 1.00 45.07 ? 13  ASP B OD2 1 
ATOM   841  N  N   . ASP B 1 35  ? -7.778  13.090  -14.942 1.00 37.88 ? 14  ASP B N   1 
ATOM   842  C  CA  . ASP B 1 35  ? -6.579  13.854  -15.259 1.00 37.94 ? 14  ASP B CA  1 
ATOM   843  C  C   . ASP B 1 35  ? -5.850  14.183  -13.935 1.00 38.03 ? 14  ASP B C   1 
ATOM   844  O  O   . ASP B 1 35  ? -6.486  14.339  -12.891 1.00 38.50 ? 14  ASP B O   1 
ATOM   845  C  CB  . ASP B 1 35  ? -6.908  15.132  -16.080 1.00 37.58 ? 14  ASP B CB  1 
ATOM   846  C  CG  . ASP B 1 35  ? -7.290  14.840  -17.568 1.00 38.39 ? 14  ASP B CG  1 
ATOM   847  O  OD1 . ASP B 1 35  ? -7.167  13.697  -18.054 1.00 39.41 ? 14  ASP B OD1 1 
ATOM   848  O  OD2 . ASP B 1 35  ? -7.729  15.776  -18.281 1.00 38.58 ? 14  ASP B OD2 1 
ATOM   849  N  N   . PRO B 1 36  ? -4.509  14.248  -13.958 1.00 37.95 ? 15  PRO B N   1 
ATOM   850  C  CA  . PRO B 1 36  ? -3.838  14.664  -12.732 1.00 38.05 ? 15  PRO B CA  1 
ATOM   851  C  C   . PRO B 1 36  ? -4.104  16.142  -12.328 1.00 38.93 ? 15  PRO B C   1 
ATOM   852  O  O   . PRO B 1 36  ? -4.331  17.026  -13.175 1.00 38.60 ? 15  PRO B O   1 
ATOM   853  C  CB  . PRO B 1 36  ? -2.366  14.395  -13.008 1.00 37.90 ? 15  PRO B CB  1 
ATOM   854  C  CG  . PRO B 1 36  ? -2.253  14.054  -14.427 1.00 38.17 ? 15  PRO B CG  1 
ATOM   855  C  CD  . PRO B 1 36  ? -3.583  13.720  -14.972 1.00 37.89 ? 15  PRO B CD  1 
ATOM   856  N  N   . GLU B 1 37  ? -4.113  16.378  -11.019 1.00 39.41 ? 16  GLU B N   1 
ATOM   857  C  CA  . GLU B 1 37  ? -4.442  17.681  -10.449 1.00 39.80 ? 16  GLU B CA  1 
ATOM   858  C  C   . GLU B 1 37  ? -3.227  18.236  -9.701  1.00 39.44 ? 16  GLU B C   1 
ATOM   859  O  O   . GLU B 1 37  ? -2.551  17.526  -8.956  1.00 39.58 ? 16  GLU B O   1 
ATOM   860  C  CB  . GLU B 1 37  ? -5.682  17.547  -9.545  1.00 39.77 ? 16  GLU B CB  1 
ATOM   861  C  CG  . GLU B 1 37  ? -5.869  18.618  -8.478  1.00 43.89 ? 16  GLU B CG  1 
ATOM   862  C  CD  . GLU B 1 37  ? -7.329  19.104  -8.326  1.00 49.10 ? 16  GLU B CD  1 
ATOM   863  O  OE1 . GLU B 1 37  ? -8.264  18.400  -8.799  1.00 51.39 ? 16  GLU B OE1 1 
ATOM   864  O  OE2 . GLU B 1 37  ? -7.538  20.201  -7.736  1.00 49.28 ? 16  GLU B OE2 1 
ATOM   865  N  N   . SER B 1 38  ? -2.941  19.503  -9.935  1.00 39.16 ? 17  SER B N   1 
ATOM   866  C  CA  . SER B 1 38  ? -1.941  20.230  -9.176  1.00 39.27 ? 17  SER B CA  1 
ATOM   867  C  C   . SER B 1 38  ? -2.574  21.039  -8.037  1.00 38.71 ? 17  SER B C   1 
ATOM   868  O  O   . SER B 1 38  ? -3.509  21.801  -8.247  1.00 39.42 ? 17  SER B O   1 
ATOM   869  C  CB  . SER B 1 38  ? -1.166  21.160  -10.107 1.00 39.50 ? 17  SER B CB  1 
ATOM   870  O  OG  . SER B 1 38  ? 0.049   21.577  -9.508  1.00 41.52 ? 17  SER B OG  1 
ATOM   871  N  N   . LYS B 1 39  ? -2.070  20.850  -6.825  1.00 38.39 ? 18  LYS B N   1 
ATOM   872  C  CA  . LYS B 1 39  ? -2.402  21.719  -5.698  1.00 37.75 ? 18  LYS B CA  1 
ATOM   873  C  C   . LYS B 1 39  ? -1.082  22.284  -5.174  1.00 37.29 ? 18  LYS B C   1 
ATOM   874  O  O   . LYS B 1 39  ? -0.055  21.614  -5.212  1.00 38.03 ? 18  LYS B O   1 
ATOM   875  C  CB  . LYS B 1 39  ? -3.176  20.946  -4.614  1.00 37.30 ? 18  LYS B CB  1 
ATOM   876  N  N   . THR B 1 40  ? -1.095  23.533  -4.743  1.00 37.00 ? 19  THR B N   1 
ATOM   877  C  CA  . THR B 1 40  ? 0.046   24.145  -4.072  1.00 36.44 ? 19  THR B CA  1 
ATOM   878  C  C   . THR B 1 40  ? -0.180  24.022  -2.566  1.00 36.12 ? 19  THR B C   1 
ATOM   879  O  O   . THR B 1 40  ? -1.193  24.488  -2.042  1.00 35.36 ? 19  THR B O   1 
ATOM   880  C  CB  . THR B 1 40  ? 0.188   25.649  -4.458  1.00 36.98 ? 19  THR B CB  1 
ATOM   881  O  OG1 . THR B 1 40  ? 0.125   25.792  -5.883  1.00 37.13 ? 19  THR B OG1 1 
ATOM   882  C  CG2 . THR B 1 40  ? 1.507   26.270  -3.925  1.00 36.19 ? 19  THR B CG2 1 
ATOM   883  N  N   . MET B 1 41  ? 0.772   23.398  -1.878  1.00 36.43 ? 20  MET B N   1 
ATOM   884  C  CA  . MET B 1 41  ? 0.713   23.216  -0.421  1.00 36.86 ? 20  MET B CA  1 
ATOM   885  C  C   . MET B 1 41  ? 1.046   24.437  0.447   1.00 36.08 ? 20  MET B C   1 
ATOM   886  O  O   . MET B 1 41  ? 1.407   25.517  -0.052  1.00 35.67 ? 20  MET B O   1 
ATOM   887  C  CB  . MET B 1 41  ? 1.583   22.038  0.001   1.00 37.45 ? 20  MET B CB  1 
ATOM   888  C  CG  . MET B 1 41  ? 1.179   20.749  -0.654  1.00 41.24 ? 20  MET B CG  1 
ATOM   889  S  SD  . MET B 1 41  ? -0.581  20.360  -0.447  1.00 49.33 ? 20  MET B SD  1 
ATOM   890  C  CE  . MET B 1 41  ? -0.381  19.002  0.716   1.00 49.66 ? 20  MET B CE  1 
ATOM   891  N  N   . THR B 1 42  ? 0.874   24.242  1.757   1.00 35.70 ? 21  THR B N   1 
ATOM   892  C  CA  . THR B 1 42  ? 1.272   25.197  2.797   1.00 35.35 ? 21  THR B CA  1 
ATOM   893  C  C   . THR B 1 42  ? 2.709   25.595  2.598   1.00 34.54 ? 21  THR B C   1 
ATOM   894  O  O   . THR B 1 42  ? 3.071   26.759  2.778   1.00 34.78 ? 21  THR B O   1 
ATOM   895  C  CB  . THR B 1 42  ? 1.215   24.563  4.202   1.00 35.52 ? 21  THR B CB  1 
ATOM   896  O  OG1 . THR B 1 42  ? 1.325   23.133  4.087   1.00 36.56 ? 21  THR B OG1 1 
ATOM   897  C  CG2 . THR B 1 42  ? -0.078  24.942  4.914   1.00 36.48 ? 21  THR B CG2 1 
ATOM   898  N  N   . SER B 1 43  ? 3.517   24.609  2.228   1.00 33.52 ? 22  SER B N   1 
ATOM   899  C  CA  . SER B 1 43  ? 4.930   24.794  1.993   1.00 32.83 ? 22  SER B CA  1 
ATOM   900  C  C   . SER B 1 43  ? 5.243   25.711  0.805   1.00 32.84 ? 22  SER B C   1 
ATOM   901  O  O   . SER B 1 43  ? 6.375   26.144  0.643   1.00 32.72 ? 22  SER B O   1 
ATOM   902  C  CB  . SER B 1 43  ? 5.580   23.431  1.797   1.00 32.66 ? 22  SER B CB  1 
ATOM   903  O  OG  . SER B 1 43  ? 4.864   22.664  0.846   1.00 30.73 ? 22  SER B OG  1 
ATOM   904  N  N   . GLY B 1 44  ? 4.244   26.033  -0.008  1.00 32.86 ? 23  GLY B N   1 
ATOM   905  C  CA  . GLY B 1 44  ? 4.515   26.577  -1.331  1.00 33.44 ? 23  GLY B CA  1 
ATOM   906  C  C   . GLY B 1 44  ? 4.987   25.495  -2.310  1.00 34.48 ? 23  GLY B C   1 
ATOM   907  O  O   . GLY B 1 44  ? 5.222   25.793  -3.481  1.00 35.44 ? 23  GLY B O   1 
ATOM   908  N  N   . ALA B 1 45  ? 5.133   24.251  -1.847  1.00 34.13 ? 24  ALA B N   1 
ATOM   909  C  CA  . ALA B 1 45  ? 5.443   23.125  -2.741  1.00 35.56 ? 24  ALA B CA  1 
ATOM   910  C  C   . ALA B 1 45  ? 4.241   22.756  -3.623  1.00 35.97 ? 24  ALA B C   1 
ATOM   911  O  O   . ALA B 1 45  ? 3.102   22.769  -3.155  1.00 36.16 ? 24  ALA B O   1 
ATOM   912  C  CB  . ALA B 1 45  ? 5.917   21.903  -1.942  1.00 34.85 ? 24  ALA B CB  1 
ATOM   913  N  N   . GLU B 1 46  ? 4.497   22.461  -4.898  1.00 36.74 ? 25  GLU B N   1 
ATOM   914  C  CA  . GLU B 1 46  ? 3.442   22.078  -5.836  1.00 36.99 ? 25  GLU B CA  1 
ATOM   915  C  C   . GLU B 1 46  ? 3.342   20.568  -5.790  1.00 37.28 ? 25  GLU B C   1 
ATOM   916  O  O   . GLU B 1 46  ? 4.343   19.881  -6.015  1.00 37.78 ? 25  GLU B O   1 
ATOM   917  C  CB  . GLU B 1 46  ? 3.769   22.570  -7.250  1.00 37.59 ? 25  GLU B CB  1 
ATOM   918  N  N   . VAL B 1 47  ? 2.157   20.049  -5.450  1.00 37.06 ? 26  VAL B N   1 
ATOM   919  C  CA  . VAL B 1 47  ? 1.950   18.597  -5.276  1.00 36.40 ? 26  VAL B CA  1 
ATOM   920  C  C   . VAL B 1 47  ? 0.919   18.061  -6.258  1.00 36.70 ? 26  VAL B C   1 
ATOM   921  O  O   . VAL B 1 47  ? -0.183  18.606  -6.358  1.00 36.76 ? 26  VAL B O   1 
ATOM   922  C  CB  . VAL B 1 47  ? 1.468   18.273  -3.854  1.00 36.48 ? 26  VAL B CB  1 
ATOM   923  C  CG1 . VAL B 1 47  ? 1.327   16.783  -3.662  1.00 34.52 ? 26  VAL B CG1 1 
ATOM   924  C  CG2 . VAL B 1 47  ? 2.457   18.834  -2.823  1.00 36.86 ? 26  VAL B CG2 1 
ATOM   925  N  N   . VAL B 1 48  ? 1.257   16.978  -6.960  1.00 36.53 ? 27  VAL B N   1 
ATOM   926  C  CA  . VAL B 1 48  ? 0.332   16.387  -7.926  1.00 36.39 ? 27  VAL B CA  1 
ATOM   927  C  C   . VAL B 1 48  ? -0.429  15.172  -7.399  1.00 36.94 ? 27  VAL B C   1 
ATOM   928  O  O   . VAL B 1 48  ? 0.170   14.215  -6.890  1.00 38.09 ? 27  VAL B O   1 
ATOM   929  C  CB  . VAL B 1 48  ? 1.027   16.051  -9.237  1.00 36.07 ? 27  VAL B CB  1 
ATOM   930  C  CG1 . VAL B 1 48  ? 0.086   15.249  -10.136 1.00 36.28 ? 27  VAL B CG1 1 
ATOM   931  C  CG2 . VAL B 1 48  ? 1.477   17.345  -9.926  1.00 34.87 ? 27  VAL B CG2 1 
ATOM   932  N  N   . ASN B 1 49  ? -1.745  15.191  -7.521  1.00 37.05 ? 28  ASN B N   1 
ATOM   933  C  CA  . ASN B 1 49  ? -2.522  14.032  -7.131  1.00 37.32 ? 28  ASN B CA  1 
ATOM   934  C  C   . ASN B 1 49  ? -3.355  13.462  -8.287  1.00 36.95 ? 28  ASN B C   1 
ATOM   935  O  O   . ASN B 1 49  ? -3.754  14.184  -9.207  1.00 37.38 ? 28  ASN B O   1 
ATOM   936  C  CB  . ASN B 1 49  ? -3.356  14.324  -5.890  1.00 37.55 ? 28  ASN B CB  1 
ATOM   937  C  CG  . ASN B 1 49  ? -4.291  15.510  -6.076  1.00 42.00 ? 28  ASN B CG  1 
ATOM   938  O  OD1 . ASN B 1 49  ? -3.978  16.656  -5.672  1.00 46.24 ? 28  ASN B OD1 1 
ATOM   939  N  ND2 . ASN B 1 49  ? -5.460  15.251  -6.678  1.00 44.09 ? 28  ASN B ND2 1 
ATOM   940  N  N   . PHE B 1 50  ? -3.557  12.156  -8.260  1.00 35.81 ? 29  PHE B N   1 
ATOM   941  C  CA  . PHE B 1 50  ? -4.472  11.501  -9.156  1.00 35.07 ? 29  PHE B CA  1 
ATOM   942  C  C   . PHE B 1 50  ? -4.875  10.182  -8.551  1.00 34.91 ? 29  PHE B C   1 
ATOM   943  O  O   . PHE B 1 50  ? -4.195  9.695   -7.644  1.00 35.60 ? 29  PHE B O   1 
ATOM   944  C  CB  . PHE B 1 50  ? -3.863  11.311  -10.559 1.00 34.87 ? 29  PHE B CB  1 
ATOM   945  C  CG  . PHE B 1 50  ? -2.530  10.591  -10.597 1.00 34.63 ? 29  PHE B CG  1 
ATOM   946  C  CD1 . PHE B 1 50  ? -2.457  9.198   -10.513 1.00 31.46 ? 29  PHE B CD1 1 
ATOM   947  C  CD2 . PHE B 1 50  ? -1.346  11.318  -10.810 1.00 34.93 ? 29  PHE B CD2 1 
ATOM   948  C  CE1 . PHE B 1 50  ? -1.261  8.557   -10.615 1.00 31.43 ? 29  PHE B CE1 1 
ATOM   949  C  CE2 . PHE B 1 50  ? -0.113  10.678  -10.889 1.00 31.49 ? 29  PHE B CE2 1 
ATOM   950  C  CZ  . PHE B 1 50  ? -0.071  9.293   -10.797 1.00 33.12 ? 29  PHE B CZ  1 
ATOM   951  N  N   . ARG B 1 51  ? -5.969  9.606   -9.042  1.00 34.15 ? 30  ARG B N   1 
ATOM   952  C  CA  . ARG B 1 51  ? -6.395  8.268   -8.617  1.00 33.39 ? 30  ARG B CA  1 
ATOM   953  C  C   . ARG B 1 51  ? -6.141  7.292   -9.755  1.00 32.79 ? 30  ARG B C   1 
ATOM   954  O  O   . ARG B 1 51  ? -6.391  7.611   -10.914 1.00 32.06 ? 30  ARG B O   1 
ATOM   955  C  CB  . ARG B 1 51  ? -7.882  8.263   -8.170  1.00 33.45 ? 30  ARG B CB  1 
ATOM   956  N  N   . MET B 1 52  ? -5.620  6.109   -9.435  1.00 33.05 ? 31  MET B N   1 
ATOM   957  C  CA  . MET B 1 52  ? -5.426  5.084   -10.455 1.00 33.23 ? 31  MET B CA  1 
ATOM   958  C  C   . MET B 1 52  ? -6.054  3.755   -10.034 1.00 33.93 ? 31  MET B C   1 
ATOM   959  O  O   . MET B 1 52  ? -6.229  3.496   -8.840  1.00 34.03 ? 31  MET B O   1 
ATOM   960  C  CB  . MET B 1 52  ? -3.949  4.930   -10.806 1.00 33.35 ? 31  MET B CB  1 
ATOM   961  C  CG  . MET B 1 52  ? -3.078  4.320   -9.723  1.00 34.52 ? 31  MET B CG  1 
ATOM   962  S  SD  . MET B 1 52  ? -1.337  4.433   -10.196 1.00 37.29 ? 31  MET B SD  1 
ATOM   963  C  CE  . MET B 1 52  ? -1.202  3.057   -11.343 1.00 36.35 ? 31  MET B CE  1 
ATOM   964  N  N   . ALA B 1 53  ? -6.393  2.937   -11.031 1.00 34.02 ? 32  ALA B N   1 
ATOM   965  C  CA  . ALA B 1 53  ? -7.142  1.700   -10.848 1.00 34.58 ? 32  ALA B CA  1 
ATOM   966  C  C   . ALA B 1 53  ? -6.292  0.486   -11.140 1.00 35.22 ? 32  ALA B C   1 
ATOM   967  O  O   . ALA B 1 53  ? -5.541  0.471   -12.111 1.00 35.19 ? 32  ALA B O   1 
ATOM   968  C  CB  . ALA B 1 53  ? -8.364  1.686   -11.767 1.00 33.81 ? 32  ALA B CB  1 
ATOM   969  N  N   . THR B 1 54  ? -6.417  -0.538  -10.307 1.00 36.60 ? 33  THR B N   1 
ATOM   970  C  CA  . THR B 1 54  ? -5.825  -1.833  -10.620 1.00 38.64 ? 33  THR B CA  1 
ATOM   971  C  C   . THR B 1 54  ? -6.860  -2.950  -10.594 1.00 40.65 ? 33  THR B C   1 
ATOM   972  O  O   . THR B 1 54  ? -7.952  -2.793  -10.051 1.00 41.12 ? 33  THR B O   1 
ATOM   973  C  CB  . THR B 1 54  ? -4.571  -2.174  -9.730  1.00 38.51 ? 33  THR B CB  1 
ATOM   974  O  OG1 . THR B 1 54  ? -4.939  -2.249  -8.343  1.00 37.64 ? 33  THR B OG1 1 
ATOM   975  C  CG2 . THR B 1 54  ? -3.467  -1.119  -9.926  1.00 36.97 ? 33  THR B CG2 1 
ATOM   976  N  N   . PHE B 1 55  ? -6.519  -4.062  -11.227 1.00 43.23 ? 34  PHE B N   1 
ATOM   977  C  CA  . PHE B 1 55  ? -7.361  -5.262  -11.262 1.00 46.17 ? 34  PHE B CA  1 
ATOM   978  C  C   . PHE B 1 55  ? -6.493  -6.409  -11.741 1.00 47.10 ? 34  PHE B C   1 
ATOM   979  O  O   . PHE B 1 55  ? -5.466  -6.168  -12.377 1.00 47.75 ? 34  PHE B O   1 
ATOM   980  C  CB  . PHE B 1 55  ? -8.604  -5.095  -12.161 1.00 46.44 ? 34  PHE B CB  1 
ATOM   981  C  CG  . PHE B 1 55  ? -8.378  -4.221  -13.389 1.00 49.86 ? 34  PHE B CG  1 
ATOM   982  C  CD1 . PHE B 1 55  ? -8.611  -2.835  -13.338 1.00 51.20 ? 34  PHE B CD1 1 
ATOM   983  C  CD2 . PHE B 1 55  ? -7.961  -4.784  -14.604 1.00 52.18 ? 34  PHE B CD2 1 
ATOM   984  C  CE1 . PHE B 1 55  ? -8.416  -2.028  -14.468 1.00 51.56 ? 34  PHE B CE1 1 
ATOM   985  C  CE2 . PHE B 1 55  ? -7.765  -3.975  -15.742 1.00 52.35 ? 34  PHE B CE2 1 
ATOM   986  C  CZ  . PHE B 1 55  ? -7.997  -2.596  -15.668 1.00 52.02 ? 34  PHE B CZ  1 
ATOM   987  N  N   . GLU B 1 56  ? -6.884  -7.641  -11.418 1.00 48.21 ? 35  GLU B N   1 
ATOM   988  C  CA  . GLU B 1 56  ? -6.095  -8.815  -11.797 1.00 49.02 ? 35  GLU B CA  1 
ATOM   989  C  C   . GLU B 1 56  ? -5.999  -8.907  -13.328 1.00 49.61 ? 35  GLU B C   1 
ATOM   990  O  O   . GLU B 1 56  ? -7.017  -8.873  -14.036 1.00 50.11 ? 35  GLU B O   1 
ATOM   991  C  CB  . GLU B 1 56  ? -6.692  -10.101 -11.203 1.00 48.91 ? 35  GLU B CB  1 
ATOM   992  N  N   . GLU B 1 68  ? -12.861 -9.103  -5.516  1.00 47.51 ? 47  GLU B N   1 
ATOM   993  C  CA  . GLU B 1 68  ? -14.238 -8.816  -5.906  1.00 47.87 ? 47  GLU B CA  1 
ATOM   994  C  C   . GLU B 1 68  ? -14.329 -7.712  -6.959  1.00 47.67 ? 47  GLU B C   1 
ATOM   995  O  O   . GLU B 1 68  ? -15.070 -7.850  -7.945  1.00 48.16 ? 47  GLU B O   1 
ATOM   996  C  CB  . GLU B 1 68  ? -15.084 -8.396  -4.698  1.00 47.90 ? 47  GLU B CB  1 
ATOM   997  C  CG  . GLU B 1 68  ? -15.299 -9.456  -3.656  1.00 49.01 ? 47  GLU B CG  1 
ATOM   998  C  CD  . GLU B 1 68  ? -16.736 -9.495  -3.155  1.00 51.72 ? 47  GLU B CD  1 
ATOM   999  O  OE1 . GLU B 1 68  ? -16.968 -9.970  -2.014  1.00 52.38 ? 47  GLU B OE1 1 
ATOM   1000 O  OE2 . GLU B 1 68  ? -17.638 -9.068  -3.912  1.00 52.51 ? 47  GLU B OE2 1 
ATOM   1001 N  N   . LYS B 1 69  ? -13.585 -6.627  -6.740  1.00 46.93 ? 48  LYS B N   1 
ATOM   1002 C  CA  . LYS B 1 69  ? -13.777 -5.376  -7.465  1.00 46.51 ? 48  LYS B CA  1 
ATOM   1003 C  C   . LYS B 1 69  ? -12.452 -4.783  -7.882  1.00 46.42 ? 48  LYS B C   1 
ATOM   1004 O  O   . LYS B 1 69  ? -11.393 -5.250  -7.473  1.00 46.74 ? 48  LYS B O   1 
ATOM   1005 C  CB  . LYS B 1 69  ? -14.515 -4.369  -6.580  1.00 46.27 ? 48  LYS B CB  1 
ATOM   1006 N  N   . THR B 1 70  ? -12.494 -3.735  -8.692  1.00 46.00 ? 49  THR B N   1 
ATOM   1007 C  CA  . THR B 1 70  ? -11.266 -3.036  -9.016  1.00 45.44 ? 49  THR B CA  1 
ATOM   1008 C  C   . THR B 1 70  ? -10.895 -2.065  -7.881  1.00 44.46 ? 49  THR B C   1 
ATOM   1009 O  O   . THR B 1 70  ? -11.769 -1.481  -7.212  1.00 44.08 ? 49  THR B O   1 
ATOM   1010 C  CB  . THR B 1 70  ? -11.350 -2.302  -10.360 1.00 45.85 ? 49  THR B CB  1 
ATOM   1011 O  OG1 . THR B 1 70  ? -12.110 -1.105  -10.187 1.00 47.85 ? 49  THR B OG1 1 
ATOM   1012 C  CG2 . THR B 1 70  ? -12.010 -3.183  -11.427 1.00 45.96 ? 49  THR B CG2 1 
ATOM   1013 N  N   . GLU B 1 71  ? -9.591  -1.920  -7.672  1.00 43.13 ? 50  GLU B N   1 
ATOM   1014 C  CA  . GLU B 1 71  ? -9.052  -1.167  -6.560  1.00 41.85 ? 50  GLU B CA  1 
ATOM   1015 C  C   . GLU B 1 71  ? -8.614  0.209   -7.017  1.00 41.38 ? 50  GLU B C   1 
ATOM   1016 O  O   . GLU B 1 71  ? -7.873  0.348   -8.013  1.00 40.96 ? 50  GLU B O   1 
ATOM   1017 C  CB  . GLU B 1 71  ? -7.859  -1.905  -5.955  1.00 42.01 ? 50  GLU B CB  1 
ATOM   1018 C  CG  . GLU B 1 71  ? -8.230  -3.065  -5.060  1.00 42.90 ? 50  GLU B CG  1 
ATOM   1019 C  CD  . GLU B 1 71  ? -9.112  -2.633  -3.894  1.00 44.05 ? 50  GLU B CD  1 
ATOM   1020 O  OE1 . GLU B 1 71  ? -10.154 -3.302  -3.666  1.00 42.31 ? 50  GLU B OE1 1 
ATOM   1021 O  OE2 . GLU B 1 71  ? -8.758  -1.622  -3.225  1.00 44.39 ? 50  GLU B OE2 1 
ATOM   1022 N  N   . TRP B 1 72  ? -9.072  1.224   -6.289  1.00 40.04 ? 51  TRP B N   1 
ATOM   1023 C  CA  . TRP B 1 72  ? -8.660  2.593   -6.564  1.00 39.09 ? 51  TRP B CA  1 
ATOM   1024 C  C   . TRP B 1 72  ? -7.595  3.029   -5.574  1.00 38.23 ? 51  TRP B C   1 
ATOM   1025 O  O   . TRP B 1 72  ? -7.758  2.930   -4.355  1.00 38.15 ? 51  TRP B O   1 
ATOM   1026 C  CB  . TRP B 1 72  ? -9.853  3.548   -6.555  1.00 38.89 ? 51  TRP B CB  1 
ATOM   1027 C  CG  . TRP B 1 72  ? -10.767 3.337   -7.722  1.00 39.94 ? 51  TRP B CG  1 
ATOM   1028 C  CD1 . TRP B 1 72  ? -11.958 2.666   -7.725  1.00 40.96 ? 51  TRP B CD1 1 
ATOM   1029 C  CD2 . TRP B 1 72  ? -10.552 3.778   -9.066  1.00 40.50 ? 51  TRP B CD2 1 
ATOM   1030 N  NE1 . TRP B 1 72  ? -12.507 2.661   -8.992  1.00 41.13 ? 51  TRP B NE1 1 
ATOM   1031 C  CE2 . TRP B 1 72  ? -11.667 3.340   -9.835  1.00 41.85 ? 51  TRP B CE2 1 
ATOM   1032 C  CE3 . TRP B 1 72  ? -9.528  4.502   -9.702  1.00 41.11 ? 51  TRP B CE3 1 
ATOM   1033 C  CZ2 . TRP B 1 72  ? -11.789 3.610   -11.207 1.00 42.61 ? 51  TRP B CZ2 1 
ATOM   1034 C  CZ3 . TRP B 1 72  ? -9.645  4.774   -11.063 1.00 42.02 ? 51  TRP B CZ3 1 
ATOM   1035 C  CH2 . TRP B 1 72  ? -10.770 4.329   -11.802 1.00 43.44 ? 51  TRP B CH2 1 
ATOM   1036 N  N   . HIS B 1 73  ? -6.492  3.507   -6.117  1.00 36.97 ? 52  HIS B N   1 
ATOM   1037 C  CA  . HIS B 1 73  ? -5.404  3.971   -5.300  1.00 35.99 ? 52  HIS B CA  1 
ATOM   1038 C  C   . HIS B 1 73  ? -5.276  5.446   -5.470  1.00 35.34 ? 52  HIS B C   1 
ATOM   1039 O  O   . HIS B 1 73  ? -5.353  5.968   -6.577  1.00 36.50 ? 52  HIS B O   1 
ATOM   1040 C  CB  . HIS B 1 73  ? -4.111  3.255   -5.679  1.00 35.18 ? 52  HIS B CB  1 
ATOM   1041 C  CG  . HIS B 1 73  ? -4.313  1.787   -5.879  1.00 35.84 ? 52  HIS B CG  1 
ATOM   1042 N  ND1 . HIS B 1 73  ? -4.273  0.887   -4.840  1.00 34.84 ? 52  HIS B ND1 1 
ATOM   1043 C  CD2 . HIS B 1 73  ? -4.632  1.074   -6.985  1.00 34.56 ? 52  HIS B CD2 1 
ATOM   1044 C  CE1 . HIS B 1 73  ? -4.526  -0.325  -5.301  1.00 35.61 ? 52  HIS B CE1 1 
ATOM   1045 N  NE2 . HIS B 1 73  ? -4.751  -0.238  -6.599  1.00 35.63 ? 52  HIS B NE2 1 
ATOM   1046 N  N   . SER B 1 74  ? -5.057  6.102   -4.350  1.00 34.45 ? 53  SER B N   1 
ATOM   1047 C  CA  . SER B 1 74  ? -4.892  7.522   -4.285  1.00 34.53 ? 53  SER B CA  1 
ATOM   1048 C  C   . SER B 1 74  ? -3.382  7.835   -4.245  1.00 33.43 ? 53  SER B C   1 
ATOM   1049 O  O   . SER B 1 74  ? -2.693  7.470   -3.296  1.00 34.13 ? 53  SER B O   1 
ATOM   1050 C  CB  . SER B 1 74  ? -5.656  8.000   -3.042  1.00 34.69 ? 53  SER B CB  1 
ATOM   1051 O  OG  . SER B 1 74  ? -5.555  9.399   -2.868  1.00 39.93 ? 53  SER B OG  1 
ATOM   1052 N  N   . VAL B 1 75  ? -2.875  8.470   -5.306  1.00 32.47 ? 54  VAL B N   1 
ATOM   1053 C  CA  . VAL B 1 75  ? -1.453  8.771   -5.486  1.00 30.69 ? 54  VAL B CA  1 
ATOM   1054 C  C   . VAL B 1 75  ? -1.160  10.266  -5.238  1.00 31.38 ? 54  VAL B C   1 
ATOM   1055 O  O   . VAL B 1 75  ? -1.929  11.170  -5.659  1.00 31.44 ? 54  VAL B O   1 
ATOM   1056 C  CB  . VAL B 1 75  ? -0.974  8.381   -6.893  1.00 30.85 ? 54  VAL B CB  1 
ATOM   1057 C  CG1 . VAL B 1 75  ? 0.548   8.513   -7.013  1.00 30.51 ? 54  VAL B CG1 1 
ATOM   1058 C  CG2 . VAL B 1 75  ? -1.396  6.974   -7.233  1.00 29.06 ? 54  VAL B CG2 1 
ATOM   1059 N  N   . VAL B 1 76  ? -0.071  10.528  -4.519  1.00 30.07 ? 55  VAL B N   1 
ATOM   1060 C  CA  . VAL B 1 76  ? 0.314   11.870  -4.191  1.00 29.58 ? 55  VAL B CA  1 
ATOM   1061 C  C   . VAL B 1 76  ? 1.788   12.034  -4.560  1.00 29.88 ? 55  VAL B C   1 
ATOM   1062 O  O   . VAL B 1 76  ? 2.629   11.305  -4.057  1.00 30.09 ? 55  VAL B O   1 
ATOM   1063 C  CB  . VAL B 1 76  ? 0.058   12.160  -2.732  1.00 29.62 ? 55  VAL B CB  1 
ATOM   1064 C  CG1 . VAL B 1 76  ? 0.560   13.549  -2.368  1.00 31.91 ? 55  VAL B CG1 1 
ATOM   1065 C  CG2 . VAL B 1 76  ? -1.426  12.100  -2.447  1.00 29.22 ? 55  VAL B CG2 1 
ATOM   1066 N  N   . VAL B 1 77  ? 2.089   12.946  -5.487  1.00 29.38 ? 56  VAL B N   1 
ATOM   1067 C  CA  . VAL B 1 77  ? 3.425   13.033  -6.030  1.00 29.46 ? 56  VAL B CA  1 
ATOM   1068 C  C   . VAL B 1 77  ? 4.073   14.334  -5.550  1.00 30.47 ? 56  VAL B C   1 
ATOM   1069 O  O   . VAL B 1 77  ? 3.669   15.413  -5.955  1.00 30.82 ? 56  VAL B O   1 
ATOM   1070 C  CB  . VAL B 1 77  ? 3.393   13.019  -7.550  1.00 29.35 ? 56  VAL B CB  1 
ATOM   1071 C  CG1 . VAL B 1 77  ? 4.806   13.034  -8.128  1.00 28.52 ? 56  VAL B CG1 1 
ATOM   1072 C  CG2 . VAL B 1 77  ? 2.571   11.841  -8.070  1.00 28.47 ? 56  VAL B CG2 1 
ATOM   1073 N  N   . PHE B 1 78  ? 5.042   14.233  -4.652  1.00 31.12 ? 57  PHE B N   1 
ATOM   1074 C  CA  . PHE B 1 78  ? 5.762   15.411  -4.187  1.00 31.49 ? 57  PHE B CA  1 
ATOM   1075 C  C   . PHE B 1 78  ? 7.046   15.590  -4.984  1.00 32.43 ? 57  PHE B C   1 
ATOM   1076 O  O   . PHE B 1 78  ? 7.546   16.713  -5.121  1.00 31.83 ? 57  PHE B O   1 
ATOM   1077 C  CB  . PHE B 1 78  ? 6.149   15.268  -2.724  1.00 30.84 ? 57  PHE B CB  1 
ATOM   1078 C  CG  . PHE B 1 78  ? 4.990   15.210  -1.789  1.00 31.22 ? 57  PHE B CG  1 
ATOM   1079 C  CD1 . PHE B 1 78  ? 4.422   16.377  -1.284  1.00 32.76 ? 57  PHE B CD1 1 
ATOM   1080 C  CD2 . PHE B 1 78  ? 4.495   14.000  -1.358  1.00 30.61 ? 57  PHE B CD2 1 
ATOM   1081 C  CE1 . PHE B 1 78  ? 3.353   16.321  -0.393  1.00 30.21 ? 57  PHE B CE1 1 
ATOM   1082 C  CE2 . PHE B 1 78  ? 3.432   13.945  -0.468  1.00 30.70 ? 57  PHE B CE2 1 
ATOM   1083 C  CZ  . PHE B 1 78  ? 2.868   15.103  0.012   1.00 30.17 ? 57  PHE B CZ  1 
ATOM   1084 N  N   . ASN B 1 79  ? 7.617   14.483  -5.473  1.00 33.59 ? 58  ASN B N   1 
ATOM   1085 C  CA  . ASN B 1 79  ? 8.860   14.585  -6.238  1.00 34.73 ? 58  ASN B CA  1 
ATOM   1086 C  C   . ASN B 1 79  ? 8.629   15.528  -7.413  1.00 34.94 ? 58  ASN B C   1 
ATOM   1087 O  O   . ASN B 1 79  ? 7.886   15.193  -8.322  1.00 35.76 ? 58  ASN B O   1 
ATOM   1088 C  CB  . ASN B 1 79  ? 9.324   13.209  -6.711  1.00 34.99 ? 58  ASN B CB  1 
ATOM   1089 C  CG  . ASN B 1 79  ? 10.591  13.287  -7.498  1.00 36.20 ? 58  ASN B CG  1 
ATOM   1090 O  OD1 . ASN B 1 79  ? 10.678  14.047  -8.459  1.00 42.08 ? 58  ASN B OD1 1 
ATOM   1091 N  ND2 . ASN B 1 79  ? 11.588  12.538  -7.096  1.00 36.54 ? 58  ASN B ND2 1 
ATOM   1092 N  N   . PRO B 1 80  ? 9.226   16.718  -7.388  1.00 35.46 ? 59  PRO B N   1 
ATOM   1093 C  CA  . PRO B 1 80  ? 8.877   17.697  -8.419  1.00 36.09 ? 59  PRO B CA  1 
ATOM   1094 C  C   . PRO B 1 80  ? 9.081   17.186  -9.863  1.00 36.88 ? 59  PRO B C   1 
ATOM   1095 O  O   . PRO B 1 80  ? 8.301   17.538  -10.771 1.00 36.77 ? 59  PRO B O   1 
ATOM   1096 C  CB  . PRO B 1 80  ? 9.794   18.893  -8.108  1.00 35.73 ? 59  PRO B CB  1 
ATOM   1097 C  CG  . PRO B 1 80  ? 10.821  18.388  -7.173  1.00 35.11 ? 59  PRO B CG  1 
ATOM   1098 C  CD  . PRO B 1 80  ? 10.193  17.263  -6.418  1.00 35.99 ? 59  PRO B CD  1 
ATOM   1099 N  N   . HIS B 1 81  ? 10.097  16.337  -10.059 1.00 37.25 ? 60  HIS B N   1 
ATOM   1100 C  CA  . HIS B 1 81  ? 10.403  15.791  -11.388 1.00 36.90 ? 60  HIS B CA  1 
ATOM   1101 C  C   . HIS B 1 81  ? 9.294   14.885  -11.923 1.00 36.65 ? 60  HIS B C   1 
ATOM   1102 O  O   . HIS B 1 81  ? 8.912   15.007  -13.096 1.00 37.18 ? 60  HIS B O   1 
ATOM   1103 C  CB  . HIS B 1 81  ? 11.737  15.058  -11.351 1.00 36.87 ? 60  HIS B CB  1 
ATOM   1104 C  CG  . HIS B 1 81  ? 12.002  14.219  -12.562 1.00 39.15 ? 60  HIS B CG  1 
ATOM   1105 N  ND1 . HIS B 1 81  ? 12.511  14.740  -13.735 1.00 41.17 ? 60  HIS B ND1 1 
ATOM   1106 C  CD2 . HIS B 1 81  ? 11.858  12.888  -12.771 1.00 40.14 ? 60  HIS B CD2 1 
ATOM   1107 C  CE1 . HIS B 1 81  ? 12.664  13.765  -14.615 1.00 41.76 ? 60  HIS B CE1 1 
ATOM   1108 N  NE2 . HIS B 1 81  ? 12.277  12.632  -14.054 1.00 41.29 ? 60  HIS B NE2 1 
ATOM   1109 N  N   . PHE B 1 82  ? 8.777   13.978  -11.077 1.00 35.77 ? 61  PHE B N   1 
ATOM   1110 C  CA  . PHE B 1 82  ? 7.688   13.079  -11.486 1.00 34.40 ? 61  PHE B CA  1 
ATOM   1111 C  C   . PHE B 1 82  ? 6.355   13.790  -11.513 1.00 34.64 ? 61  PHE B C   1 
ATOM   1112 O  O   . PHE B 1 82  ? 5.488   13.466  -12.329 1.00 34.75 ? 61  PHE B O   1 
ATOM   1113 C  CB  . PHE B 1 82  ? 7.654   11.795  -10.649 1.00 34.63 ? 61  PHE B CB  1 
ATOM   1114 C  CG  . PHE B 1 82  ? 8.874   10.914  -10.857 1.00 33.61 ? 61  PHE B CG  1 
ATOM   1115 C  CD1 . PHE B 1 82  ? 9.230   10.479  -12.143 1.00 30.69 ? 61  PHE B CD1 1 
ATOM   1116 C  CD2 . PHE B 1 82  ? 9.686   10.565  -9.790  1.00 33.17 ? 61  PHE B CD2 1 
ATOM   1117 C  CE1 . PHE B 1 82  ? 10.355  9.705   -12.355 1.00 28.65 ? 61  PHE B CE1 1 
ATOM   1118 C  CE2 . PHE B 1 82  ? 10.843  9.775   -9.994  1.00 31.91 ? 61  PHE B CE2 1 
ATOM   1119 C  CZ  . PHE B 1 82  ? 11.169  9.354   -11.280 1.00 29.92 ? 61  PHE B CZ  1 
ATOM   1120 N  N   . ALA B 1 83  ? 6.203   14.798  -10.661 1.00 34.28 ? 62  ALA B N   1 
ATOM   1121 C  CA  . ALA B 1 83  ? 5.041   15.659  -10.721 1.00 34.21 ? 62  ALA B CA  1 
ATOM   1122 C  C   . ALA B 1 83  ? 4.933   16.355  -12.108 1.00 34.63 ? 62  ALA B C   1 
ATOM   1123 O  O   . ALA B 1 83  ? 3.890   16.284  -12.764 1.00 34.67 ? 62  ALA B O   1 
ATOM   1124 C  CB  . ALA B 1 83  ? 5.078   16.677  -9.563  1.00 33.67 ? 62  ALA B CB  1 
ATOM   1125 N  N   . LYS B 1 84  ? 6.015   16.989  -12.574 1.00 34.65 ? 63  LYS B N   1 
ATOM   1126 C  CA  . LYS B 1 84  ? 5.985   17.688  -13.863 1.00 34.32 ? 63  LYS B CA  1 
ATOM   1127 C  C   . LYS B 1 84  ? 5.690   16.679  -14.969 1.00 34.55 ? 63  LYS B C   1 
ATOM   1128 O  O   . LYS B 1 84  ? 4.848   16.942  -15.851 1.00 36.06 ? 63  LYS B O   1 
ATOM   1129 C  CB  . LYS B 1 84  ? 7.277   18.495  -14.133 1.00 34.25 ? 63  LYS B CB  1 
ATOM   1130 N  N   . ILE B 1 85  ? 6.329   15.515  -14.922 1.00 33.42 ? 64  ILE B N   1 
ATOM   1131 C  CA  . ILE B 1 85  ? 6.014   14.463  -15.892 1.00 32.84 ? 64  ILE B CA  1 
ATOM   1132 C  C   . ILE B 1 85  ? 4.525   14.042  -15.896 1.00 33.15 ? 64  ILE B C   1 
ATOM   1133 O  O   . ILE B 1 85  ? 3.931   13.856  -16.977 1.00 32.75 ? 64  ILE B O   1 
ATOM   1134 C  CB  . ILE B 1 85  ? 6.920   13.262  -15.708 1.00 32.67 ? 64  ILE B CB  1 
ATOM   1135 C  CG1 . ILE B 1 85  ? 8.302   13.623  -16.239 1.00 34.13 ? 64  ILE B CG1 1 
ATOM   1136 C  CG2 . ILE B 1 85  ? 6.389   12.077  -16.456 1.00 31.40 ? 64  ILE B CG2 1 
ATOM   1137 C  CD1 . ILE B 1 85  ? 9.390   12.728  -15.721 1.00 36.96 ? 64  ILE B CD1 1 
ATOM   1138 N  N   . ALA B 1 86  ? 3.926   13.910  -14.705 1.00 32.76 ? 65  ALA B N   1 
ATOM   1139 C  CA  . ALA B 1 86  ? 2.517   13.523  -14.599 1.00 32.72 ? 65  ALA B CA  1 
ATOM   1140 C  C   . ALA B 1 86  ? 1.579   14.589  -15.180 1.00 33.85 ? 65  ALA B C   1 
ATOM   1141 O  O   . ALA B 1 86  ? 0.649   14.240  -15.905 1.00 34.69 ? 65  ALA B O   1 
ATOM   1142 C  CB  . ALA B 1 86  ? 2.144   13.206  -13.172 1.00 32.09 ? 65  ALA B CB  1 
ATOM   1143 N  N   . LEU B 1 87  ? 1.832   15.871  -14.891 1.00 33.86 ? 66  LEU B N   1 
ATOM   1144 C  CA  . LEU B 1 87  ? 1.005   16.950  -15.408 1.00 34.42 ? 66  LEU B CA  1 
ATOM   1145 C  C   . LEU B 1 87  ? 1.136   17.085  -16.915 1.00 34.89 ? 66  LEU B C   1 
ATOM   1146 O  O   . LEU B 1 87  ? 0.149   17.374  -17.612 1.00 35.28 ? 66  LEU B O   1 
ATOM   1147 C  CB  . LEU B 1 87  ? 1.364   18.301  -14.759 1.00 34.38 ? 66  LEU B CB  1 
ATOM   1148 C  CG  . LEU B 1 87  ? 0.883   18.599  -13.336 1.00 35.15 ? 66  LEU B CG  1 
ATOM   1149 C  CD1 . LEU B 1 87  ? 1.527   19.898  -12.779 1.00 32.28 ? 66  LEU B CD1 1 
ATOM   1150 C  CD2 . LEU B 1 87  ? -0.678  18.632  -13.264 1.00 32.46 ? 66  LEU B CD2 1 
ATOM   1151 N  N   . GLN B 1 88  ? 2.357   16.919  -17.419 1.00 35.22 ? 67  GLN B N   1 
ATOM   1152 C  CA  . GLN B 1 88  ? 2.603   17.119  -18.847 1.00 35.22 ? 67  GLN B CA  1 
ATOM   1153 C  C   . GLN B 1 88  ? 2.141   15.925  -19.687 1.00 35.21 ? 67  GLN B C   1 
ATOM   1154 O  O   . GLN B 1 88  ? 1.647   16.121  -20.808 1.00 34.96 ? 67  GLN B O   1 
ATOM   1155 C  CB  . GLN B 1 88  ? 4.083   17.386  -19.125 1.00 35.55 ? 67  GLN B CB  1 
ATOM   1156 C  CG  . GLN B 1 88  ? 4.687   18.605  -18.427 1.00 37.86 ? 67  GLN B CG  1 
ATOM   1157 C  CD  . GLN B 1 88  ? 6.212   18.583  -18.444 1.00 41.70 ? 67  GLN B CD  1 
ATOM   1158 O  OE1 . GLN B 1 88  ? 6.859   19.577  -18.809 1.00 42.34 ? 67  GLN B OE1 1 
ATOM   1159 N  NE2 . GLN B 1 88  ? 6.800   17.440  -18.050 1.00 41.43 ? 67  GLN B NE2 1 
ATOM   1160 N  N   . TYR B 1 89  ? 2.310   14.705  -19.155 1.00 34.78 ? 68  TYR B N   1 
ATOM   1161 C  CA  . TYR B 1 89  ? 2.130   13.492  -19.961 1.00 35.04 ? 68  TYR B CA  1 
ATOM   1162 C  C   . TYR B 1 89  ? 1.006   12.552  -19.546 1.00 35.04 ? 68  TYR B C   1 
ATOM   1163 O  O   . TYR B 1 89  ? 0.648   11.677  -20.323 1.00 35.89 ? 68  TYR B O   1 
ATOM   1164 C  CB  . TYR B 1 89  ? 3.448   12.696  -20.071 1.00 35.31 ? 68  TYR B CB  1 
ATOM   1165 C  CG  . TYR B 1 89  ? 4.537   13.429  -20.828 1.00 35.14 ? 68  TYR B CG  1 
ATOM   1166 C  CD1 . TYR B 1 89  ? 5.670   13.885  -20.178 1.00 34.44 ? 68  TYR B CD1 1 
ATOM   1167 C  CD2 . TYR B 1 89  ? 4.410   13.679  -22.198 1.00 35.94 ? 68  TYR B CD2 1 
ATOM   1168 C  CE1 . TYR B 1 89  ? 6.660   14.557  -20.860 1.00 35.63 ? 68  TYR B CE1 1 
ATOM   1169 C  CE2 . TYR B 1 89  ? 5.380   14.363  -22.897 1.00 36.77 ? 68  TYR B CE2 1 
ATOM   1170 C  CZ  . TYR B 1 89  ? 6.509   14.794  -22.229 1.00 37.25 ? 68  TYR B CZ  1 
ATOM   1171 O  OH  . TYR B 1 89  ? 7.477   15.467  -22.928 1.00 37.44 ? 68  TYR B OH  1 
ATOM   1172 N  N   . LEU B 1 90  ? 0.460   12.688  -18.341 1.00 34.77 ? 69  LEU B N   1 
ATOM   1173 C  CA  . LEU B 1 90  ? -0.618  11.781  -17.931 1.00 34.39 ? 69  LEU B CA  1 
ATOM   1174 C  C   . LEU B 1 90  ? -2.015  12.361  -18.075 1.00 34.49 ? 69  LEU B C   1 
ATOM   1175 O  O   . LEU B 1 90  ? -2.223  13.546  -17.825 1.00 34.66 ? 69  LEU B O   1 
ATOM   1176 C  CB  . LEU B 1 90  ? -0.398  11.303  -16.512 1.00 34.47 ? 69  LEU B CB  1 
ATOM   1177 C  CG  . LEU B 1 90  ? 0.796   10.380  -16.298 1.00 33.94 ? 69  LEU B CG  1 
ATOM   1178 C  CD1 . LEU B 1 90  ? 0.978   10.071  -14.806 1.00 31.48 ? 69  LEU B CD1 1 
ATOM   1179 C  CD2 . LEU B 1 90  ? 0.626   9.119   -17.117 1.00 33.17 ? 69  LEU B CD2 1 
ATOM   1180 N  N   . HIS B 1 91  ? -2.968  11.532  -18.496 1.00 34.40 ? 70  HIS B N   1 
ATOM   1181 C  CA  A HIS B 1 91  ? -4.366  11.974  -18.653 0.50 34.39 ? 70  HIS B CA  1 
ATOM   1182 C  CA  B HIS B 1 91  ? -4.365  11.975  -18.687 0.50 34.45 ? 70  HIS B CA  1 
ATOM   1183 C  C   . HIS B 1 91  ? -5.315  10.869  -18.218 1.00 34.31 ? 70  HIS B C   1 
ATOM   1184 O  O   . HIS B 1 91  ? -4.869  9.738   -17.946 1.00 34.64 ? 70  HIS B O   1 
ATOM   1185 C  CB  A HIS B 1 91  ? -4.668  12.448  -20.087 0.50 33.95 ? 70  HIS B CB  1 
ATOM   1186 C  CB  B HIS B 1 91  ? -4.646  12.346  -20.159 0.50 34.02 ? 70  HIS B CB  1 
ATOM   1187 C  CG  A HIS B 1 91  ? -4.374  11.436  -21.156 0.50 33.99 ? 70  HIS B CG  1 
ATOM   1188 C  CG  B HIS B 1 91  ? -3.660  13.315  -20.745 0.50 34.38 ? 70  HIS B CG  1 
ATOM   1189 N  ND1 A HIS B 1 91  ? -3.153  11.350  -21.787 0.50 34.89 ? 70  HIS B ND1 1 
ATOM   1190 N  ND1 B HIS B 1 91  ? -3.755  14.679  -20.564 0.50 35.43 ? 70  HIS B ND1 1 
ATOM   1191 C  CD2 A HIS B 1 91  ? -5.159  10.497  -21.736 0.50 34.64 ? 70  HIS B CD2 1 
ATOM   1192 C  CD2 B HIS B 1 91  ? -2.558  13.114  -21.510 0.50 34.38 ? 70  HIS B CD2 1 
ATOM   1193 C  CE1 A HIS B 1 91  ? -3.191  10.391  -22.697 0.50 34.93 ? 70  HIS B CE1 1 
ATOM   1194 C  CE1 B HIS B 1 91  ? -2.751  15.274  -21.186 0.50 35.59 ? 70  HIS B CE1 1 
ATOM   1195 N  NE2 A HIS B 1 91  ? -4.399  9.859   -22.688 0.50 34.75 ? 70  HIS B NE2 1 
ATOM   1196 N  NE2 B HIS B 1 91  ? -2.009  14.347  -21.765 0.50 34.23 ? 70  HIS B NE2 1 
ATOM   1197 N  N   . LYS B 1 92  ? -6.607  11.186  -18.119 1.00 34.29 ? 71  LYS B N   1 
ATOM   1198 C  CA  . LYS B 1 92  ? -7.617  10.170  -17.791 1.00 34.72 ? 71  LYS B CA  1 
ATOM   1199 C  C   . LYS B 1 92  ? -7.369  8.968   -18.712 1.00 34.90 ? 71  LYS B C   1 
ATOM   1200 O  O   . LYS B 1 92  ? -7.257  9.123   -19.939 1.00 34.45 ? 71  LYS B O   1 
ATOM   1201 C  CB  . LYS B 1 92  ? -9.068  10.682  -17.981 1.00 34.27 ? 71  LYS B CB  1 
ATOM   1202 N  N   . GLY B 1 93  ? -7.249  7.786   -18.113 1.00 34.61 ? 72  GLY B N   1 
ATOM   1203 C  CA  . GLY B 1 93  ? -7.075  6.571   -18.888 1.00 35.25 ? 72  GLY B CA  1 
ATOM   1204 C  C   . GLY B 1 93  ? -5.633  6.190   -19.185 1.00 35.63 ? 72  GLY B C   1 
ATOM   1205 O  O   . GLY B 1 93  ? -5.382  5.083   -19.672 1.00 36.20 ? 72  GLY B O   1 
ATOM   1206 N  N   . SER B 1 94  ? -4.675  7.078   -18.905 1.00 34.52 ? 73  SER B N   1 
ATOM   1207 C  CA  . SER B 1 94  ? -3.305  6.761   -19.239 1.00 33.81 ? 73  SER B CA  1 
ATOM   1208 C  C   . SER B 1 94  ? -2.872  5.612   -18.346 1.00 33.25 ? 73  SER B C   1 
ATOM   1209 O  O   . SER B 1 94  ? -3.291  5.540   -17.188 1.00 32.43 ? 73  SER B O   1 
ATOM   1210 C  CB  . SER B 1 94  ? -2.389  7.966   -18.999 1.00 34.19 ? 73  SER B CB  1 
ATOM   1211 O  OG  . SER B 1 94  ? -2.672  9.045   -19.884 1.00 35.96 ? 73  SER B OG  1 
ATOM   1212 N  N   . LYS B 1 95  ? -2.027  4.735   -18.886 1.00 32.70 ? 74  LYS B N   1 
ATOM   1213 C  CA  . LYS B 1 95  ? -1.423  3.657   -18.124 1.00 32.51 ? 74  LYS B CA  1 
ATOM   1214 C  C   . LYS B 1 95  ? -0.106  4.111   -17.525 1.00 33.07 ? 74  LYS B C   1 
ATOM   1215 O  O   . LYS B 1 95  ? 0.734   4.718   -18.197 1.00 33.35 ? 74  LYS B O   1 
ATOM   1216 C  CB  . LYS B 1 95  ? -1.174  2.436   -19.012 1.00 32.35 ? 74  LYS B CB  1 
ATOM   1217 C  CG  . LYS B 1 95  ? -1.007  1.139   -18.237 1.00 31.38 ? 74  LYS B CG  1 
ATOM   1218 C  CD  . LYS B 1 95  ? -0.747  -0.054  -19.170 1.00 31.11 ? 74  LYS B CD  1 
ATOM   1219 C  CE  . LYS B 1 95  ? -0.416  -1.330  -18.360 1.00 33.04 ? 74  LYS B CE  1 
ATOM   1220 N  NZ  . LYS B 1 95  ? 0.044   -2.521  -19.183 1.00 35.92 ? 74  LYS B NZ  1 
ATOM   1221 N  N   . VAL B 1 96  ? 0.098   3.793   -16.256 1.00 33.44 ? 75  VAL B N   1 
ATOM   1222 C  CA  . VAL B 1 96  ? 1.301   4.245   -15.586 1.00 33.26 ? 75  VAL B CA  1 
ATOM   1223 C  C   . VAL B 1 96  ? 1.813   3.189   -14.630 1.00 32.97 ? 75  VAL B C   1 
ATOM   1224 O  O   . VAL B 1 96  ? 1.029   2.428   -14.073 1.00 32.43 ? 75  VAL B O   1 
ATOM   1225 C  CB  . VAL B 1 96  ? 1.057   5.575   -14.828 1.00 33.11 ? 75  VAL B CB  1 
ATOM   1226 C  CG1 . VAL B 1 96  ? 0.219   5.321   -13.618 1.00 33.79 ? 75  VAL B CG1 1 
ATOM   1227 C  CG2 . VAL B 1 96  ? 2.370   6.184   -14.371 1.00 34.32 ? 75  VAL B CG2 1 
ATOM   1228 N  N   . TYR B 1 97  ? 3.140   3.156   -14.472 1.00 33.46 ? 76  TYR B N   1 
ATOM   1229 C  CA  . TYR B 1 97  ? 3.802   2.431   -13.406 1.00 33.69 ? 76  TYR B CA  1 
ATOM   1230 C  C   . TYR B 1 97  ? 4.248   3.422   -12.340 1.00 34.18 ? 76  TYR B C   1 
ATOM   1231 O  O   . TYR B 1 97  ? 4.924   4.409   -12.649 1.00 34.18 ? 76  TYR B O   1 
ATOM   1232 C  CB  . TYR B 1 97  ? 4.986   1.624   -13.944 1.00 33.94 ? 76  TYR B CB  1 
ATOM   1233 C  CG  . TYR B 1 97  ? 5.908   1.102   -12.868 1.00 35.94 ? 76  TYR B CG  1 
ATOM   1234 C  CD1 . TYR B 1 97  ? 6.994   1.861   -12.434 1.00 36.52 ? 76  TYR B CD1 1 
ATOM   1235 C  CD2 . TYR B 1 97  ? 5.702   -0.154  -12.281 1.00 37.66 ? 76  TYR B CD2 1 
ATOM   1236 C  CE1 . TYR B 1 97  ? 7.851   1.395   -11.451 1.00 37.71 ? 76  TYR B CE1 1 
ATOM   1237 C  CE2 . TYR B 1 97  ? 6.571   -0.635  -11.288 1.00 38.05 ? 76  TYR B CE2 1 
ATOM   1238 C  CZ  . TYR B 1 97  ? 7.630   0.153   -10.878 1.00 39.37 ? 76  TYR B CZ  1 
ATOM   1239 O  OH  . TYR B 1 97  ? 8.498   -0.279  -9.890  1.00 44.16 ? 76  TYR B OH  1 
ATOM   1240 N  N   . ILE B 1 98  ? 3.848   3.145   -11.091 1.00 34.87 ? 77  ILE B N   1 
ATOM   1241 C  CA  . ILE B 1 98  ? 4.120   3.969   -9.907  1.00 34.73 ? 77  ILE B CA  1 
ATOM   1242 C  C   . ILE B 1 98  ? 4.859   3.127   -8.867  1.00 35.09 ? 77  ILE B C   1 
ATOM   1243 O  O   . ILE B 1 98  ? 4.520   1.969   -8.629  1.00 35.29 ? 77  ILE B O   1 
ATOM   1244 C  CB  . ILE B 1 98  ? 2.783   4.421   -9.255  1.00 35.40 ? 77  ILE B CB  1 
ATOM   1245 C  CG1 . ILE B 1 98  ? 2.135   5.563   -10.056 1.00 36.64 ? 77  ILE B CG1 1 
ATOM   1246 C  CG2 . ILE B 1 98  ? 2.954   4.828   -7.805  1.00 33.49 ? 77  ILE B CG2 1 
ATOM   1247 C  CD1 . ILE B 1 98  ? 3.047   6.731   -10.308 1.00 37.23 ? 77  ILE B CD1 1 
ATOM   1248 N  N   . GLU B 1 99  ? 5.846   3.743   -8.235  1.00 35.15 ? 78  GLU B N   1 
ATOM   1249 C  CA  . GLU B 1 99  ? 6.566   3.167   -7.126  1.00 35.76 ? 78  GLU B CA  1 
ATOM   1250 C  C   . GLU B 1 99  ? 6.610   4.224   -6.035  1.00 35.10 ? 78  GLU B C   1 
ATOM   1251 O  O   . GLU B 1 99  ? 7.185   5.306   -6.234  1.00 36.00 ? 78  GLU B O   1 
ATOM   1252 C  CB  . GLU B 1 99  ? 7.976   2.862   -7.569  1.00 36.37 ? 78  GLU B CB  1 
ATOM   1253 C  CG  . GLU B 1 99  ? 8.690   1.866   -6.725  1.00 39.41 ? 78  GLU B CG  1 
ATOM   1254 C  CD  . GLU B 1 99  ? 10.086  1.627   -7.277  1.00 47.46 ? 78  GLU B CD  1 
ATOM   1255 O  OE1 . GLU B 1 99  ? 11.034  2.086   -6.566  1.00 51.19 ? 78  GLU B OE1 1 
ATOM   1256 O  OE2 . GLU B 1 99  ? 10.228  1.055   -8.420  1.00 44.20 ? 78  GLU B OE2 1 
ATOM   1257 N  N   . GLY B 1 100 ? 5.979   3.962   -4.909  1.00 33.85 ? 79  GLY B N   1 
ATOM   1258 C  CA  . GLY B 1 100 ? 6.027   4.931   -3.825  1.00 33.67 ? 79  GLY B CA  1 
ATOM   1259 C  C   . GLY B 1 100 ? 5.979   4.271   -2.467  1.00 33.83 ? 79  GLY B C   1 
ATOM   1260 O  O   . GLY B 1 100 ? 6.434   3.135   -2.301  1.00 33.35 ? 79  GLY B O   1 
ATOM   1261 N  N   . LYS B 1 101 ? 5.481   5.002   -1.474  1.00 34.33 ? 80  LYS B N   1 
ATOM   1262 C  CA  . LYS B 1 101 ? 5.310   4.416   -0.163  1.00 35.15 ? 80  LYS B CA  1 
ATOM   1263 C  C   . LYS B 1 101 ? 3.981   4.688   0.397   1.00 34.88 ? 80  LYS B C   1 
ATOM   1264 O  O   . LYS B 1 101 ? 3.312   5.655   0.054   1.00 34.84 ? 80  LYS B O   1 
ATOM   1265 C  CB  . LYS B 1 101 ? 6.397   4.803   0.828   1.00 35.64 ? 80  LYS B CB  1 
ATOM   1266 C  CG  . LYS B 1 101 ? 6.618   6.238   0.963   1.00 38.05 ? 80  LYS B CG  1 
ATOM   1267 C  CD  . LYS B 1 101 ? 7.747   6.506   1.958   1.00 43.01 ? 80  LYS B CD  1 
ATOM   1268 C  CE  . LYS B 1 101 ? 7.202   6.562   3.390   1.00 45.32 ? 80  LYS B CE  1 
ATOM   1269 N  NZ  . LYS B 1 101 ? 8.194   7.079   4.390   1.00 45.67 ? 80  LYS B NZ  1 
ATOM   1270 N  N   . LEU B 1 102 ? 3.605   3.786   1.278   1.00 35.14 ? 81  LEU B N   1 
ATOM   1271 C  CA  . LEU B 1 102 ? 2.287   3.753   1.796   1.00 35.06 ? 81  LEU B CA  1 
ATOM   1272 C  C   . LEU B 1 102 ? 2.233   4.676   3.001   1.00 35.85 ? 81  LEU B C   1 
ATOM   1273 O  O   . LEU B 1 102 ? 3.123   4.639   3.876   1.00 35.28 ? 81  LEU B O   1 
ATOM   1274 C  CB  . LEU B 1 102 ? 1.972   2.304   2.145   1.00 35.61 ? 81  LEU B CB  1 
ATOM   1275 C  CG  . LEU B 1 102 ? 0.504   1.978   2.251   1.00 36.39 ? 81  LEU B CG  1 
ATOM   1276 C  CD1 . LEU B 1 102 ? -0.143  2.159   0.903   1.00 36.64 ? 81  LEU B CD1 1 
ATOM   1277 C  CD2 . LEU B 1 102 ? 0.412   0.570   2.726   1.00 37.76 ? 81  LEU B CD2 1 
ATOM   1278 N  N   . GLN B 1 103 ? 1.224   5.552   3.006   1.00 36.72 ? 82  GLN B N   1 
ATOM   1279 C  CA  . GLN B 1 103 ? 1.061   6.553   4.068   1.00 38.38 ? 82  GLN B CA  1 
ATOM   1280 C  C   . GLN B 1 103 ? -0.375  6.782   4.363   1.00 38.50 ? 82  GLN B C   1 
ATOM   1281 O  O   . GLN B 1 103 ? -1.188  6.996   3.463   1.00 39.13 ? 82  GLN B O   1 
ATOM   1282 C  CB  . GLN B 1 103 ? 1.697   7.889   3.691   1.00 38.13 ? 82  GLN B CB  1 
ATOM   1283 C  CG  . GLN B 1 103 ? 3.189   7.774   3.629   1.00 41.55 ? 82  GLN B CG  1 
ATOM   1284 C  CD  . GLN B 1 103 ? 3.910   9.104   3.474   1.00 44.62 ? 82  GLN B CD  1 
ATOM   1285 O  OE1 . GLN B 1 103 ? 5.101   9.114   3.154   1.00 45.66 ? 82  GLN B OE1 1 
ATOM   1286 N  NE2 . GLN B 1 103 ? 3.201   10.225  3.694   1.00 44.46 ? 82  GLN B NE2 1 
ATOM   1287 N  N   . THR B 1 104 ? -0.679  6.764   5.639   1.00 39.48 ? 83  THR B N   1 
ATOM   1288 C  CA  . THR B 1 104 ? -2.021  7.010   6.090   1.00 41.08 ? 83  THR B CA  1 
ATOM   1289 C  C   . THR B 1 104 ? -1.988  8.268   6.919   1.00 42.09 ? 83  THR B C   1 
ATOM   1290 O  O   . THR B 1 104 ? -1.112  8.419   7.764   1.00 42.79 ? 83  THR B O   1 
ATOM   1291 C  CB  . THR B 1 104 ? -2.531  5.819   6.905   1.00 40.93 ? 83  THR B CB  1 
ATOM   1292 O  OG1 . THR B 1 104 ? -2.345  4.629   6.123   1.00 41.30 ? 83  THR B OG1 1 
ATOM   1293 C  CG2 . THR B 1 104 ? -4.014  5.980   7.227   1.00 40.88 ? 83  THR B CG2 1 
ATOM   1294 N  N   . ARG B 1 105 ? -2.921  9.178   6.672   1.00 43.10 ? 84  ARG B N   1 
ATOM   1295 C  CA  . ARG B 1 105 ? -2.950  10.431  7.425   1.00 43.87 ? 84  ARG B CA  1 
ATOM   1296 C  C   . ARG B 1 105 ? -4.309  10.717  8.062   1.00 44.55 ? 84  ARG B C   1 
ATOM   1297 O  O   . ARG B 1 105 ? -5.337  10.522  7.416   1.00 44.64 ? 84  ARG B O   1 
ATOM   1298 C  CB  . ARG B 1 105 ? -2.499  11.596  6.547   1.00 43.67 ? 84  ARG B CB  1 
ATOM   1299 C  CG  . ARG B 1 105 ? -3.295  11.797  5.302   1.00 43.67 ? 84  ARG B CG  1 
ATOM   1300 C  CD  . ARG B 1 105 ? -2.780  12.994  4.530   1.00 44.46 ? 84  ARG B CD  1 
ATOM   1301 N  NE  . ARG B 1 105 ? -3.387  13.045  3.205   1.00 47.33 ? 84  ARG B NE  1 
ATOM   1302 C  CZ  . ARG B 1 105 ? -4.629  13.466  2.950   1.00 49.88 ? 84  ARG B CZ  1 
ATOM   1303 N  NH1 . ARG B 1 105 ? -5.427  13.905  3.927   1.00 47.73 ? 84  ARG B NH1 1 
ATOM   1304 N  NH2 . ARG B 1 105 ? -5.077  13.453  1.696   1.00 50.71 ? 84  ARG B NH2 1 
ATOM   1305 N  N   . LYS B 1 106 ? -4.295  11.162  9.326   1.00 45.15 ? 85  LYS B N   1 
ATOM   1306 C  CA  . LYS B 1 106 ? -5.506  11.539  10.045  1.00 46.01 ? 85  LYS B CA  1 
ATOM   1307 C  C   . LYS B 1 106 ? -6.122  12.810  9.461   1.00 46.66 ? 85  LYS B C   1 
ATOM   1308 O  O   . LYS B 1 106 ? -5.407  13.755  9.095   1.00 46.83 ? 85  LYS B O   1 
ATOM   1309 C  CB  . LYS B 1 106 ? -5.229  11.751  11.548  1.00 46.09 ? 85  LYS B CB  1 
ATOM   1310 N  N   . TRP B 1 107 ? -7.450  12.817  9.372   1.00 47.01 ? 86  TRP B N   1 
ATOM   1311 C  CA  . TRP B 1 107 ? -8.213  14.012  9.013   1.00 47.06 ? 86  TRP B CA  1 
ATOM   1312 C  C   . TRP B 1 107 ? -9.382  14.152  9.995   1.00 47.01 ? 86  TRP B C   1 
ATOM   1313 O  O   . TRP B 1 107 ? -9.931  13.145  10.459  1.00 47.01 ? 86  TRP B O   1 
ATOM   1314 C  CB  . TRP B 1 107 ? -8.697  13.921  7.559   1.00 47.40 ? 86  TRP B CB  1 
ATOM   1315 N  N   . GLN B 1 108 ? -9.743  15.386  10.343  1.00 47.00 ? 87  GLN B N   1 
ATOM   1316 C  CA  . GLN B 1 108 ? -10.818 15.615  11.326  1.00 46.78 ? 87  GLN B CA  1 
ATOM   1317 C  C   . GLN B 1 108 ? -12.189 15.738  10.641  1.00 46.59 ? 87  GLN B C   1 
ATOM   1318 O  O   . GLN B 1 108 ? -12.296 16.325  9.554   1.00 46.17 ? 87  GLN B O   1 
ATOM   1319 C  CB  . GLN B 1 108 ? -10.513 16.828  12.213  1.00 46.58 ? 87  GLN B CB  1 
ATOM   1320 N  N   . ASP B 1 109 ? -13.216 15.155  11.268  1.00 46.45 ? 88  ASP B N   1 
ATOM   1321 C  CA  . ASP B 1 109 ? -14.588 15.187  10.740  1.00 46.58 ? 88  ASP B CA  1 
ATOM   1322 C  C   . ASP B 1 109 ? -15.614 15.562  11.809  1.00 46.41 ? 88  ASP B C   1 
ATOM   1323 O  O   . ASP B 1 109 ? -15.391 15.352  13.003  1.00 46.26 ? 88  ASP B O   1 
ATOM   1324 C  CB  . ASP B 1 109 ? -14.962 13.845  10.098  1.00 46.58 ? 88  ASP B CB  1 
ATOM   1325 N  N   . TYR B 1 116 ? -9.097  9.189   8.494   1.00 35.82 ? 95  TYR B N   1 
ATOM   1326 C  CA  . TYR B 1 116 ? -7.938  8.517   7.844   1.00 35.77 ? 95  TYR B CA  1 
ATOM   1327 C  C   . TYR B 1 116 ? -8.087  8.308   6.340   1.00 35.13 ? 95  TYR B C   1 
ATOM   1328 O  O   . TYR B 1 116 ? -9.155  7.934   5.856   1.00 34.69 ? 95  TYR B O   1 
ATOM   1329 C  CB  . TYR B 1 116 ? -7.641  7.149   8.486   1.00 35.79 ? 95  TYR B CB  1 
ATOM   1330 C  CG  . TYR B 1 116 ? -7.482  7.141   10.005  1.00 37.73 ? 95  TYR B CG  1 
ATOM   1331 C  CD1 . TYR B 1 116 ? -8.534  7.510   10.841  1.00 38.13 ? 95  TYR B CD1 1 
ATOM   1332 C  CD2 . TYR B 1 116 ? -6.288  6.727   10.597  1.00 38.97 ? 95  TYR B CD2 1 
ATOM   1333 C  CE1 . TYR B 1 116 ? -8.393  7.486   12.216  1.00 39.60 ? 95  TYR B CE1 1 
ATOM   1334 C  CE2 . TYR B 1 116 ? -6.142  6.702   11.978  1.00 39.47 ? 95  TYR B CE2 1 
ATOM   1335 C  CZ  . TYR B 1 116 ? -7.198  7.076   12.782  1.00 40.25 ? 95  TYR B CZ  1 
ATOM   1336 O  OH  . TYR B 1 116 ? -7.065  7.048   14.163  1.00 40.27 ? 95  TYR B OH  1 
ATOM   1337 N  N   . THR B 1 117 ? -6.987  8.522   5.618   1.00 34.58 ? 96  THR B N   1 
ATOM   1338 C  CA  . THR B 1 117 ? -6.878  8.184   4.199   1.00 34.07 ? 96  THR B CA  1 
ATOM   1339 C  C   . THR B 1 117 ? -5.489  7.597   3.984   1.00 33.93 ? 96  THR B C   1 
ATOM   1340 O  O   . THR B 1 117 ? -4.494  8.134   4.506   1.00 33.86 ? 96  THR B O   1 
ATOM   1341 C  CB  . THR B 1 117 ? -7.038  9.432   3.304   1.00 33.95 ? 96  THR B CB  1 
ATOM   1342 O  OG1 . THR B 1 117 ? -8.272  10.070  3.610   1.00 36.11 ? 96  THR B OG1 1 
ATOM   1343 C  CG2 . THR B 1 117 ? -7.065  9.079   1.836   1.00 33.81 ? 96  THR B CG2 1 
ATOM   1344 N  N   . THR B 1 118 ? -5.419  6.502   3.223   1.00 33.16 ? 97  THR B N   1 
ATOM   1345 C  CA  . THR B 1 118 ? -4.153  5.872   2.893   1.00 32.64 ? 97  THR B CA  1 
ATOM   1346 C  C   . THR B 1 118 ? -3.803  6.226   1.458   1.00 33.00 ? 97  THR B C   1 
ATOM   1347 O  O   . THR B 1 118 ? -4.649  6.113   0.559   1.00 32.51 ? 97  THR B O   1 
ATOM   1348 C  CB  . THR B 1 118 ? -4.212  4.347   3.076   1.00 32.81 ? 97  THR B CB  1 
ATOM   1349 O  OG1 . THR B 1 118 ? -4.593  4.065   4.424   1.00 33.90 ? 97  THR B OG1 1 
ATOM   1350 C  CG2 . THR B 1 118 ? -2.837  3.669   2.806   1.00 31.77 ? 97  THR B CG2 1 
ATOM   1351 N  N   . GLU B 1 119 ? -2.557  6.650   1.256   1.00 32.08 ? 98  GLU B N   1 
ATOM   1352 C  CA  . GLU B 1 119 ? -2.122  7.139   -0.035  1.00 32.77 ? 98  GLU B CA  1 
ATOM   1353 C  C   . GLU B 1 119 ? -0.809  6.489   -0.431  1.00 32.54 ? 98  GLU B C   1 
ATOM   1354 O  O   . GLU B 1 119 ? -0.028  6.073   0.439   1.00 32.72 ? 98  GLU B O   1 
ATOM   1355 C  CB  . GLU B 1 119 ? -1.921  8.654   0.028   1.00 32.78 ? 98  GLU B CB  1 
ATOM   1356 C  CG  . GLU B 1 119 ? -3.237  9.412   -0.041  1.00 36.02 ? 98  GLU B CG  1 
ATOM   1357 C  CD  . GLU B 1 119 ? -3.176  10.766  0.627   1.00 40.42 ? 98  GLU B CD  1 
ATOM   1358 O  OE1 . GLU B 1 119 ? -2.361  10.941  1.577   1.00 43.28 ? 98  GLU B OE1 1 
ATOM   1359 O  OE2 . GLU B 1 119 ? -3.974  11.647  0.229   1.00 42.92 ? 98  GLU B OE2 1 
ATOM   1360 N  N   . ILE B 1 120 ? -0.569  6.412   -1.736  1.00 31.54 ? 99  ILE B N   1 
ATOM   1361 C  CA  . ILE B 1 120 ? 0.721   5.975   -2.237  1.00 30.85 ? 99  ILE B CA  1 
ATOM   1362 C  C   . ILE B 1 120 ? 1.449   7.263   -2.549  1.00 31.21 ? 99  ILE B C   1 
ATOM   1363 O  O   . ILE B 1 120 ? 1.033   8.013   -3.457  1.00 30.34 ? 99  ILE B O   1 
ATOM   1364 C  CB  . ILE B 1 120 ? 0.606   5.158   -3.534  1.00 30.45 ? 99  ILE B CB  1 
ATOM   1365 C  CG1 . ILE B 1 120 ? -0.104  3.833   -3.298  1.00 30.01 ? 99  ILE B CG1 1 
ATOM   1366 C  CG2 . ILE B 1 120 ? 1.982   4.906   -4.106  1.00 29.58 ? 99  ILE B CG2 1 
ATOM   1367 C  CD1 . ILE B 1 120 ? -1.551  3.951   -2.794  1.00 30.80 ? 99  ILE B CD1 1 
ATOM   1368 N  N   . VAL B 1 121 ? 2.528   7.508   -1.808  1.00 30.70 ? 100 VAL B N   1 
ATOM   1369 C  CA  . VAL B 1 121 ? 3.217   8.767   -1.884  1.00 31.33 ? 100 VAL B CA  1 
ATOM   1370 C  C   . VAL B 1 121 ? 4.558   8.602   -2.593  1.00 31.80 ? 100 VAL B C   1 
ATOM   1371 O  O   . VAL B 1 121 ? 5.286   7.656   -2.302  1.00 32.28 ? 100 VAL B O   1 
ATOM   1372 C  CB  . VAL B 1 121 ? 3.479   9.316   -0.480  1.00 31.31 ? 100 VAL B CB  1 
ATOM   1373 C  CG1 . VAL B 1 121 ? 4.239   10.601  -0.583  1.00 32.07 ? 100 VAL B CG1 1 
ATOM   1374 C  CG2 . VAL B 1 121 ? 2.152   9.525   0.268   1.00 31.32 ? 100 VAL B CG2 1 
ATOM   1375 N  N   . LEU B 1 122 ? 4.865   9.512   -3.523  1.00 31.41 ? 101 LEU B N   1 
ATOM   1376 C  CA  . LEU B 1 122 ? 6.196   9.639   -4.102  1.00 31.83 ? 101 LEU B CA  1 
ATOM   1377 C  C   . LEU B 1 122 ? 6.858   10.869  -3.427  1.00 33.10 ? 101 LEU B C   1 
ATOM   1378 O  O   . LEU B 1 122 ? 6.576   12.021  -3.793  1.00 34.44 ? 101 LEU B O   1 
ATOM   1379 C  CB  . LEU B 1 122 ? 6.142   9.795   -5.623  1.00 30.90 ? 101 LEU B CB  1 
ATOM   1380 C  CG  . LEU B 1 122 ? 5.836   8.544   -6.458  1.00 31.34 ? 101 LEU B CG  1 
ATOM   1381 C  CD1 . LEU B 1 122 ? 4.399   8.120   -6.302  1.00 26.83 ? 101 LEU B CD1 1 
ATOM   1382 C  CD2 . LEU B 1 122 ? 6.126   8.764   -7.948  1.00 30.36 ? 101 LEU B CD2 1 
ATOM   1383 N  N   . PRO B 1 123 ? 7.688   10.627  -2.408  1.00 33.11 ? 102 PRO B N   1 
ATOM   1384 C  CA  . PRO B 1 123 ? 8.221   11.707  -1.580  1.00 33.39 ? 102 PRO B CA  1 
ATOM   1385 C  C   . PRO B 1 123 ? 9.177   12.615  -2.321  1.00 34.36 ? 102 PRO B C   1 
ATOM   1386 O  O   . PRO B 1 123 ? 9.619   12.288  -3.409  1.00 34.91 ? 102 PRO B O   1 
ATOM   1387 C  CB  . PRO B 1 123 ? 8.961   10.980  -0.442  1.00 33.60 ? 102 PRO B CB  1 
ATOM   1388 C  CG  . PRO B 1 123 ? 9.022   9.483   -0.835  1.00 33.00 ? 102 PRO B CG  1 
ATOM   1389 C  CD  . PRO B 1 123 ? 7.954   9.266   -1.868  1.00 33.27 ? 102 PRO B CD  1 
ATOM   1390 N  N   . GLN B 1 124 ? 9.479   13.754  -1.708  1.00 35.23 ? 103 GLN B N   1 
ATOM   1391 C  CA  . GLN B 1 124 ? 10.266  14.818  -2.280  1.00 36.46 ? 103 GLN B CA  1 
ATOM   1392 C  C   . GLN B 1 124 ? 11.455  14.340  -3.101  1.00 37.31 ? 103 GLN B C   1 
ATOM   1393 O  O   . GLN B 1 124 ? 11.667  14.843  -4.202  1.00 38.22 ? 103 GLN B O   1 
ATOM   1394 C  CB  . GLN B 1 124 ? 10.716  15.775  -1.175  1.00 36.51 ? 103 GLN B CB  1 
ATOM   1395 C  CG  . GLN B 1 124 ? 11.009  17.220  -1.612  1.00 38.89 ? 103 GLN B CG  1 
ATOM   1396 C  CD  . GLN B 1 124 ? 9.754   18.004  -1.997  1.00 43.62 ? 103 GLN B CD  1 
ATOM   1397 O  OE1 . GLN B 1 124 ? 8.655   17.721  -1.521  1.00 44.25 ? 103 GLN B OE1 1 
ATOM   1398 N  NE2 . GLN B 1 124 ? 9.921   19.011  -2.864  1.00 45.52 ? 103 GLN B NE2 1 
ATOM   1399 N  N   . TYR B 1 125 ? 12.222  13.369  -2.612  1.00 38.16 ? 104 TYR B N   1 
ATOM   1400 C  CA  . TYR B 1 125 ? 13.470  13.014  -3.329  1.00 39.03 ? 104 TYR B CA  1 
ATOM   1401 C  C   . TYR B 1 125 ? 13.579  11.580  -3.811  1.00 39.53 ? 104 TYR B C   1 
ATOM   1402 O  O   . TYR B 1 125 ? 14.646  11.198  -4.298  1.00 40.33 ? 104 TYR B O   1 
ATOM   1403 C  CB  . TYR B 1 125 ? 14.727  13.405  -2.519  1.00 39.02 ? 104 TYR B CB  1 
ATOM   1404 C  CG  . TYR B 1 125 ? 14.670  14.819  -1.993  1.00 39.36 ? 104 TYR B CG  1 
ATOM   1405 C  CD1 . TYR B 1 125 ? 14.896  15.915  -2.836  1.00 39.90 ? 104 TYR B CD1 1 
ATOM   1406 C  CD2 . TYR B 1 125 ? 14.345  15.062  -0.655  1.00 40.08 ? 104 TYR B CD2 1 
ATOM   1407 C  CE1 . TYR B 1 125 ? 14.820  17.222  -2.349  1.00 40.49 ? 104 TYR B CE1 1 
ATOM   1408 C  CE2 . TYR B 1 125 ? 14.267  16.349  -0.151  1.00 40.12 ? 104 TYR B CE2 1 
ATOM   1409 C  CZ  . TYR B 1 125 ? 14.503  17.431  -0.996  1.00 41.37 ? 104 TYR B CZ  1 
ATOM   1410 O  OH  . TYR B 1 125 ? 14.416  18.712  -0.480  1.00 42.63 ? 104 TYR B OH  1 
ATOM   1411 N  N   . LYS B 1 126 ? 12.473  10.830  -3.705  1.00 39.65 ? 105 LYS B N   1 
ATOM   1412 C  CA  . LYS B 1 126 ? 12.375  9.390   -3.960  1.00 39.61 ? 105 LYS B CA  1 
ATOM   1413 C  C   . LYS B 1 126 ? 11.184  9.092   -4.904  1.00 39.51 ? 105 LYS B C   1 
ATOM   1414 O  O   . LYS B 1 126 ? 10.660  9.994   -5.547  1.00 40.17 ? 105 LYS B O   1 
ATOM   1415 C  CB  . LYS B 1 126 ? 12.108  8.677   -2.640  1.00 40.20 ? 105 LYS B CB  1 
ATOM   1416 C  CG  . LYS B 1 126 ? 13.287  8.533   -1.698  1.00 42.54 ? 105 LYS B CG  1 
ATOM   1417 C  CD  . LYS B 1 126 ? 12.840  7.878   -0.392  1.00 46.63 ? 105 LYS B CD  1 
ATOM   1418 C  CE  . LYS B 1 126 ? 13.984  7.838   0.625   1.00 50.94 ? 105 LYS B CE  1 
ATOM   1419 N  NZ  . LYS B 1 126 ? 14.759  9.159   0.702   1.00 52.85 ? 105 LYS B NZ  1 
ATOM   1420 N  N   . GLY B 1 127 ? 10.761  7.832   -4.973  1.00 38.92 ? 106 GLY B N   1 
ATOM   1421 C  CA  . GLY B 1 127 ? 9.655   7.399   -5.802  1.00 38.36 ? 106 GLY B CA  1 
ATOM   1422 C  C   . GLY B 1 127 ? 10.088  7.080   -7.226  1.00 38.95 ? 106 GLY B C   1 
ATOM   1423 O  O   . GLY B 1 127 ? 11.262  7.251   -7.579  1.00 39.13 ? 106 GLY B O   1 
ATOM   1424 N  N   . GLU B 1 128 ? 9.138   6.627   -8.054  1.00 38.48 ? 107 GLU B N   1 
ATOM   1425 C  CA  . GLU B 1 128 ? 9.386   6.367   -9.461  1.00 38.82 ? 107 GLU B CA  1 
ATOM   1426 C  C   . GLU B 1 128 ? 8.054   6.489   -10.183 1.00 38.06 ? 107 GLU B C   1 
ATOM   1427 O  O   . GLU B 1 128 ? 7.049   6.052   -9.662  1.00 37.84 ? 107 GLU B O   1 
ATOM   1428 C  CB  . GLU B 1 128 ? 10.027  4.979   -9.646  1.00 39.13 ? 107 GLU B CB  1 
ATOM   1429 C  CG  . GLU B 1 128 ? 10.040  4.463   -11.066 1.00 42.62 ? 107 GLU B CG  1 
ATOM   1430 C  CD  . GLU B 1 128 ? 11.021  5.182   -11.957 1.00 48.56 ? 107 GLU B CD  1 
ATOM   1431 O  OE1 . GLU B 1 128 ? 11.910  5.889   -11.424 1.00 53.33 ? 107 GLU B OE1 1 
ATOM   1432 O  OE2 . GLU B 1 128 ? 10.937  5.028   -13.206 1.00 52.73 ? 107 GLU B OE2 1 
ATOM   1433 N  N   . LEU B 1 129 ? 8.033   7.149   -11.333 1.00 37.73 ? 108 LEU B N   1 
ATOM   1434 C  CA  . LEU B 1 129 ? 6.820   7.214   -12.141 1.00 38.37 ? 108 LEU B CA  1 
ATOM   1435 C  C   . LEU B 1 129 ? 7.211   7.015   -13.578 1.00 39.05 ? 108 LEU B C   1 
ATOM   1436 O  O   . LEU B 1 129 ? 8.093   7.690   -14.092 1.00 39.14 ? 108 LEU B O   1 
ATOM   1437 C  CB  . LEU B 1 129 ? 6.080   8.535   -11.941 1.00 38.48 ? 108 LEU B CB  1 
ATOM   1438 C  CG  . LEU B 1 129 ? 4.867   8.834   -12.823 1.00 39.30 ? 108 LEU B CG  1 
ATOM   1439 C  CD1 . LEU B 1 129 ? 3.913   9.832   -12.178 1.00 36.03 ? 108 LEU B CD1 1 
ATOM   1440 C  CD2 . LEU B 1 129 ? 5.327   9.361   -14.218 1.00 38.54 ? 108 LEU B CD2 1 
ATOM   1441 N  N   . HIS B 1 130 ? 6.569   6.066   -14.228 1.00 40.36 ? 109 HIS B N   1 
ATOM   1442 C  CA  . HIS B 1 130 ? 6.961   5.684   -15.582 1.00 41.69 ? 109 HIS B CA  1 
ATOM   1443 C  C   . HIS B 1 130 ? 5.714   5.599   -16.467 1.00 42.07 ? 109 HIS B C   1 
ATOM   1444 O  O   . HIS B 1 130 ? 4.683   5.014   -16.066 1.00 42.37 ? 109 HIS B O   1 
ATOM   1445 C  CB  . HIS B 1 130 ? 7.655   4.333   -15.509 1.00 42.76 ? 109 HIS B CB  1 
ATOM   1446 C  CG  . HIS B 1 130 ? 8.721   4.148   -16.533 1.00 45.48 ? 109 HIS B CG  1 
ATOM   1447 N  ND1 . HIS B 1 130 ? 10.020  4.571   -16.334 1.00 48.97 ? 109 HIS B ND1 1 
ATOM   1448 C  CD2 . HIS B 1 130 ? 8.686   3.591   -17.773 1.00 48.07 ? 109 HIS B CD2 1 
ATOM   1449 C  CE1 . HIS B 1 130 ? 10.736  4.290   -17.417 1.00 50.46 ? 109 HIS B CE1 1 
ATOM   1450 N  NE2 . HIS B 1 130 ? 9.950   3.699   -18.305 1.00 48.84 ? 109 HIS B NE2 1 
ATOM   1451 N  N   . LEU B 1 131 ? 5.788   6.213   -17.646 1.00 41.85 ? 110 LEU B N   1 
ATOM   1452 C  CA  . LEU B 1 131 ? 4.702   6.181   -18.617 1.00 41.55 ? 110 LEU B CA  1 
ATOM   1453 C  C   . LEU B 1 131 ? 4.715   4.850   -19.356 1.00 41.48 ? 110 LEU B C   1 
ATOM   1454 O  O   . LEU B 1 131 ? 5.785   4.389   -19.783 1.00 41.16 ? 110 LEU B O   1 
ATOM   1455 C  CB  . LEU B 1 131 ? 4.867   7.316   -19.640 1.00 41.97 ? 110 LEU B CB  1 
ATOM   1456 C  CG  . LEU B 1 131 ? 5.317   8.675   -19.109 1.00 42.30 ? 110 LEU B CG  1 
ATOM   1457 C  CD1 . LEU B 1 131 ? 5.857   9.599   -20.256 1.00 41.98 ? 110 LEU B CD1 1 
ATOM   1458 C  CD2 . LEU B 1 131 ? 4.153   9.296   -18.358 1.00 41.02 ? 110 LEU B CD2 1 
ATOM   1459 N  N   . LEU B 1 132 ? 3.542   4.240   -19.524 1.00 41.21 ? 111 LEU B N   1 
ATOM   1460 C  CA  . LEU B 1 132 ? 3.477   2.951   -20.203 1.00 41.44 ? 111 LEU B CA  1 
ATOM   1461 C  C   . LEU B 1 132 ? 2.569   2.919   -21.434 1.00 42.97 ? 111 LEU B C   1 
ATOM   1462 O  O   . LEU B 1 132 ? 2.485   1.889   -22.116 1.00 43.18 ? 111 LEU B O   1 
ATOM   1463 C  CB  . LEU B 1 132 ? 3.086   1.839   -19.236 1.00 40.32 ? 111 LEU B CB  1 
ATOM   1464 C  CG  . LEU B 1 132 ? 3.941   1.509   -18.015 1.00 38.12 ? 111 LEU B CG  1 
ATOM   1465 C  CD1 . LEU B 1 132 ? 3.182   0.492   -17.226 1.00 35.42 ? 111 LEU B CD1 1 
ATOM   1466 C  CD2 . LEU B 1 132 ? 5.341   0.964   -18.370 1.00 36.67 ? 111 LEU B CD2 1 
ATOM   1467 N  N   . ASP B 1 133 ? 1.895   4.032   -21.717 1.00 44.79 ? 112 ASP B N   1 
ATOM   1468 C  CA  . ASP B 1 133 ? 1.072   4.165   -22.933 1.00 46.89 ? 112 ASP B CA  1 
ATOM   1469 C  C   . ASP B 1 133 ? 1.859   3.863   -24.225 1.00 47.24 ? 112 ASP B C   1 
ATOM   1470 O  O   . ASP B 1 133 ? 3.003   4.308   -24.390 1.00 47.43 ? 112 ASP B O   1 
ATOM   1471 C  CB  . ASP B 1 133 ? 0.465   5.578   -23.029 1.00 47.69 ? 112 ASP B CB  1 
ATOM   1472 C  CG  . ASP B 1 133 ? -0.894  5.710   -22.307 1.00 49.86 ? 112 ASP B CG  1 
ATOM   1473 O  OD1 . ASP B 1 133 ? -1.477  6.831   -22.371 1.00 51.82 ? 112 ASP B OD1 1 
ATOM   1474 O  OD2 . ASP B 1 133 ? -1.366  4.716   -21.690 1.00 49.57 ? 112 ASP B OD2 1 
HETATM 1475 CA CA  . CA  C 2 .   ? 11.078  -17.520 5.475   0.50 73.53 ? 149 CA  A CA  1 
HETATM 1476 O  O   . HOH D 3 .   ? -5.352  -5.747  10.145  1.00 35.31 ? 150 HOH A O   1 
HETATM 1477 O  O   . HOH D 3 .   ? 5.006   -14.402 -4.012  1.00 33.78 ? 151 HOH A O   1 
HETATM 1478 O  O   . HOH D 3 .   ? -5.588  -15.628 -4.260  1.00 51.05 ? 152 HOH A O   1 
HETATM 1479 O  O   . HOH D 3 .   ? 1.933   -13.254 -5.005  1.00 46.33 ? 153 HOH A O   1 
HETATM 1480 O  O   . HOH D 3 .   ? 0.284   5.398   10.509  1.00 30.25 ? 154 HOH A O   1 
HETATM 1481 O  O   . HOH D 3 .   ? 9.762   -17.302 7.761   1.00 37.29 ? 155 HOH A O   1 
HETATM 1482 O  O   . HOH D 3 .   ? -10.766 -18.807 16.168  1.00 71.25 ? 156 HOH A O   1 
HETATM 1483 O  O   . HOH D 3 .   ? 1.148   -19.652 -0.759  1.00 43.23 ? 157 HOH A O   1 
HETATM 1484 O  O   . HOH D 3 .   ? 7.379   -18.065 6.394   1.00 43.17 ? 158 HOH A O   1 
HETATM 1485 O  O   . HOH E 3 .   ? -5.547  -5.037  -7.847  1.00 20.74 ? 149 HOH B O   1 
HETATM 1486 O  O   . HOH E 3 .   ? 7.467   4.044   6.339   1.00 29.38 ? 150 HOH B O   1 
HETATM 1487 O  O   . HOH E 3 .   ? 11.433  1.876   2.262   1.00 40.61 ? 151 HOH B O   1 
HETATM 1488 O  O   . HOH E 3 .   ? -6.569  11.946  -6.253  1.00 31.60 ? 152 HOH B O   1 
HETATM 1489 O  O   . HOH E 3 .   ? 12.424  9.920   -15.686 1.00 34.67 ? 153 HOH B O   1 
HETATM 1490 O  O   . HOH E 3 .   ? 4.993   19.797  1.168   1.00 30.45 ? 154 HOH B O   1 
HETATM 1491 O  O   . HOH E 3 .   ? 14.258  16.625  -15.003 1.00 35.11 ? 155 HOH B O   1 
HETATM 1492 O  O   . HOH E 3 .   ? 9.185   7.030   -18.322 1.00 38.80 ? 156 HOH B O   1 
HETATM 1493 O  O   . HOH E 3 .   ? 9.718   2.941   -1.478  1.00 50.14 ? 157 HOH B O   1 
HETATM 1494 O  O   . HOH E 3 .   ? -3.698  17.655  -15.799 1.00 29.83 ? 158 HOH B O   1 
HETATM 1495 O  O   . HOH E 3 .   ? -4.580  11.364  -4.792  1.00 31.82 ? 159 HOH B O   1 
HETATM 1496 O  O   . HOH E 3 .   ? -10.631 0.665   -4.167  1.00 37.84 ? 160 HOH B O   1 
HETATM 1497 O  O   . HOH E 3 .   ? -4.649  1.666   -2.423  1.00 35.94 ? 161 HOH B O   1 
# 
loop_
_pdbx_poly_seq_scheme.asym_id 
_pdbx_poly_seq_scheme.entity_id 
_pdbx_poly_seq_scheme.seq_id 
_pdbx_poly_seq_scheme.mon_id 
_pdbx_poly_seq_scheme.ndb_seq_num 
_pdbx_poly_seq_scheme.pdb_seq_num 
_pdbx_poly_seq_scheme.auth_seq_num 
_pdbx_poly_seq_scheme.pdb_mon_id 
_pdbx_poly_seq_scheme.auth_mon_id 
_pdbx_poly_seq_scheme.pdb_strand_id 
_pdbx_poly_seq_scheme.pdb_ins_code 
_pdbx_poly_seq_scheme.hetero 
A 1 1   MET 1   -20 ?   ?   ?   A . n 
A 1 2   ALA 2   -19 ?   ?   ?   A . n 
A 1 3   HIS 3   -18 ?   ?   ?   A . n 
A 1 4   HIS 4   -17 ?   ?   ?   A . n 
A 1 5   HIS 5   -16 ?   ?   ?   A . n 
A 1 6   HIS 6   -15 ?   ?   ?   A . n 
A 1 7   HIS 7   -14 ?   ?   ?   A . n 
A 1 8   HIS 8   -13 ?   ?   ?   A . n 
A 1 9   MET 9   -12 ?   ?   ?   A . n 
A 1 10  GLY 10  -11 ?   ?   ?   A . n 
A 1 11  THR 11  -10 ?   ?   ?   A . n 
A 1 12  LEU 12  -9  ?   ?   ?   A . n 
A 1 13  GLU 13  -8  ?   ?   ?   A . n 
A 1 14  ALA 14  -7  ?   ?   ?   A . n 
A 1 15  GLN 15  -6  ?   ?   ?   A . n 
A 1 16  THR 16  -5  ?   ?   ?   A . n 
A 1 17  GLN 17  -4  ?   ?   ?   A . n 
A 1 18  GLY 18  -3  ?   ?   ?   A . n 
A 1 19  PRO 19  -2  ?   ?   ?   A . n 
A 1 20  GLY 20  -1  -1  GLY GLY A . n 
A 1 21  SER 21  0   0   SER SER A . n 
A 1 22  MET 22  1   1   MET MET A . n 
A 1 23  LEU 23  2   2   LEU LEU A . n 
A 1 24  ASN 24  3   3   ASN ASN A . n 
A 1 25  LYS 25  4   4   LYS LYS A . n 
A 1 26  VAL 26  5   5   VAL VAL A . n 
A 1 27  MET 27  6   6   MET MET A . n 
A 1 28  LEU 28  7   7   LEU LEU A . n 
A 1 29  ILE 29  8   8   ILE ILE A . n 
A 1 30  GLY 30  9   9   GLY GLY A . n 
A 1 31  TYR 31  10  10  TYR TYR A . n 
A 1 32  LEU 32  11  11  LEU LEU A . n 
A 1 33  GLY 33  12  12  GLY GLY A . n 
A 1 34  ASP 34  13  13  ASP ASP A . n 
A 1 35  ASP 35  14  14  ASP ASP A . n 
A 1 36  PRO 36  15  15  PRO PRO A . n 
A 1 37  GLU 37  16  16  GLU GLU A . n 
A 1 38  SER 38  17  17  SER SER A . n 
A 1 39  LYS 39  18  18  LYS LYS A . n 
A 1 40  THR 40  19  19  THR THR A . n 
A 1 41  MET 41  20  20  MET MET A . n 
A 1 42  THR 42  21  21  THR THR A . n 
A 1 43  SER 43  22  22  SER SER A . n 
A 1 44  GLY 44  23  23  GLY GLY A . n 
A 1 45  ALA 45  24  24  ALA ALA A . n 
A 1 46  GLU 46  25  25  GLU GLU A . n 
A 1 47  VAL 47  26  26  VAL VAL A . n 
A 1 48  VAL 48  27  27  VAL VAL A . n 
A 1 49  ASN 49  28  28  ASN ASN A . n 
A 1 50  PHE 50  29  29  PHE PHE A . n 
A 1 51  ARG 51  30  30  ARG ARG A . n 
A 1 52  MET 52  31  31  MET MET A . n 
A 1 53  ALA 53  32  32  ALA ALA A . n 
A 1 54  THR 54  33  33  THR THR A . n 
A 1 55  PHE 55  34  34  PHE PHE A . n 
A 1 56  GLU 56  35  35  GLU GLU A . n 
A 1 57  SER 57  36  ?   ?   ?   A . n 
A 1 58  TYR 58  37  ?   ?   ?   A . n 
A 1 59  MET 59  38  ?   ?   ?   A . n 
A 1 60  ASN 60  39  ?   ?   ?   A . n 
A 1 61  LYS 61  40  ?   ?   ?   A . n 
A 1 62  ASN 62  41  ?   ?   ?   A . n 
A 1 63  THR 63  42  ?   ?   ?   A . n 
A 1 64  HIS 64  43  ?   ?   ?   A . n 
A 1 65  GLN 65  44  ?   ?   ?   A . n 
A 1 66  LYS 66  45  ?   ?   ?   A . n 
A 1 67  VAL 67  46  ?   ?   ?   A . n 
A 1 68  GLU 68  47  ?   ?   ?   A . n 
A 1 69  LYS 69  48  48  LYS LYS A . n 
A 1 70  THR 70  49  49  THR THR A . n 
A 1 71  GLU 71  50  50  GLU GLU A . n 
A 1 72  TRP 72  51  51  TRP TRP A . n 
A 1 73  HIS 73  52  52  HIS HIS A . n 
A 1 74  SER 74  53  53  SER SER A . n 
A 1 75  VAL 75  54  54  VAL VAL A . n 
A 1 76  VAL 76  55  55  VAL VAL A . n 
A 1 77  VAL 77  56  56  VAL VAL A . n 
A 1 78  PHE 78  57  57  PHE PHE A . n 
A 1 79  ASN 79  58  58  ASN ASN A . n 
A 1 80  PRO 80  59  59  PRO PRO A . n 
A 1 81  HIS 81  60  60  HIS HIS A . n 
A 1 82  PHE 82  61  61  PHE PHE A . n 
A 1 83  ALA 83  62  62  ALA ALA A . n 
A 1 84  LYS 84  63  63  LYS LYS A . n 
A 1 85  ILE 85  64  64  ILE ILE A . n 
A 1 86  ALA 86  65  65  ALA ALA A . n 
A 1 87  LEU 87  66  66  LEU LEU A . n 
A 1 88  GLN 88  67  67  GLN GLN A . n 
A 1 89  TYR 89  68  68  TYR TYR A . n 
A 1 90  LEU 90  69  69  LEU LEU A . n 
A 1 91  HIS 91  70  70  HIS HIS A . n 
A 1 92  LYS 92  71  71  LYS LYS A . n 
A 1 93  GLY 93  72  72  GLY GLY A . n 
A 1 94  SER 94  73  73  SER SER A . n 
A 1 95  LYS 95  74  74  LYS LYS A . n 
A 1 96  VAL 96  75  75  VAL VAL A . n 
A 1 97  TYR 97  76  76  TYR TYR A . n 
A 1 98  ILE 98  77  77  ILE ILE A . n 
A 1 99  GLU 99  78  78  GLU GLU A . n 
A 1 100 GLY 100 79  79  GLY GLY A . n 
A 1 101 LYS 101 80  80  LYS LYS A . n 
A 1 102 LEU 102 81  81  LEU LEU A . n 
A 1 103 GLN 103 82  82  GLN GLN A . n 
A 1 104 THR 104 83  83  THR THR A . n 
A 1 105 ARG 105 84  84  ARG ARG A . n 
A 1 106 LYS 106 85  85  LYS LYS A . n 
A 1 107 TRP 107 86  86  TRP TRP A . n 
A 1 108 GLN 108 87  ?   ?   ?   A . n 
A 1 109 ASP 109 88  ?   ?   ?   A . n 
A 1 110 LYS 110 89  ?   ?   ?   A . n 
A 1 111 ASN 111 90  ?   ?   ?   A . n 
A 1 112 GLY 112 91  ?   ?   ?   A . n 
A 1 113 HIS 113 92  ?   ?   ?   A . n 
A 1 114 ASP 114 93  ?   ?   ?   A . n 
A 1 115 ARG 115 94  ?   ?   ?   A . n 
A 1 116 TYR 116 95  95  TYR TYR A . n 
A 1 117 THR 117 96  96  THR THR A . n 
A 1 118 THR 118 97  97  THR THR A . n 
A 1 119 GLU 119 98  98  GLU GLU A . n 
A 1 120 ILE 120 99  99  ILE ILE A . n 
A 1 121 VAL 121 100 100 VAL VAL A . n 
A 1 122 LEU 122 101 101 LEU LEU A . n 
A 1 123 PRO 123 102 102 PRO PRO A . n 
A 1 124 GLN 124 103 103 GLN GLN A . n 
A 1 125 TYR 125 104 104 TYR TYR A . n 
A 1 126 LYS 126 105 105 LYS LYS A . n 
A 1 127 GLY 127 106 106 GLY GLY A . n 
A 1 128 GLU 128 107 107 GLU GLU A . n 
A 1 129 LEU 129 108 108 LEU LEU A . n 
A 1 130 HIS 130 109 109 HIS HIS A . n 
A 1 131 LEU 131 110 110 LEU LEU A . n 
A 1 132 LEU 132 111 111 LEU LEU A . n 
A 1 133 ASP 133 112 112 ASP ASP A . n 
A 1 134 ALA 134 113 113 ALA ALA A . n 
A 1 135 LYS 135 114 ?   ?   ?   A . n 
A 1 136 LYS 136 115 ?   ?   ?   A . n 
A 1 137 GLU 137 116 ?   ?   ?   A . n 
A 1 138 GLN 138 117 ?   ?   ?   A . n 
A 1 139 SER 139 118 ?   ?   ?   A . n 
A 1 140 ALA 140 119 ?   ?   ?   A . n 
A 1 141 SER 141 120 ?   ?   ?   A . n 
A 1 142 SER 142 121 ?   ?   ?   A . n 
A 1 143 SER 143 122 ?   ?   ?   A . n 
A 1 144 SER 144 123 ?   ?   ?   A . n 
A 1 145 VAL 145 124 ?   ?   ?   A . n 
A 1 146 THR 146 125 ?   ?   ?   A . n 
A 1 147 SER 147 126 ?   ?   ?   A . n 
A 1 148 GLN 148 127 ?   ?   ?   A . n 
A 1 149 SER 149 128 ?   ?   ?   A . n 
A 1 150 TYR 150 129 ?   ?   ?   A . n 
A 1 151 ALA 151 130 ?   ?   ?   A . n 
A 1 152 ILE 152 131 ?   ?   ?   A . n 
A 1 153 ALA 153 132 ?   ?   ?   A . n 
A 1 154 SER 154 133 ?   ?   ?   A . n 
A 1 155 GLY 155 134 ?   ?   ?   A . n 
A 1 156 ALA 156 135 ?   ?   ?   A . n 
A 1 157 ASP 157 136 ?   ?   ?   A . n 
A 1 158 ASP 158 137 ?   ?   ?   A . n 
A 1 159 TYR 159 138 ?   ?   ?   A . n 
A 1 160 GLY 160 139 ?   ?   ?   A . n 
A 1 161 ILE 161 140 ?   ?   ?   A . n 
A 1 162 SER 162 141 ?   ?   ?   A . n 
A 1 163 ALA 163 142 ?   ?   ?   A . n 
A 1 164 HIS 164 143 ?   ?   ?   A . n 
A 1 165 ASP 165 144 ?   ?   ?   A . n 
A 1 166 SER 166 145 ?   ?   ?   A . n 
A 1 167 MET 167 146 ?   ?   ?   A . n 
A 1 168 PRO 168 147 ?   ?   ?   A . n 
A 1 169 PHE 169 148 ?   ?   ?   A . n 
B 1 1   MET 1   -20 ?   ?   ?   B . n 
B 1 2   ALA 2   -19 ?   ?   ?   B . n 
B 1 3   HIS 3   -18 ?   ?   ?   B . n 
B 1 4   HIS 4   -17 ?   ?   ?   B . n 
B 1 5   HIS 5   -16 ?   ?   ?   B . n 
B 1 6   HIS 6   -15 ?   ?   ?   B . n 
B 1 7   HIS 7   -14 ?   ?   ?   B . n 
B 1 8   HIS 8   -13 ?   ?   ?   B . n 
B 1 9   MET 9   -12 ?   ?   ?   B . n 
B 1 10  GLY 10  -11 ?   ?   ?   B . n 
B 1 11  THR 11  -10 ?   ?   ?   B . n 
B 1 12  LEU 12  -9  ?   ?   ?   B . n 
B 1 13  GLU 13  -8  ?   ?   ?   B . n 
B 1 14  ALA 14  -7  ?   ?   ?   B . n 
B 1 15  GLN 15  -6  ?   ?   ?   B . n 
B 1 16  THR 16  -5  ?   ?   ?   B . n 
B 1 17  GLN 17  -4  ?   ?   ?   B . n 
B 1 18  GLY 18  -3  ?   ?   ?   B . n 
B 1 19  PRO 19  -2  ?   ?   ?   B . n 
B 1 20  GLY 20  -1  -1  GLY GLY B . n 
B 1 21  SER 21  0   0   SER SER B . n 
B 1 22  MET 22  1   1   MET MET B . n 
B 1 23  LEU 23  2   2   LEU LEU B . n 
B 1 24  ASN 24  3   3   ASN ASN B . n 
B 1 25  LYS 25  4   4   LYS LYS B . n 
B 1 26  VAL 26  5   5   VAL VAL B . n 
B 1 27  MET 27  6   6   MET MET B . n 
B 1 28  LEU 28  7   7   LEU LEU B . n 
B 1 29  ILE 29  8   8   ILE ILE B . n 
B 1 30  GLY 30  9   9   GLY GLY B . n 
B 1 31  TYR 31  10  10  TYR TYR B . n 
B 1 32  LEU 32  11  11  LEU LEU B . n 
B 1 33  GLY 33  12  12  GLY GLY B . n 
B 1 34  ASP 34  13  13  ASP ASP B . n 
B 1 35  ASP 35  14  14  ASP ASP B . n 
B 1 36  PRO 36  15  15  PRO PRO B . n 
B 1 37  GLU 37  16  16  GLU GLU B . n 
B 1 38  SER 38  17  17  SER SER B . n 
B 1 39  LYS 39  18  18  LYS LYS B . n 
B 1 40  THR 40  19  19  THR THR B . n 
B 1 41  MET 41  20  20  MET MET B . n 
B 1 42  THR 42  21  21  THR THR B . n 
B 1 43  SER 43  22  22  SER SER B . n 
B 1 44  GLY 44  23  23  GLY GLY B . n 
B 1 45  ALA 45  24  24  ALA ALA B . n 
B 1 46  GLU 46  25  25  GLU GLU B . n 
B 1 47  VAL 47  26  26  VAL VAL B . n 
B 1 48  VAL 48  27  27  VAL VAL B . n 
B 1 49  ASN 49  28  28  ASN ASN B . n 
B 1 50  PHE 50  29  29  PHE PHE B . n 
B 1 51  ARG 51  30  30  ARG ARG B . n 
B 1 52  MET 52  31  31  MET MET B . n 
B 1 53  ALA 53  32  32  ALA ALA B . n 
B 1 54  THR 54  33  33  THR THR B . n 
B 1 55  PHE 55  34  34  PHE PHE B . n 
B 1 56  GLU 56  35  35  GLU GLU B . n 
B 1 57  SER 57  36  ?   ?   ?   B . n 
B 1 58  TYR 58  37  ?   ?   ?   B . n 
B 1 59  MET 59  38  ?   ?   ?   B . n 
B 1 60  ASN 60  39  ?   ?   ?   B . n 
B 1 61  LYS 61  40  ?   ?   ?   B . n 
B 1 62  ASN 62  41  ?   ?   ?   B . n 
B 1 63  THR 63  42  ?   ?   ?   B . n 
B 1 64  HIS 64  43  ?   ?   ?   B . n 
B 1 65  GLN 65  44  ?   ?   ?   B . n 
B 1 66  LYS 66  45  ?   ?   ?   B . n 
B 1 67  VAL 67  46  ?   ?   ?   B . n 
B 1 68  GLU 68  47  47  GLU GLU B . n 
B 1 69  LYS 69  48  48  LYS LYS B . n 
B 1 70  THR 70  49  49  THR THR B . n 
B 1 71  GLU 71  50  50  GLU GLU B . n 
B 1 72  TRP 72  51  51  TRP TRP B . n 
B 1 73  HIS 73  52  52  HIS HIS B . n 
B 1 74  SER 74  53  53  SER SER B . n 
B 1 75  VAL 75  54  54  VAL VAL B . n 
B 1 76  VAL 76  55  55  VAL VAL B . n 
B 1 77  VAL 77  56  56  VAL VAL B . n 
B 1 78  PHE 78  57  57  PHE PHE B . n 
B 1 79  ASN 79  58  58  ASN ASN B . n 
B 1 80  PRO 80  59  59  PRO PRO B . n 
B 1 81  HIS 81  60  60  HIS HIS B . n 
B 1 82  PHE 82  61  61  PHE PHE B . n 
B 1 83  ALA 83  62  62  ALA ALA B . n 
B 1 84  LYS 84  63  63  LYS LYS B . n 
B 1 85  ILE 85  64  64  ILE ILE B . n 
B 1 86  ALA 86  65  65  ALA ALA B . n 
B 1 87  LEU 87  66  66  LEU LEU B . n 
B 1 88  GLN 88  67  67  GLN GLN B . n 
B 1 89  TYR 89  68  68  TYR TYR B . n 
B 1 90  LEU 90  69  69  LEU LEU B . n 
B 1 91  HIS 91  70  70  HIS HIS B . n 
B 1 92  LYS 92  71  71  LYS LYS B . n 
B 1 93  GLY 93  72  72  GLY GLY B . n 
B 1 94  SER 94  73  73  SER SER B . n 
B 1 95  LYS 95  74  74  LYS LYS B . n 
B 1 96  VAL 96  75  75  VAL VAL B . n 
B 1 97  TYR 97  76  76  TYR TYR B . n 
B 1 98  ILE 98  77  77  ILE ILE B . n 
B 1 99  GLU 99  78  78  GLU GLU B . n 
B 1 100 GLY 100 79  79  GLY GLY B . n 
B 1 101 LYS 101 80  80  LYS LYS B . n 
B 1 102 LEU 102 81  81  LEU LEU B . n 
B 1 103 GLN 103 82  82  GLN GLN B . n 
B 1 104 THR 104 83  83  THR THR B . n 
B 1 105 ARG 105 84  84  ARG ARG B . n 
B 1 106 LYS 106 85  85  LYS LYS B . n 
B 1 107 TRP 107 86  86  TRP TRP B . n 
B 1 108 GLN 108 87  87  GLN GLN B . n 
B 1 109 ASP 109 88  88  ASP ASP B . n 
B 1 110 LYS 110 89  ?   ?   ?   B . n 
B 1 111 ASN 111 90  ?   ?   ?   B . n 
B 1 112 GLY 112 91  ?   ?   ?   B . n 
B 1 113 HIS 113 92  ?   ?   ?   B . n 
B 1 114 ASP 114 93  ?   ?   ?   B . n 
B 1 115 ARG 115 94  ?   ?   ?   B . n 
B 1 116 TYR 116 95  95  TYR TYR B . n 
B 1 117 THR 117 96  96  THR THR B . n 
B 1 118 THR 118 97  97  THR THR B . n 
B 1 119 GLU 119 98  98  GLU GLU B . n 
B 1 120 ILE 120 99  99  ILE ILE B . n 
B 1 121 VAL 121 100 100 VAL VAL B . n 
B 1 122 LEU 122 101 101 LEU LEU B . n 
B 1 123 PRO 123 102 102 PRO PRO B . n 
B 1 124 GLN 124 103 103 GLN GLN B . n 
B 1 125 TYR 125 104 104 TYR TYR B . n 
B 1 126 LYS 126 105 105 LYS LYS B . n 
B 1 127 GLY 127 106 106 GLY GLY B . n 
B 1 128 GLU 128 107 107 GLU GLU B . n 
B 1 129 LEU 129 108 108 LEU LEU B . n 
B 1 130 HIS 130 109 109 HIS HIS B . n 
B 1 131 LEU 131 110 110 LEU LEU B . n 
B 1 132 LEU 132 111 111 LEU LEU B . n 
B 1 133 ASP 133 112 112 ASP ASP B . n 
B 1 134 ALA 134 113 ?   ?   ?   B . n 
B 1 135 LYS 135 114 ?   ?   ?   B . n 
B 1 136 LYS 136 115 ?   ?   ?   B . n 
B 1 137 GLU 137 116 ?   ?   ?   B . n 
B 1 138 GLN 138 117 ?   ?   ?   B . n 
B 1 139 SER 139 118 ?   ?   ?   B . n 
B 1 140 ALA 140 119 ?   ?   ?   B . n 
B 1 141 SER 141 120 ?   ?   ?   B . n 
B 1 142 SER 142 121 ?   ?   ?   B . n 
B 1 143 SER 143 122 ?   ?   ?   B . n 
B 1 144 SER 144 123 ?   ?   ?   B . n 
B 1 145 VAL 145 124 ?   ?   ?   B . n 
B 1 146 THR 146 125 ?   ?   ?   B . n 
B 1 147 SER 147 126 ?   ?   ?   B . n 
B 1 148 GLN 148 127 ?   ?   ?   B . n 
B 1 149 SER 149 128 ?   ?   ?   B . n 
B 1 150 TYR 150 129 ?   ?   ?   B . n 
B 1 151 ALA 151 130 ?   ?   ?   B . n 
B 1 152 ILE 152 131 ?   ?   ?   B . n 
B 1 153 ALA 153 132 ?   ?   ?   B . n 
B 1 154 SER 154 133 ?   ?   ?   B . n 
B 1 155 GLY 155 134 ?   ?   ?   B . n 
B 1 156 ALA 156 135 ?   ?   ?   B . n 
B 1 157 ASP 157 136 ?   ?   ?   B . n 
B 1 158 ASP 158 137 ?   ?   ?   B . n 
B 1 159 TYR 159 138 ?   ?   ?   B . n 
B 1 160 GLY 160 139 ?   ?   ?   B . n 
B 1 161 ILE 161 140 ?   ?   ?   B . n 
B 1 162 SER 162 141 ?   ?   ?   B . n 
B 1 163 ALA 163 142 ?   ?   ?   B . n 
B 1 164 HIS 164 143 ?   ?   ?   B . n 
B 1 165 ASP 165 144 ?   ?   ?   B . n 
B 1 166 SER 166 145 ?   ?   ?   B . n 
B 1 167 MET 167 146 ?   ?   ?   B . n 
B 1 168 PRO 168 147 ?   ?   ?   B . n 
B 1 169 PHE 169 148 ?   ?   ?   B . n 
# 
_pdbx_SG_project.id                    1 
_pdbx_SG_project.project_name          ? 
_pdbx_SG_project.full_name_of_center   'Seattle Structural Genomics Center for Infectious Disease' 
_pdbx_SG_project.initial_of_center     SSGCID 
# 
loop_
_pdbx_nonpoly_scheme.asym_id 
_pdbx_nonpoly_scheme.entity_id 
_pdbx_nonpoly_scheme.mon_id 
_pdbx_nonpoly_scheme.ndb_seq_num 
_pdbx_nonpoly_scheme.pdb_seq_num 
_pdbx_nonpoly_scheme.auth_seq_num 
_pdbx_nonpoly_scheme.pdb_mon_id 
_pdbx_nonpoly_scheme.auth_mon_id 
_pdbx_nonpoly_scheme.pdb_strand_id 
_pdbx_nonpoly_scheme.pdb_ins_code 
C 2 CA  1  149 1  CA  CA  A . 
D 3 HOH 1  150 2  HOH HOH A . 
D 3 HOH 2  151 4  HOH HOH A . 
D 3 HOH 3  152 8  HOH HOH A . 
D 3 HOH 4  153 9  HOH HOH A . 
D 3 HOH 5  154 10 HOH HOH A . 
D 3 HOH 6  155 15 HOH HOH A . 
D 3 HOH 7  156 16 HOH HOH A . 
D 3 HOH 8  157 17 HOH HOH A . 
D 3 HOH 9  158 22 HOH HOH A . 
E 3 HOH 1  149 1  HOH HOH B . 
E 3 HOH 2  150 3  HOH HOH B . 
E 3 HOH 3  151 5  HOH HOH B . 
E 3 HOH 4  152 6  HOH HOH B . 
E 3 HOH 5  153 7  HOH HOH B . 
E 3 HOH 6  154 11 HOH HOH B . 
E 3 HOH 7  155 12 HOH HOH B . 
E 3 HOH 8  156 13 HOH HOH B . 
E 3 HOH 9  157 14 HOH HOH B . 
E 3 HOH 10 158 18 HOH HOH B . 
E 3 HOH 11 159 19 HOH HOH B . 
E 3 HOH 12 160 20 HOH HOH B . 
E 3 HOH 13 161 21 HOH HOH B . 
# 
_pdbx_struct_assembly.id                   1 
_pdbx_struct_assembly.details              author_and_software_defined_assembly 
_pdbx_struct_assembly.method_details       PISA 
_pdbx_struct_assembly.oligomeric_details   dimeric 
_pdbx_struct_assembly.oligomeric_count     2 
# 
_pdbx_struct_assembly_gen.assembly_id       1 
_pdbx_struct_assembly_gen.oper_expression   1 
_pdbx_struct_assembly_gen.asym_id_list      A,B,C,D,E 
# 
loop_
_pdbx_struct_assembly_prop.biol_id 
_pdbx_struct_assembly_prop.type 
_pdbx_struct_assembly_prop.value 
_pdbx_struct_assembly_prop.details 
1 'ABSA (A^2)' 1960  ? 
1 MORE         -12   ? 
1 'SSA (A^2)'  10740 ? 
# 
_pdbx_struct_oper_list.id                   1 
_pdbx_struct_oper_list.type                 'identity operation' 
_pdbx_struct_oper_list.name                 1_555 
_pdbx_struct_oper_list.symmetry_operation   x,y,z 
_pdbx_struct_oper_list.matrix[1][1]         1.0000000000 
_pdbx_struct_oper_list.matrix[1][2]         0.0000000000 
_pdbx_struct_oper_list.matrix[1][3]         0.0000000000 
_pdbx_struct_oper_list.vector[1]            0.0000000000 
_pdbx_struct_oper_list.matrix[2][1]         0.0000000000 
_pdbx_struct_oper_list.matrix[2][2]         1.0000000000 
_pdbx_struct_oper_list.matrix[2][3]         0.0000000000 
_pdbx_struct_oper_list.vector[2]            0.0000000000 
_pdbx_struct_oper_list.matrix[3][1]         0.0000000000 
_pdbx_struct_oper_list.matrix[3][2]         0.0000000000 
_pdbx_struct_oper_list.matrix[3][3]         1.0000000000 
_pdbx_struct_oper_list.vector[3]            0.0000000000 
# 
_pdbx_struct_special_symmetry.id              1 
_pdbx_struct_special_symmetry.PDB_model_num   1 
_pdbx_struct_special_symmetry.auth_asym_id    A 
_pdbx_struct_special_symmetry.auth_comp_id    CA 
_pdbx_struct_special_symmetry.auth_seq_id     149 
_pdbx_struct_special_symmetry.PDB_ins_code    ? 
_pdbx_struct_special_symmetry.label_asym_id   C 
_pdbx_struct_special_symmetry.label_comp_id   CA 
_pdbx_struct_special_symmetry.label_seq_id    . 
# 
loop_
_pdbx_audit_revision_history.ordinal 
_pdbx_audit_revision_history.data_content_type 
_pdbx_audit_revision_history.major_revision 
_pdbx_audit_revision_history.minor_revision 
_pdbx_audit_revision_history.revision_date 
1 'Structure model' 1 0 2010-02-16 
2 'Structure model' 1 1 2011-07-13 
3 'Structure model' 1 2 2023-09-06 
# 
_pdbx_audit_revision_details.ordinal             1 
_pdbx_audit_revision_details.revision_ordinal    1 
_pdbx_audit_revision_details.data_content_type   'Structure model' 
_pdbx_audit_revision_details.provider            repository 
_pdbx_audit_revision_details.type                'Initial release' 
_pdbx_audit_revision_details.description         ? 
_pdbx_audit_revision_details.details             ? 
# 
loop_
_pdbx_audit_revision_group.ordinal 
_pdbx_audit_revision_group.revision_ordinal 
_pdbx_audit_revision_group.data_content_type 
_pdbx_audit_revision_group.group 
1 2 'Structure model' Advisory                    
2 2 'Structure model' 'Refinement description'    
3 2 'Structure model' 'Version format compliance' 
4 3 'Structure model' 'Data collection'           
5 3 'Structure model' 'Database references'       
6 3 'Structure model' 'Derived calculations'      
7 3 'Structure model' 'Refinement description'    
# 
loop_
_pdbx_audit_revision_category.ordinal 
_pdbx_audit_revision_category.revision_ordinal 
_pdbx_audit_revision_category.data_content_type 
_pdbx_audit_revision_category.category 
1 3 'Structure model' chem_comp_atom                
2 3 'Structure model' chem_comp_bond                
3 3 'Structure model' database_2                    
4 3 'Structure model' pdbx_initial_refinement_model 
5 3 'Structure model' struct_ncs_dom_lim            
6 3 'Structure model' struct_ref_seq_dif            
7 3 'Structure model' struct_site                   
# 
loop_
_pdbx_audit_revision_item.ordinal 
_pdbx_audit_revision_item.revision_ordinal 
_pdbx_audit_revision_item.data_content_type 
_pdbx_audit_revision_item.item 
1  3 'Structure model' '_database_2.pdbx_DOI'                  
2  3 'Structure model' '_database_2.pdbx_database_accession'   
3  3 'Structure model' '_struct_ncs_dom_lim.beg_auth_comp_id'  
4  3 'Structure model' '_struct_ncs_dom_lim.beg_label_asym_id' 
5  3 'Structure model' '_struct_ncs_dom_lim.beg_label_comp_id' 
6  3 'Structure model' '_struct_ncs_dom_lim.beg_label_seq_id'  
7  3 'Structure model' '_struct_ncs_dom_lim.end_auth_comp_id'  
8  3 'Structure model' '_struct_ncs_dom_lim.end_label_asym_id' 
9  3 'Structure model' '_struct_ncs_dom_lim.end_label_comp_id' 
10 3 'Structure model' '_struct_ncs_dom_lim.end_label_seq_id'  
11 3 'Structure model' '_struct_ref_seq_dif.details'           
12 3 'Structure model' '_struct_site.pdbx_auth_asym_id'        
13 3 'Structure model' '_struct_site.pdbx_auth_comp_id'        
14 3 'Structure model' '_struct_site.pdbx_auth_seq_id'         
# 
loop_
_pdbx_refine_tls.pdbx_refine_id 
_pdbx_refine_tls.id 
_pdbx_refine_tls.details 
_pdbx_refine_tls.method 
_pdbx_refine_tls.origin_x 
_pdbx_refine_tls.origin_y 
_pdbx_refine_tls.origin_z 
_pdbx_refine_tls.T[1][1] 
_pdbx_refine_tls.T[2][2] 
_pdbx_refine_tls.T[3][3] 
_pdbx_refine_tls.T[1][2] 
_pdbx_refine_tls.T[1][3] 
_pdbx_refine_tls.T[2][3] 
_pdbx_refine_tls.L[1][1] 
_pdbx_refine_tls.L[2][2] 
_pdbx_refine_tls.L[3][3] 
_pdbx_refine_tls.L[1][2] 
_pdbx_refine_tls.L[1][3] 
_pdbx_refine_tls.L[2][3] 
_pdbx_refine_tls.S[1][1] 
_pdbx_refine_tls.S[2][2] 
_pdbx_refine_tls.S[3][3] 
_pdbx_refine_tls.S[1][2] 
_pdbx_refine_tls.S[1][3] 
_pdbx_refine_tls.S[2][3] 
_pdbx_refine_tls.S[2][1] 
_pdbx_refine_tls.S[3][1] 
_pdbx_refine_tls.S[3][2] 
'X-RAY DIFFRACTION' 1 ? refined -0.1398 -9.0227 6.7202  0.1279 0.1511 0.1517 -0.0876 0.0558  -0.0048 4.3871 3.7184 4.1866 0.2884  0.5329 0.3222  0.0213  -0.1199 0.0986 -0.3350 -0.0243 0.3787 0.3131  0.0287  -0.5241 
'X-RAY DIFFRACTION' 2 ? refined 0.9049  8.4919  -7.0857 0.0809 0.0884 0.2258 0.0001  -0.0023 -0.0183 4.3049 3.8496 5.5546 -0.5411 2.1462 -1.3589 -0.0807 -0.0535 0.1342 0.1015  0.3657  0.3230 -0.0687 -0.1526 -0.1997  
# 
loop_
_pdbx_refine_tls_group.pdbx_refine_id 
_pdbx_refine_tls_group.id 
_pdbx_refine_tls_group.refine_tls_id 
_pdbx_refine_tls_group.beg_auth_asym_id 
_pdbx_refine_tls_group.beg_auth_seq_id 
_pdbx_refine_tls_group.end_auth_asym_id 
_pdbx_refine_tls_group.end_auth_seq_id 
_pdbx_refine_tls_group.selection_details 
_pdbx_refine_tls_group.beg_label_asym_id 
_pdbx_refine_tls_group.beg_label_seq_id 
_pdbx_refine_tls_group.end_label_asym_id 
_pdbx_refine_tls_group.end_label_seq_id 
_pdbx_refine_tls_group.selection 
'X-RAY DIFFRACTION' 1 1 A -1  A 113 ? . . . . ? 
'X-RAY DIFFRACTION' 2 1 A 149 A 149 ? . . . . ? 
'X-RAY DIFFRACTION' 3 1 A 150 A 158 ? . . . . ? 
'X-RAY DIFFRACTION' 4 2 B -1  B 112 ? . . . . ? 
'X-RAY DIFFRACTION' 5 2 B 149 B 161 ? . . . . ? 
# 
_pdbx_phasing_MR.entry_id                     3LGJ 
_pdbx_phasing_MR.method_rotation              ? 
_pdbx_phasing_MR.method_translation           ? 
_pdbx_phasing_MR.model_details                'Phaser MODE: MR_AUTO' 
_pdbx_phasing_MR.R_factor                     55.470 
_pdbx_phasing_MR.R_rigid_body                 ? 
_pdbx_phasing_MR.correlation_coeff_Fo_to_Fc   ? 
_pdbx_phasing_MR.correlation_coeff_Io_to_Ic   ? 
_pdbx_phasing_MR.d_res_high_rotation          3.000 
_pdbx_phasing_MR.d_res_low_rotation           29.670 
_pdbx_phasing_MR.d_res_high_translation       3.000 
_pdbx_phasing_MR.d_res_low_translation        29.670 
_pdbx_phasing_MR.packing                      ? 
_pdbx_phasing_MR.reflns_percent_rotation      ? 
_pdbx_phasing_MR.reflns_percent_translation   ? 
_pdbx_phasing_MR.sigma_F_rotation             ? 
_pdbx_phasing_MR.sigma_F_translation          ? 
_pdbx_phasing_MR.sigma_I_rotation             ? 
_pdbx_phasing_MR.sigma_I_translation          ? 
# 
_phasing.method   MR 
# 
loop_
_software.pdbx_ordinal 
_software.name 
_software.version 
_software.date 
_software.type 
_software.contact_author 
_software.contact_author_email 
_software.classification 
_software.location 
_software.language 
_software.citation_id 
1 XSCALE      .     ?                          package 'Wolfgang Kabsch'    ?                           'data scaling'    
http://www.mpimf-heidelberg.mpg.de/~kabsch/xds/html_doc/xscale_program.html ?          ? 
2 PHASER      2.1.4 'Wed Jun 24 14:00:05 2009' program 'Randy J. Read'      cimr-phaser@lists.cam.ac.uk phasing           
http://www-structmed.cimr.cam.ac.uk/phaser/                                 ?          ? 
3 REFMAC      .     ?                          program 'Garib N. Murshudov' garib@ysbl.york.ac.uk       refinement        
http://www.ccp4.ac.uk/dist/html/refmac5.html                                Fortran_77 ? 
4 PDB_EXTRACT 3.005 'June 11, 2008'            package PDB                  help@deposit.rcsb.org       'data extraction' 
http://sw-tools.pdb.org/apps/PDB_EXTRACT/                                   C++        ? 
5 XDS         .     ?                          ?       ?                    ?                           'data reduction'  ? ? ? 
# 
loop_
_pdbx_validate_torsion.id 
_pdbx_validate_torsion.PDB_model_num 
_pdbx_validate_torsion.auth_comp_id 
_pdbx_validate_torsion.auth_asym_id 
_pdbx_validate_torsion.auth_seq_id 
_pdbx_validate_torsion.PDB_ins_code 
_pdbx_validate_torsion.label_alt_id 
_pdbx_validate_torsion.phi 
_pdbx_validate_torsion.psi 
1 1 LYS A 85 ? ? -85.63 34.99  
2 1 ASN B 58 ? ? -56.68 109.86 
# 
loop_
_pdbx_unobs_or_zero_occ_atoms.id 
_pdbx_unobs_or_zero_occ_atoms.PDB_model_num 
_pdbx_unobs_or_zero_occ_atoms.polymer_flag 
_pdbx_unobs_or_zero_occ_atoms.occupancy_flag 
_pdbx_unobs_or_zero_occ_atoms.auth_asym_id 
_pdbx_unobs_or_zero_occ_atoms.auth_comp_id 
_pdbx_unobs_or_zero_occ_atoms.auth_seq_id 
_pdbx_unobs_or_zero_occ_atoms.PDB_ins_code 
_pdbx_unobs_or_zero_occ_atoms.auth_atom_id 
_pdbx_unobs_or_zero_occ_atoms.label_alt_id 
_pdbx_unobs_or_zero_occ_atoms.label_asym_id 
_pdbx_unobs_or_zero_occ_atoms.label_comp_id 
_pdbx_unobs_or_zero_occ_atoms.label_seq_id 
_pdbx_unobs_or_zero_occ_atoms.label_atom_id 
1  1 Y 1 A LYS 18 ? CG  ? A LYS 39  CG  
2  1 Y 1 A LYS 18 ? CD  ? A LYS 39  CD  
3  1 Y 1 A LYS 18 ? CE  ? A LYS 39  CE  
4  1 Y 1 A LYS 18 ? NZ  ? A LYS 39  NZ  
5  1 Y 1 A GLU 25 ? CG  ? A GLU 46  CG  
6  1 Y 1 A GLU 25 ? CD  ? A GLU 46  CD  
7  1 Y 1 A GLU 25 ? OE1 ? A GLU 46  OE1 
8  1 Y 1 A GLU 25 ? OE2 ? A GLU 46  OE2 
9  1 Y 1 A ARG 30 ? CG  ? A ARG 51  CG  
10 1 Y 1 A ARG 30 ? CD  ? A ARG 51  CD  
11 1 Y 1 A ARG 30 ? NE  ? A ARG 51  NE  
12 1 Y 1 A ARG 30 ? CZ  ? A ARG 51  CZ  
13 1 Y 1 A ARG 30 ? NH1 ? A ARG 51  NH1 
14 1 Y 1 A ARG 30 ? NH2 ? A ARG 51  NH2 
15 1 Y 1 A GLU 35 ? CG  ? A GLU 56  CG  
16 1 Y 1 A GLU 35 ? CD  ? A GLU 56  CD  
17 1 Y 1 A GLU 35 ? OE1 ? A GLU 56  OE1 
18 1 Y 1 A GLU 35 ? OE2 ? A GLU 56  OE2 
19 1 Y 1 A LYS 48 ? CG  ? A LYS 69  CG  
20 1 Y 1 A LYS 48 ? CD  ? A LYS 69  CD  
21 1 Y 1 A LYS 48 ? CE  ? A LYS 69  CE  
22 1 Y 1 A LYS 48 ? NZ  ? A LYS 69  NZ  
23 1 Y 1 A LYS 63 ? CG  ? A LYS 84  CG  
24 1 Y 1 A LYS 63 ? CD  ? A LYS 84  CD  
25 1 Y 1 A LYS 63 ? CE  ? A LYS 84  CE  
26 1 Y 1 A LYS 63 ? NZ  ? A LYS 84  NZ  
27 1 Y 1 A LYS 80 ? CG  ? A LYS 101 CG  
28 1 Y 1 A LYS 80 ? CD  ? A LYS 101 CD  
29 1 Y 1 A LYS 80 ? CE  ? A LYS 101 CE  
30 1 Y 1 A LYS 80 ? NZ  ? A LYS 101 NZ  
31 1 Y 1 A LYS 85 ? CG  ? A LYS 106 CG  
32 1 Y 1 A LYS 85 ? CD  ? A LYS 106 CD  
33 1 Y 1 A LYS 85 ? CE  ? A LYS 106 CE  
34 1 Y 1 A LYS 85 ? NZ  ? A LYS 106 NZ  
35 1 Y 1 A TRP 86 ? CG  ? A TRP 107 CG  
36 1 Y 1 A TRP 86 ? CD1 ? A TRP 107 CD1 
37 1 Y 1 A TRP 86 ? CD2 ? A TRP 107 CD2 
38 1 Y 1 A TRP 86 ? NE1 ? A TRP 107 NE1 
39 1 Y 1 A TRP 86 ? CE2 ? A TRP 107 CE2 
40 1 Y 1 A TRP 86 ? CE3 ? A TRP 107 CE3 
41 1 Y 1 A TRP 86 ? CZ2 ? A TRP 107 CZ2 
42 1 Y 1 A TRP 86 ? CZ3 ? A TRP 107 CZ3 
43 1 Y 1 A TRP 86 ? CH2 ? A TRP 107 CH2 
44 1 Y 1 B LYS 18 ? CG  ? B LYS 39  CG  
45 1 Y 1 B LYS 18 ? CD  ? B LYS 39  CD  
46 1 Y 1 B LYS 18 ? CE  ? B LYS 39  CE  
47 1 Y 1 B LYS 18 ? NZ  ? B LYS 39  NZ  
48 1 Y 1 B GLU 25 ? CG  ? B GLU 46  CG  
49 1 Y 1 B GLU 25 ? CD  ? B GLU 46  CD  
50 1 Y 1 B GLU 25 ? OE1 ? B GLU 46  OE1 
51 1 Y 1 B GLU 25 ? OE2 ? B GLU 46  OE2 
52 1 Y 1 B ARG 30 ? CG  ? B ARG 51  CG  
53 1 Y 1 B ARG 30 ? CD  ? B ARG 51  CD  
54 1 Y 1 B ARG 30 ? NE  ? B ARG 51  NE  
55 1 Y 1 B ARG 30 ? CZ  ? B ARG 51  CZ  
56 1 Y 1 B ARG 30 ? NH1 ? B ARG 51  NH1 
57 1 Y 1 B ARG 30 ? NH2 ? B ARG 51  NH2 
58 1 Y 1 B GLU 35 ? CG  ? B GLU 56  CG  
59 1 Y 1 B GLU 35 ? CD  ? B GLU 56  CD  
60 1 Y 1 B GLU 35 ? OE1 ? B GLU 56  OE1 
61 1 Y 1 B GLU 35 ? OE2 ? B GLU 56  OE2 
62 1 Y 1 B LYS 48 ? CG  ? B LYS 69  CG  
63 1 Y 1 B LYS 48 ? CD  ? B LYS 69  CD  
64 1 Y 1 B LYS 48 ? CE  ? B LYS 69  CE  
65 1 Y 1 B LYS 48 ? NZ  ? B LYS 69  NZ  
66 1 Y 1 B LYS 63 ? CG  ? B LYS 84  CG  
67 1 Y 1 B LYS 63 ? CD  ? B LYS 84  CD  
68 1 Y 1 B LYS 63 ? CE  ? B LYS 84  CE  
69 1 Y 1 B LYS 63 ? NZ  ? B LYS 84  NZ  
70 1 Y 1 B LYS 71 ? CG  ? B LYS 92  CG  
71 1 Y 1 B LYS 71 ? CD  ? B LYS 92  CD  
72 1 Y 1 B LYS 71 ? CE  ? B LYS 92  CE  
73 1 Y 1 B LYS 71 ? NZ  ? B LYS 92  NZ  
74 1 Y 1 B LYS 85 ? CG  ? B LYS 106 CG  
75 1 Y 1 B LYS 85 ? CD  ? B LYS 106 CD  
76 1 Y 1 B LYS 85 ? CE  ? B LYS 106 CE  
77 1 Y 1 B LYS 85 ? NZ  ? B LYS 106 NZ  
78 1 Y 1 B TRP 86 ? CG  ? B TRP 107 CG  
79 1 Y 1 B TRP 86 ? CD1 ? B TRP 107 CD1 
80 1 Y 1 B TRP 86 ? CD2 ? B TRP 107 CD2 
81 1 Y 1 B TRP 86 ? NE1 ? B TRP 107 NE1 
82 1 Y 1 B TRP 86 ? CE2 ? B TRP 107 CE2 
83 1 Y 1 B TRP 86 ? CE3 ? B TRP 107 CE3 
84 1 Y 1 B TRP 86 ? CZ2 ? B TRP 107 CZ2 
85 1 Y 1 B TRP 86 ? CZ3 ? B TRP 107 CZ3 
86 1 Y 1 B TRP 86 ? CH2 ? B TRP 107 CH2 
87 1 Y 1 B GLN 87 ? CG  ? B GLN 108 CG  
88 1 Y 1 B GLN 87 ? CD  ? B GLN 108 CD  
89 1 Y 1 B GLN 87 ? OE1 ? B GLN 108 OE1 
90 1 Y 1 B GLN 87 ? NE2 ? B GLN 108 NE2 
91 1 Y 1 B ASP 88 ? CG  ? B ASP 109 CG  
92 1 Y 1 B ASP 88 ? OD1 ? B ASP 109 OD1 
93 1 Y 1 B ASP 88 ? OD2 ? B ASP 109 OD2 
# 
loop_
_pdbx_unobs_or_zero_occ_residues.id 
_pdbx_unobs_or_zero_occ_residues.PDB_model_num 
_pdbx_unobs_or_zero_occ_residues.polymer_flag 
_pdbx_unobs_or_zero_occ_residues.occupancy_flag 
_pdbx_unobs_or_zero_occ_residues.auth_asym_id 
_pdbx_unobs_or_zero_occ_residues.auth_comp_id 
_pdbx_unobs_or_zero_occ_residues.auth_seq_id 
_pdbx_unobs_or_zero_occ_residues.PDB_ins_code 
_pdbx_unobs_or_zero_occ_residues.label_asym_id 
_pdbx_unobs_or_zero_occ_residues.label_comp_id 
_pdbx_unobs_or_zero_occ_residues.label_seq_id 
1   1 Y 1 A MET -20 ? A MET 1   
2   1 Y 1 A ALA -19 ? A ALA 2   
3   1 Y 1 A HIS -18 ? A HIS 3   
4   1 Y 1 A HIS -17 ? A HIS 4   
5   1 Y 1 A HIS -16 ? A HIS 5   
6   1 Y 1 A HIS -15 ? A HIS 6   
7   1 Y 1 A HIS -14 ? A HIS 7   
8   1 Y 1 A HIS -13 ? A HIS 8   
9   1 Y 1 A MET -12 ? A MET 9   
10  1 Y 1 A GLY -11 ? A GLY 10  
11  1 Y 1 A THR -10 ? A THR 11  
12  1 Y 1 A LEU -9  ? A LEU 12  
13  1 Y 1 A GLU -8  ? A GLU 13  
14  1 Y 1 A ALA -7  ? A ALA 14  
15  1 Y 1 A GLN -6  ? A GLN 15  
16  1 Y 1 A THR -5  ? A THR 16  
17  1 Y 1 A GLN -4  ? A GLN 17  
18  1 Y 1 A GLY -3  ? A GLY 18  
19  1 Y 1 A PRO -2  ? A PRO 19  
20  1 Y 1 A SER 36  ? A SER 57  
21  1 Y 1 A TYR 37  ? A TYR 58  
22  1 Y 1 A MET 38  ? A MET 59  
23  1 Y 1 A ASN 39  ? A ASN 60  
24  1 Y 1 A LYS 40  ? A LYS 61  
25  1 Y 1 A ASN 41  ? A ASN 62  
26  1 Y 1 A THR 42  ? A THR 63  
27  1 Y 1 A HIS 43  ? A HIS 64  
28  1 Y 1 A GLN 44  ? A GLN 65  
29  1 Y 1 A LYS 45  ? A LYS 66  
30  1 Y 1 A VAL 46  ? A VAL 67  
31  1 Y 1 A GLU 47  ? A GLU 68  
32  1 Y 1 A GLN 87  ? A GLN 108 
33  1 Y 1 A ASP 88  ? A ASP 109 
34  1 Y 1 A LYS 89  ? A LYS 110 
35  1 Y 1 A ASN 90  ? A ASN 111 
36  1 Y 1 A GLY 91  ? A GLY 112 
37  1 Y 1 A HIS 92  ? A HIS 113 
38  1 Y 1 A ASP 93  ? A ASP 114 
39  1 Y 1 A ARG 94  ? A ARG 115 
40  1 Y 1 A LYS 114 ? A LYS 135 
41  1 Y 1 A LYS 115 ? A LYS 136 
42  1 Y 1 A GLU 116 ? A GLU 137 
43  1 Y 1 A GLN 117 ? A GLN 138 
44  1 Y 1 A SER 118 ? A SER 139 
45  1 Y 1 A ALA 119 ? A ALA 140 
46  1 Y 1 A SER 120 ? A SER 141 
47  1 Y 1 A SER 121 ? A SER 142 
48  1 Y 1 A SER 122 ? A SER 143 
49  1 Y 1 A SER 123 ? A SER 144 
50  1 Y 1 A VAL 124 ? A VAL 145 
51  1 Y 1 A THR 125 ? A THR 146 
52  1 Y 1 A SER 126 ? A SER 147 
53  1 Y 1 A GLN 127 ? A GLN 148 
54  1 Y 1 A SER 128 ? A SER 149 
55  1 Y 1 A TYR 129 ? A TYR 150 
56  1 Y 1 A ALA 130 ? A ALA 151 
57  1 Y 1 A ILE 131 ? A ILE 152 
58  1 Y 1 A ALA 132 ? A ALA 153 
59  1 Y 1 A SER 133 ? A SER 154 
60  1 Y 1 A GLY 134 ? A GLY 155 
61  1 Y 1 A ALA 135 ? A ALA 156 
62  1 Y 1 A ASP 136 ? A ASP 157 
63  1 Y 1 A ASP 137 ? A ASP 158 
64  1 Y 1 A TYR 138 ? A TYR 159 
65  1 Y 1 A GLY 139 ? A GLY 160 
66  1 Y 1 A ILE 140 ? A ILE 161 
67  1 Y 1 A SER 141 ? A SER 162 
68  1 Y 1 A ALA 142 ? A ALA 163 
69  1 Y 1 A HIS 143 ? A HIS 164 
70  1 Y 1 A ASP 144 ? A ASP 165 
71  1 Y 1 A SER 145 ? A SER 166 
72  1 Y 1 A MET 146 ? A MET 167 
73  1 Y 1 A PRO 147 ? A PRO 168 
74  1 Y 1 A PHE 148 ? A PHE 169 
75  1 Y 1 B MET -20 ? B MET 1   
76  1 Y 1 B ALA -19 ? B ALA 2   
77  1 Y 1 B HIS -18 ? B HIS 3   
78  1 Y 1 B HIS -17 ? B HIS 4   
79  1 Y 1 B HIS -16 ? B HIS 5   
80  1 Y 1 B HIS -15 ? B HIS 6   
81  1 Y 1 B HIS -14 ? B HIS 7   
82  1 Y 1 B HIS -13 ? B HIS 8   
83  1 Y 1 B MET -12 ? B MET 9   
84  1 Y 1 B GLY -11 ? B GLY 10  
85  1 Y 1 B THR -10 ? B THR 11  
86  1 Y 1 B LEU -9  ? B LEU 12  
87  1 Y 1 B GLU -8  ? B GLU 13  
88  1 Y 1 B ALA -7  ? B ALA 14  
89  1 Y 1 B GLN -6  ? B GLN 15  
90  1 Y 1 B THR -5  ? B THR 16  
91  1 Y 1 B GLN -4  ? B GLN 17  
92  1 Y 1 B GLY -3  ? B GLY 18  
93  1 Y 1 B PRO -2  ? B PRO 19  
94  1 Y 1 B SER 36  ? B SER 57  
95  1 Y 1 B TYR 37  ? B TYR 58  
96  1 Y 1 B MET 38  ? B MET 59  
97  1 Y 1 B ASN 39  ? B ASN 60  
98  1 Y 1 B LYS 40  ? B LYS 61  
99  1 Y 1 B ASN 41  ? B ASN 62  
100 1 Y 1 B THR 42  ? B THR 63  
101 1 Y 1 B HIS 43  ? B HIS 64  
102 1 Y 1 B GLN 44  ? B GLN 65  
103 1 Y 1 B LYS 45  ? B LYS 66  
104 1 Y 1 B VAL 46  ? B VAL 67  
105 1 Y 1 B LYS 89  ? B LYS 110 
106 1 Y 1 B ASN 90  ? B ASN 111 
107 1 Y 1 B GLY 91  ? B GLY 112 
108 1 Y 1 B HIS 92  ? B HIS 113 
109 1 Y 1 B ASP 93  ? B ASP 114 
110 1 Y 1 B ARG 94  ? B ARG 115 
111 1 Y 1 B ALA 113 ? B ALA 134 
112 1 Y 1 B LYS 114 ? B LYS 135 
113 1 Y 1 B LYS 115 ? B LYS 136 
114 1 Y 1 B GLU 116 ? B GLU 137 
115 1 Y 1 B GLN 117 ? B GLN 138 
116 1 Y 1 B SER 118 ? B SER 139 
117 1 Y 1 B ALA 119 ? B ALA 140 
118 1 Y 1 B SER 120 ? B SER 141 
119 1 Y 1 B SER 121 ? B SER 142 
120 1 Y 1 B SER 122 ? B SER 143 
121 1 Y 1 B SER 123 ? B SER 144 
122 1 Y 1 B VAL 124 ? B VAL 145 
123 1 Y 1 B THR 125 ? B THR 146 
124 1 Y 1 B SER 126 ? B SER 147 
125 1 Y 1 B GLN 127 ? B GLN 148 
126 1 Y 1 B SER 128 ? B SER 149 
127 1 Y 1 B TYR 129 ? B TYR 150 
128 1 Y 1 B ALA 130 ? B ALA 151 
129 1 Y 1 B ILE 131 ? B ILE 152 
130 1 Y 1 B ALA 132 ? B ALA 153 
131 1 Y 1 B SER 133 ? B SER 154 
132 1 Y 1 B GLY 134 ? B GLY 155 
133 1 Y 1 B ALA 135 ? B ALA 156 
134 1 Y 1 B ASP 136 ? B ASP 157 
135 1 Y 1 B ASP 137 ? B ASP 158 
136 1 Y 1 B TYR 138 ? B TYR 159 
137 1 Y 1 B GLY 139 ? B GLY 160 
138 1 Y 1 B ILE 140 ? B ILE 161 
139 1 Y 1 B SER 141 ? B SER 162 
140 1 Y 1 B ALA 142 ? B ALA 163 
141 1 Y 1 B HIS 143 ? B HIS 164 
142 1 Y 1 B ASP 144 ? B ASP 165 
143 1 Y 1 B SER 145 ? B SER 166 
144 1 Y 1 B MET 146 ? B MET 167 
145 1 Y 1 B PRO 147 ? B PRO 168 
146 1 Y 1 B PHE 148 ? B PHE 169 
# 
loop_
_chem_comp_atom.comp_id 
_chem_comp_atom.atom_id 
_chem_comp_atom.type_symbol 
_chem_comp_atom.pdbx_aromatic_flag 
_chem_comp_atom.pdbx_stereo_config 
_chem_comp_atom.pdbx_ordinal 
ALA N    N  N N 1   
ALA CA   C  N S 2   
ALA C    C  N N 3   
ALA O    O  N N 4   
ALA CB   C  N N 5   
ALA OXT  O  N N 6   
ALA H    H  N N 7   
ALA H2   H  N N 8   
ALA HA   H  N N 9   
ALA HB1  H  N N 10  
ALA HB2  H  N N 11  
ALA HB3  H  N N 12  
ALA HXT  H  N N 13  
ARG N    N  N N 14  
ARG CA   C  N S 15  
ARG C    C  N N 16  
ARG O    O  N N 17  
ARG CB   C  N N 18  
ARG CG   C  N N 19  
ARG CD   C  N N 20  
ARG NE   N  N N 21  
ARG CZ   C  N N 22  
ARG NH1  N  N N 23  
ARG NH2  N  N N 24  
ARG OXT  O  N N 25  
ARG H    H  N N 26  
ARG H2   H  N N 27  
ARG HA   H  N N 28  
ARG HB2  H  N N 29  
ARG HB3  H  N N 30  
ARG HG2  H  N N 31  
ARG HG3  H  N N 32  
ARG HD2  H  N N 33  
ARG HD3  H  N N 34  
ARG HE   H  N N 35  
ARG HH11 H  N N 36  
ARG HH12 H  N N 37  
ARG HH21 H  N N 38  
ARG HH22 H  N N 39  
ARG HXT  H  N N 40  
ASN N    N  N N 41  
ASN CA   C  N S 42  
ASN C    C  N N 43  
ASN O    O  N N 44  
ASN CB   C  N N 45  
ASN CG   C  N N 46  
ASN OD1  O  N N 47  
ASN ND2  N  N N 48  
ASN OXT  O  N N 49  
ASN H    H  N N 50  
ASN H2   H  N N 51  
ASN HA   H  N N 52  
ASN HB2  H  N N 53  
ASN HB3  H  N N 54  
ASN HD21 H  N N 55  
ASN HD22 H  N N 56  
ASN HXT  H  N N 57  
ASP N    N  N N 58  
ASP CA   C  N S 59  
ASP C    C  N N 60  
ASP O    O  N N 61  
ASP CB   C  N N 62  
ASP CG   C  N N 63  
ASP OD1  O  N N 64  
ASP OD2  O  N N 65  
ASP OXT  O  N N 66  
ASP H    H  N N 67  
ASP H2   H  N N 68  
ASP HA   H  N N 69  
ASP HB2  H  N N 70  
ASP HB3  H  N N 71  
ASP HD2  H  N N 72  
ASP HXT  H  N N 73  
CA  CA   CA N N 74  
GLN N    N  N N 75  
GLN CA   C  N S 76  
GLN C    C  N N 77  
GLN O    O  N N 78  
GLN CB   C  N N 79  
GLN CG   C  N N 80  
GLN CD   C  N N 81  
GLN OE1  O  N N 82  
GLN NE2  N  N N 83  
GLN OXT  O  N N 84  
GLN H    H  N N 85  
GLN H2   H  N N 86  
GLN HA   H  N N 87  
GLN HB2  H  N N 88  
GLN HB3  H  N N 89  
GLN HG2  H  N N 90  
GLN HG3  H  N N 91  
GLN HE21 H  N N 92  
GLN HE22 H  N N 93  
GLN HXT  H  N N 94  
GLU N    N  N N 95  
GLU CA   C  N S 96  
GLU C    C  N N 97  
GLU O    O  N N 98  
GLU CB   C  N N 99  
GLU CG   C  N N 100 
GLU CD   C  N N 101 
GLU OE1  O  N N 102 
GLU OE2  O  N N 103 
GLU OXT  O  N N 104 
GLU H    H  N N 105 
GLU H2   H  N N 106 
GLU HA   H  N N 107 
GLU HB2  H  N N 108 
GLU HB3  H  N N 109 
GLU HG2  H  N N 110 
GLU HG3  H  N N 111 
GLU HE2  H  N N 112 
GLU HXT  H  N N 113 
GLY N    N  N N 114 
GLY CA   C  N N 115 
GLY C    C  N N 116 
GLY O    O  N N 117 
GLY OXT  O  N N 118 
GLY H    H  N N 119 
GLY H2   H  N N 120 
GLY HA2  H  N N 121 
GLY HA3  H  N N 122 
GLY HXT  H  N N 123 
HIS N    N  N N 124 
HIS CA   C  N S 125 
HIS C    C  N N 126 
HIS O    O  N N 127 
HIS CB   C  N N 128 
HIS CG   C  Y N 129 
HIS ND1  N  Y N 130 
HIS CD2  C  Y N 131 
HIS CE1  C  Y N 132 
HIS NE2  N  Y N 133 
HIS OXT  O  N N 134 
HIS H    H  N N 135 
HIS H2   H  N N 136 
HIS HA   H  N N 137 
HIS HB2  H  N N 138 
HIS HB3  H  N N 139 
HIS HD1  H  N N 140 
HIS HD2  H  N N 141 
HIS HE1  H  N N 142 
HIS HE2  H  N N 143 
HIS HXT  H  N N 144 
HOH O    O  N N 145 
HOH H1   H  N N 146 
HOH H2   H  N N 147 
ILE N    N  N N 148 
ILE CA   C  N S 149 
ILE C    C  N N 150 
ILE O    O  N N 151 
ILE CB   C  N S 152 
ILE CG1  C  N N 153 
ILE CG2  C  N N 154 
ILE CD1  C  N N 155 
ILE OXT  O  N N 156 
ILE H    H  N N 157 
ILE H2   H  N N 158 
ILE HA   H  N N 159 
ILE HB   H  N N 160 
ILE HG12 H  N N 161 
ILE HG13 H  N N 162 
ILE HG21 H  N N 163 
ILE HG22 H  N N 164 
ILE HG23 H  N N 165 
ILE HD11 H  N N 166 
ILE HD12 H  N N 167 
ILE HD13 H  N N 168 
ILE HXT  H  N N 169 
LEU N    N  N N 170 
LEU CA   C  N S 171 
LEU C    C  N N 172 
LEU O    O  N N 173 
LEU CB   C  N N 174 
LEU CG   C  N N 175 
LEU CD1  C  N N 176 
LEU CD2  C  N N 177 
LEU OXT  O  N N 178 
LEU H    H  N N 179 
LEU H2   H  N N 180 
LEU HA   H  N N 181 
LEU HB2  H  N N 182 
LEU HB3  H  N N 183 
LEU HG   H  N N 184 
LEU HD11 H  N N 185 
LEU HD12 H  N N 186 
LEU HD13 H  N N 187 
LEU HD21 H  N N 188 
LEU HD22 H  N N 189 
LEU HD23 H  N N 190 
LEU HXT  H  N N 191 
LYS N    N  N N 192 
LYS CA   C  N S 193 
LYS C    C  N N 194 
LYS O    O  N N 195 
LYS CB   C  N N 196 
LYS CG   C  N N 197 
LYS CD   C  N N 198 
LYS CE   C  N N 199 
LYS NZ   N  N N 200 
LYS OXT  O  N N 201 
LYS H    H  N N 202 
LYS H2   H  N N 203 
LYS HA   H  N N 204 
LYS HB2  H  N N 205 
LYS HB3  H  N N 206 
LYS HG2  H  N N 207 
LYS HG3  H  N N 208 
LYS HD2  H  N N 209 
LYS HD3  H  N N 210 
LYS HE2  H  N N 211 
LYS HE3  H  N N 212 
LYS HZ1  H  N N 213 
LYS HZ2  H  N N 214 
LYS HZ3  H  N N 215 
LYS HXT  H  N N 216 
MET N    N  N N 217 
MET CA   C  N S 218 
MET C    C  N N 219 
MET O    O  N N 220 
MET CB   C  N N 221 
MET CG   C  N N 222 
MET SD   S  N N 223 
MET CE   C  N N 224 
MET OXT  O  N N 225 
MET H    H  N N 226 
MET H2   H  N N 227 
MET HA   H  N N 228 
MET HB2  H  N N 229 
MET HB3  H  N N 230 
MET HG2  H  N N 231 
MET HG3  H  N N 232 
MET HE1  H  N N 233 
MET HE2  H  N N 234 
MET HE3  H  N N 235 
MET HXT  H  N N 236 
PHE N    N  N N 237 
PHE CA   C  N S 238 
PHE C    C  N N 239 
PHE O    O  N N 240 
PHE CB   C  N N 241 
PHE CG   C  Y N 242 
PHE CD1  C  Y N 243 
PHE CD2  C  Y N 244 
PHE CE1  C  Y N 245 
PHE CE2  C  Y N 246 
PHE CZ   C  Y N 247 
PHE OXT  O  N N 248 
PHE H    H  N N 249 
PHE H2   H  N N 250 
PHE HA   H  N N 251 
PHE HB2  H  N N 252 
PHE HB3  H  N N 253 
PHE HD1  H  N N 254 
PHE HD2  H  N N 255 
PHE HE1  H  N N 256 
PHE HE2  H  N N 257 
PHE HZ   H  N N 258 
PHE HXT  H  N N 259 
PRO N    N  N N 260 
PRO CA   C  N S 261 
PRO C    C  N N 262 
PRO O    O  N N 263 
PRO CB   C  N N 264 
PRO CG   C  N N 265 
PRO CD   C  N N 266 
PRO OXT  O  N N 267 
PRO H    H  N N 268 
PRO HA   H  N N 269 
PRO HB2  H  N N 270 
PRO HB3  H  N N 271 
PRO HG2  H  N N 272 
PRO HG3  H  N N 273 
PRO HD2  H  N N 274 
PRO HD3  H  N N 275 
PRO HXT  H  N N 276 
SER N    N  N N 277 
SER CA   C  N S 278 
SER C    C  N N 279 
SER O    O  N N 280 
SER CB   C  N N 281 
SER OG   O  N N 282 
SER OXT  O  N N 283 
SER H    H  N N 284 
SER H2   H  N N 285 
SER HA   H  N N 286 
SER HB2  H  N N 287 
SER HB3  H  N N 288 
SER HG   H  N N 289 
SER HXT  H  N N 290 
THR N    N  N N 291 
THR CA   C  N S 292 
THR C    C  N N 293 
THR O    O  N N 294 
THR CB   C  N R 295 
THR OG1  O  N N 296 
THR CG2  C  N N 297 
THR OXT  O  N N 298 
THR H    H  N N 299 
THR H2   H  N N 300 
THR HA   H  N N 301 
THR HB   H  N N 302 
THR HG1  H  N N 303 
THR HG21 H  N N 304 
THR HG22 H  N N 305 
THR HG23 H  N N 306 
THR HXT  H  N N 307 
TRP N    N  N N 308 
TRP CA   C  N S 309 
TRP C    C  N N 310 
TRP O    O  N N 311 
TRP CB   C  N N 312 
TRP CG   C  Y N 313 
TRP CD1  C  Y N 314 
TRP CD2  C  Y N 315 
TRP NE1  N  Y N 316 
TRP CE2  C  Y N 317 
TRP CE3  C  Y N 318 
TRP CZ2  C  Y N 319 
TRP CZ3  C  Y N 320 
TRP CH2  C  Y N 321 
TRP OXT  O  N N 322 
TRP H    H  N N 323 
TRP H2   H  N N 324 
TRP HA   H  N N 325 
TRP HB2  H  N N 326 
TRP HB3  H  N N 327 
TRP HD1  H  N N 328 
TRP HE1  H  N N 329 
TRP HE3  H  N N 330 
TRP HZ2  H  N N 331 
TRP HZ3  H  N N 332 
TRP HH2  H  N N 333 
TRP HXT  H  N N 334 
TYR N    N  N N 335 
TYR CA   C  N S 336 
TYR C    C  N N 337 
TYR O    O  N N 338 
TYR CB   C  N N 339 
TYR CG   C  Y N 340 
TYR CD1  C  Y N 341 
TYR CD2  C  Y N 342 
TYR CE1  C  Y N 343 
TYR CE2  C  Y N 344 
TYR CZ   C  Y N 345 
TYR OH   O  N N 346 
TYR OXT  O  N N 347 
TYR H    H  N N 348 
TYR H2   H  N N 349 
TYR HA   H  N N 350 
TYR HB2  H  N N 351 
TYR HB3  H  N N 352 
TYR HD1  H  N N 353 
TYR HD2  H  N N 354 
TYR HE1  H  N N 355 
TYR HE2  H  N N 356 
TYR HH   H  N N 357 
TYR HXT  H  N N 358 
VAL N    N  N N 359 
VAL CA   C  N S 360 
VAL C    C  N N 361 
VAL O    O  N N 362 
VAL CB   C  N N 363 
VAL CG1  C  N N 364 
VAL CG2  C  N N 365 
VAL OXT  O  N N 366 
VAL H    H  N N 367 
VAL H2   H  N N 368 
VAL HA   H  N N 369 
VAL HB   H  N N 370 
VAL HG11 H  N N 371 
VAL HG12 H  N N 372 
VAL HG13 H  N N 373 
VAL HG21 H  N N 374 
VAL HG22 H  N N 375 
VAL HG23 H  N N 376 
VAL HXT  H  N N 377 
# 
loop_
_chem_comp_bond.comp_id 
_chem_comp_bond.atom_id_1 
_chem_comp_bond.atom_id_2 
_chem_comp_bond.value_order 
_chem_comp_bond.pdbx_aromatic_flag 
_chem_comp_bond.pdbx_stereo_config 
_chem_comp_bond.pdbx_ordinal 
ALA N   CA   sing N N 1   
ALA N   H    sing N N 2   
ALA N   H2   sing N N 3   
ALA CA  C    sing N N 4   
ALA CA  CB   sing N N 5   
ALA CA  HA   sing N N 6   
ALA C   O    doub N N 7   
ALA C   OXT  sing N N 8   
ALA CB  HB1  sing N N 9   
ALA CB  HB2  sing N N 10  
ALA CB  HB3  sing N N 11  
ALA OXT HXT  sing N N 12  
ARG N   CA   sing N N 13  
ARG N   H    sing N N 14  
ARG N   H2   sing N N 15  
ARG CA  C    sing N N 16  
ARG CA  CB   sing N N 17  
ARG CA  HA   sing N N 18  
ARG C   O    doub N N 19  
ARG C   OXT  sing N N 20  
ARG CB  CG   sing N N 21  
ARG CB  HB2  sing N N 22  
ARG CB  HB3  sing N N 23  
ARG CG  CD   sing N N 24  
ARG CG  HG2  sing N N 25  
ARG CG  HG3  sing N N 26  
ARG CD  NE   sing N N 27  
ARG CD  HD2  sing N N 28  
ARG CD  HD3  sing N N 29  
ARG NE  CZ   sing N N 30  
ARG NE  HE   sing N N 31  
ARG CZ  NH1  sing N N 32  
ARG CZ  NH2  doub N N 33  
ARG NH1 HH11 sing N N 34  
ARG NH1 HH12 sing N N 35  
ARG NH2 HH21 sing N N 36  
ARG NH2 HH22 sing N N 37  
ARG OXT HXT  sing N N 38  
ASN N   CA   sing N N 39  
ASN N   H    sing N N 40  
ASN N   H2   sing N N 41  
ASN CA  C    sing N N 42  
ASN CA  CB   sing N N 43  
ASN CA  HA   sing N N 44  
ASN C   O    doub N N 45  
ASN C   OXT  sing N N 46  
ASN CB  CG   sing N N 47  
ASN CB  HB2  sing N N 48  
ASN CB  HB3  sing N N 49  
ASN CG  OD1  doub N N 50  
ASN CG  ND2  sing N N 51  
ASN ND2 HD21 sing N N 52  
ASN ND2 HD22 sing N N 53  
ASN OXT HXT  sing N N 54  
ASP N   CA   sing N N 55  
ASP N   H    sing N N 56  
ASP N   H2   sing N N 57  
ASP CA  C    sing N N 58  
ASP CA  CB   sing N N 59  
ASP CA  HA   sing N N 60  
ASP C   O    doub N N 61  
ASP C   OXT  sing N N 62  
ASP CB  CG   sing N N 63  
ASP CB  HB2  sing N N 64  
ASP CB  HB3  sing N N 65  
ASP CG  OD1  doub N N 66  
ASP CG  OD2  sing N N 67  
ASP OD2 HD2  sing N N 68  
ASP OXT HXT  sing N N 69  
GLN N   CA   sing N N 70  
GLN N   H    sing N N 71  
GLN N   H2   sing N N 72  
GLN CA  C    sing N N 73  
GLN CA  CB   sing N N 74  
GLN CA  HA   sing N N 75  
GLN C   O    doub N N 76  
GLN C   OXT  sing N N 77  
GLN CB  CG   sing N N 78  
GLN CB  HB2  sing N N 79  
GLN CB  HB3  sing N N 80  
GLN CG  CD   sing N N 81  
GLN CG  HG2  sing N N 82  
GLN CG  HG3  sing N N 83  
GLN CD  OE1  doub N N 84  
GLN CD  NE2  sing N N 85  
GLN NE2 HE21 sing N N 86  
GLN NE2 HE22 sing N N 87  
GLN OXT HXT  sing N N 88  
GLU N   CA   sing N N 89  
GLU N   H    sing N N 90  
GLU N   H2   sing N N 91  
GLU CA  C    sing N N 92  
GLU CA  CB   sing N N 93  
GLU CA  HA   sing N N 94  
GLU C   O    doub N N 95  
GLU C   OXT  sing N N 96  
GLU CB  CG   sing N N 97  
GLU CB  HB2  sing N N 98  
GLU CB  HB3  sing N N 99  
GLU CG  CD   sing N N 100 
GLU CG  HG2  sing N N 101 
GLU CG  HG3  sing N N 102 
GLU CD  OE1  doub N N 103 
GLU CD  OE2  sing N N 104 
GLU OE2 HE2  sing N N 105 
GLU OXT HXT  sing N N 106 
GLY N   CA   sing N N 107 
GLY N   H    sing N N 108 
GLY N   H2   sing N N 109 
GLY CA  C    sing N N 110 
GLY CA  HA2  sing N N 111 
GLY CA  HA3  sing N N 112 
GLY C   O    doub N N 113 
GLY C   OXT  sing N N 114 
GLY OXT HXT  sing N N 115 
HIS N   CA   sing N N 116 
HIS N   H    sing N N 117 
HIS N   H2   sing N N 118 
HIS CA  C    sing N N 119 
HIS CA  CB   sing N N 120 
HIS CA  HA   sing N N 121 
HIS C   O    doub N N 122 
HIS C   OXT  sing N N 123 
HIS CB  CG   sing N N 124 
HIS CB  HB2  sing N N 125 
HIS CB  HB3  sing N N 126 
HIS CG  ND1  sing Y N 127 
HIS CG  CD2  doub Y N 128 
HIS ND1 CE1  doub Y N 129 
HIS ND1 HD1  sing N N 130 
HIS CD2 NE2  sing Y N 131 
HIS CD2 HD2  sing N N 132 
HIS CE1 NE2  sing Y N 133 
HIS CE1 HE1  sing N N 134 
HIS NE2 HE2  sing N N 135 
HIS OXT HXT  sing N N 136 
HOH O   H1   sing N N 137 
HOH O   H2   sing N N 138 
ILE N   CA   sing N N 139 
ILE N   H    sing N N 140 
ILE N   H2   sing N N 141 
ILE CA  C    sing N N 142 
ILE CA  CB   sing N N 143 
ILE CA  HA   sing N N 144 
ILE C   O    doub N N 145 
ILE C   OXT  sing N N 146 
ILE CB  CG1  sing N N 147 
ILE CB  CG2  sing N N 148 
ILE CB  HB   sing N N 149 
ILE CG1 CD1  sing N N 150 
ILE CG1 HG12 sing N N 151 
ILE CG1 HG13 sing N N 152 
ILE CG2 HG21 sing N N 153 
ILE CG2 HG22 sing N N 154 
ILE CG2 HG23 sing N N 155 
ILE CD1 HD11 sing N N 156 
ILE CD1 HD12 sing N N 157 
ILE CD1 HD13 sing N N 158 
ILE OXT HXT  sing N N 159 
LEU N   CA   sing N N 160 
LEU N   H    sing N N 161 
LEU N   H2   sing N N 162 
LEU CA  C    sing N N 163 
LEU CA  CB   sing N N 164 
LEU CA  HA   sing N N 165 
LEU C   O    doub N N 166 
LEU C   OXT  sing N N 167 
LEU CB  CG   sing N N 168 
LEU CB  HB2  sing N N 169 
LEU CB  HB3  sing N N 170 
LEU CG  CD1  sing N N 171 
LEU CG  CD2  sing N N 172 
LEU CG  HG   sing N N 173 
LEU CD1 HD11 sing N N 174 
LEU CD1 HD12 sing N N 175 
LEU CD1 HD13 sing N N 176 
LEU CD2 HD21 sing N N 177 
LEU CD2 HD22 sing N N 178 
LEU CD2 HD23 sing N N 179 
LEU OXT HXT  sing N N 180 
LYS N   CA   sing N N 181 
LYS N   H    sing N N 182 
LYS N   H2   sing N N 183 
LYS CA  C    sing N N 184 
LYS CA  CB   sing N N 185 
LYS CA  HA   sing N N 186 
LYS C   O    doub N N 187 
LYS C   OXT  sing N N 188 
LYS CB  CG   sing N N 189 
LYS CB  HB2  sing N N 190 
LYS CB  HB3  sing N N 191 
LYS CG  CD   sing N N 192 
LYS CG  HG2  sing N N 193 
LYS CG  HG3  sing N N 194 
LYS CD  CE   sing N N 195 
LYS CD  HD2  sing N N 196 
LYS CD  HD3  sing N N 197 
LYS CE  NZ   sing N N 198 
LYS CE  HE2  sing N N 199 
LYS CE  HE3  sing N N 200 
LYS NZ  HZ1  sing N N 201 
LYS NZ  HZ2  sing N N 202 
LYS NZ  HZ3  sing N N 203 
LYS OXT HXT  sing N N 204 
MET N   CA   sing N N 205 
MET N   H    sing N N 206 
MET N   H2   sing N N 207 
MET CA  C    sing N N 208 
MET CA  CB   sing N N 209 
MET CA  HA   sing N N 210 
MET C   O    doub N N 211 
MET C   OXT  sing N N 212 
MET CB  CG   sing N N 213 
MET CB  HB2  sing N N 214 
MET CB  HB3  sing N N 215 
MET CG  SD   sing N N 216 
MET CG  HG2  sing N N 217 
MET CG  HG3  sing N N 218 
MET SD  CE   sing N N 219 
MET CE  HE1  sing N N 220 
MET CE  HE2  sing N N 221 
MET CE  HE3  sing N N 222 
MET OXT HXT  sing N N 223 
PHE N   CA   sing N N 224 
PHE N   H    sing N N 225 
PHE N   H2   sing N N 226 
PHE CA  C    sing N N 227 
PHE CA  CB   sing N N 228 
PHE CA  HA   sing N N 229 
PHE C   O    doub N N 230 
PHE C   OXT  sing N N 231 
PHE CB  CG   sing N N 232 
PHE CB  HB2  sing N N 233 
PHE CB  HB3  sing N N 234 
PHE CG  CD1  doub Y N 235 
PHE CG  CD2  sing Y N 236 
PHE CD1 CE1  sing Y N 237 
PHE CD1 HD1  sing N N 238 
PHE CD2 CE2  doub Y N 239 
PHE CD2 HD2  sing N N 240 
PHE CE1 CZ   doub Y N 241 
PHE CE1 HE1  sing N N 242 
PHE CE2 CZ   sing Y N 243 
PHE CE2 HE2  sing N N 244 
PHE CZ  HZ   sing N N 245 
PHE OXT HXT  sing N N 246 
PRO N   CA   sing N N 247 
PRO N   CD   sing N N 248 
PRO N   H    sing N N 249 
PRO CA  C    sing N N 250 
PRO CA  CB   sing N N 251 
PRO CA  HA   sing N N 252 
PRO C   O    doub N N 253 
PRO C   OXT  sing N N 254 
PRO CB  CG   sing N N 255 
PRO CB  HB2  sing N N 256 
PRO CB  HB3  sing N N 257 
PRO CG  CD   sing N N 258 
PRO CG  HG2  sing N N 259 
PRO CG  HG3  sing N N 260 
PRO CD  HD2  sing N N 261 
PRO CD  HD3  sing N N 262 
PRO OXT HXT  sing N N 263 
SER N   CA   sing N N 264 
SER N   H    sing N N 265 
SER N   H2   sing N N 266 
SER CA  C    sing N N 267 
SER CA  CB   sing N N 268 
SER CA  HA   sing N N 269 
SER C   O    doub N N 270 
SER C   OXT  sing N N 271 
SER CB  OG   sing N N 272 
SER CB  HB2  sing N N 273 
SER CB  HB3  sing N N 274 
SER OG  HG   sing N N 275 
SER OXT HXT  sing N N 276 
THR N   CA   sing N N 277 
THR N   H    sing N N 278 
THR N   H2   sing N N 279 
THR CA  C    sing N N 280 
THR CA  CB   sing N N 281 
THR CA  HA   sing N N 282 
THR C   O    doub N N 283 
THR C   OXT  sing N N 284 
THR CB  OG1  sing N N 285 
THR CB  CG2  sing N N 286 
THR CB  HB   sing N N 287 
THR OG1 HG1  sing N N 288 
THR CG2 HG21 sing N N 289 
THR CG2 HG22 sing N N 290 
THR CG2 HG23 sing N N 291 
THR OXT HXT  sing N N 292 
TRP N   CA   sing N N 293 
TRP N   H    sing N N 294 
TRP N   H2   sing N N 295 
TRP CA  C    sing N N 296 
TRP CA  CB   sing N N 297 
TRP CA  HA   sing N N 298 
TRP C   O    doub N N 299 
TRP C   OXT  sing N N 300 
TRP CB  CG   sing N N 301 
TRP CB  HB2  sing N N 302 
TRP CB  HB3  sing N N 303 
TRP CG  CD1  doub Y N 304 
TRP CG  CD2  sing Y N 305 
TRP CD1 NE1  sing Y N 306 
TRP CD1 HD1  sing N N 307 
TRP CD2 CE2  doub Y N 308 
TRP CD2 CE3  sing Y N 309 
TRP NE1 CE2  sing Y N 310 
TRP NE1 HE1  sing N N 311 
TRP CE2 CZ2  sing Y N 312 
TRP CE3 CZ3  doub Y N 313 
TRP CE3 HE3  sing N N 314 
TRP CZ2 CH2  doub Y N 315 
TRP CZ2 HZ2  sing N N 316 
TRP CZ3 CH2  sing Y N 317 
TRP CZ3 HZ3  sing N N 318 
TRP CH2 HH2  sing N N 319 
TRP OXT HXT  sing N N 320 
TYR N   CA   sing N N 321 
TYR N   H    sing N N 322 
TYR N   H2   sing N N 323 
TYR CA  C    sing N N 324 
TYR CA  CB   sing N N 325 
TYR CA  HA   sing N N 326 
TYR C   O    doub N N 327 
TYR C   OXT  sing N N 328 
TYR CB  CG   sing N N 329 
TYR CB  HB2  sing N N 330 
TYR CB  HB3  sing N N 331 
TYR CG  CD1  doub Y N 332 
TYR CG  CD2  sing Y N 333 
TYR CD1 CE1  sing Y N 334 
TYR CD1 HD1  sing N N 335 
TYR CD2 CE2  doub Y N 336 
TYR CD2 HD2  sing N N 337 
TYR CE1 CZ   doub Y N 338 
TYR CE1 HE1  sing N N 339 
TYR CE2 CZ   sing Y N 340 
TYR CE2 HE2  sing N N 341 
TYR CZ  OH   sing N N 342 
TYR OH  HH   sing N N 343 
TYR OXT HXT  sing N N 344 
VAL N   CA   sing N N 345 
VAL N   H    sing N N 346 
VAL N   H2   sing N N 347 
VAL CA  C    sing N N 348 
VAL CA  CB   sing N N 349 
VAL CA  HA   sing N N 350 
VAL C   O    doub N N 351 
VAL C   OXT  sing N N 352 
VAL CB  CG1  sing N N 353 
VAL CB  CG2  sing N N 354 
VAL CB  HB   sing N N 355 
VAL CG1 HG11 sing N N 356 
VAL CG1 HG12 sing N N 357 
VAL CG1 HG13 sing N N 358 
VAL CG2 HG21 sing N N 359 
VAL CG2 HG22 sing N N 360 
VAL CG2 HG23 sing N N 361 
VAL OXT HXT  sing N N 362 
# 
loop_
_pdbx_entity_nonpoly.entity_id 
_pdbx_entity_nonpoly.name 
_pdbx_entity_nonpoly.comp_id 
2 'CALCIUM ION' CA  
3 water         HOH 
# 
_pdbx_initial_refinement_model.id               1 
_pdbx_initial_refinement_model.entity_id_list   ? 
_pdbx_initial_refinement_model.type             'experimental model' 
_pdbx_initial_refinement_model.source_name      PDB 
_pdbx_initial_refinement_model.accession_code   1KAW 
_pdbx_initial_refinement_model.details          'pdb entry 1kaw' 
# 
